data_2OCW
#
_entry.id   2OCW
#
_cell.length_a   1
_cell.length_b   1
_cell.length_c   1
_cell.angle_alpha   90
_cell.angle_beta   90
_cell.angle_gamma   90
#
_symmetry.space_group_name_H-M   'P 1'
#
_entity_poly.entity_id   1
_entity_poly.type   'polypeptide(L)'
_entity_poly.pdbx_seq_one_letter_code
;KSPIFGPEEVNSVEGNSVSITCYYPPTSVNRHTRKYWCRQGARGGCITLISSEGYVSSKYAGRANLTNFPENGTFVVNIA
QLSQDDSGRYKCGLGINSRGLSFDVSLEVSQGPGLLNDTKVYTVDLGRTVTINCPFKTENAQKRKSLYKQIGLYPVLVID
SSGYVNPNYTGRIRLDIQGTGQLLFSVVINQLRLSDAGQYLCQAGDDSNSNKKNADLQVLKPEPELVYEDLRGSVTFHCA
LGPEVANVAKFLCRQSSGENCDVVVNTLGKRAPAFEGRILLNPQDKDGSFSVVITGLRKEDAGRYLCGAHSDGQLQEGSP
IQAWQLFVNEESTIPRSPTVVKGVAGSSVAVLCPYNRKESKSIKYWCLWEGAQNGRCPLLVDSEGWVKAQYEGRLSLLEE
PGNGTFTVILNQLTSRDAGFYWCLTNGDTLWRTTVEIKIIEGEPNLKVPGNVTAVLGETLKVPCHFPCKFSSYEKYWCKW
NNTGCQALPSQDEGPSKAFVNCDENSRLVSLTLNLVTRADEGWYWCGVKQGHFYGETAAVYVAVEERKAAGSRDVSLAKA
DAAPDEKVLDSGFREIENKAIQDPR
;
_entity_poly.pdbx_strand_id   A
#
# COMPACT_ATOMS: atom_id res chain seq x y z
CA LYS A 1 24.59 -6.50 -38.86
CA SER A 2 24.77 -2.73 -37.90
CA PRO A 3 27.64 -0.80 -39.86
CA ILE A 4 28.06 1.64 -36.80
CA PHE A 5 30.72 1.04 -34.00
CA GLY A 6 32.08 2.74 -30.78
CA PRO A 7 32.83 2.25 -26.95
CA GLU A 8 30.77 -0.88 -25.75
CA GLU A 9 30.99 0.40 -22.07
CA VAL A 10 32.00 3.99 -20.85
CA ASN A 11 33.10 4.51 -17.12
CA SER A 12 32.87 8.18 -15.77
CA VAL A 13 32.19 10.10 -12.38
CA GLU A 14 29.25 12.40 -11.15
CA GLY A 15 31.29 15.76 -11.53
CA ASN A 16 32.80 15.42 -15.14
CA SER A 17 32.06 15.45 -18.97
CA VAL A 18 32.04 12.38 -21.41
CA SER A 19 32.90 12.26 -25.21
CA ILE A 20 31.35 9.32 -27.29
CA THR A 21 32.78 8.97 -30.90
CA CYS A 22 30.55 6.55 -33.02
CA TYR A 23 32.07 5.41 -36.42
CA TYR A 24 29.85 5.09 -39.60
CA PRO A 25 31.05 3.97 -43.22
CA PRO A 26 32.36 7.19 -45.21
CA THR A 27 29.41 7.74 -47.68
CA SER A 28 27.44 10.80 -49.16
CA VAL A 29 24.11 9.27 -47.68
CA ASN A 30 25.71 8.96 -44.10
CA ARG A 31 27.26 12.54 -44.38
CA HIS A 32 23.67 14.06 -44.94
CA THR A 33 21.48 11.69 -42.62
CA ARG A 34 20.24 12.74 -39.08
CA LYS A 35 22.91 11.82 -36.38
CA TYR A 36 21.00 10.75 -33.12
CA TRP A 37 21.73 10.12 -29.41
CA CYS A 38 18.82 8.08 -27.77
CA ARG A 39 18.39 6.31 -24.29
CA GLN A 40 16.66 2.84 -24.16
CA GLY A 41 13.88 3.18 -21.45
CA ALA A 42 12.86 0.10 -19.28
CA ARG A 43 9.88 -0.59 -21.73
CA GLY A 44 12.24 -1.28 -24.81
CA GLY A 45 12.06 2.06 -26.86
CA CYS A 46 14.98 4.55 -27.38
CA ILE A 47 13.90 8.25 -26.63
CA THR A 48 16.01 10.97 -28.51
CA LEU A 49 18.18 13.23 -26.21
CA ILE A 50 20.40 15.11 -28.87
CA SER A 51 20.10 15.17 -32.74
CA SER A 52 22.13 16.86 -35.63
CA GLU A 53 18.60 18.06 -36.80
CA GLY A 54 18.71 20.80 -33.98
CA TYR A 55 16.57 18.85 -31.36
CA VAL A 56 17.91 19.08 -27.72
CA SER A 57 16.11 17.49 -24.64
CA SER A 58 15.24 19.85 -21.64
CA LYS A 59 17.97 18.20 -19.39
CA TYR A 60 20.69 18.19 -22.21
CA ALA A 61 20.26 22.06 -22.92
CA GLY A 62 23.55 23.97 -22.11
CA ARG A 63 25.44 20.85 -20.79
CA ALA A 64 25.53 18.98 -24.24
CA ASN A 65 25.78 19.02 -28.11
CA LEU A 66 26.68 16.62 -31.07
CA THR A 67 29.49 17.65 -33.58
CA ASN A 68 29.65 15.79 -37.00
CA PHE A 69 33.18 15.14 -38.50
CA PRO A 70 32.58 13.97 -42.28
CA GLU A 71 36.32 13.33 -43.24
CA ASN A 72 36.56 10.45 -40.61
CA GLY A 73 33.18 8.69 -41.10
CA THR A 74 32.25 9.72 -37.44
CA PHE A 75 29.97 11.81 -35.15
CA VAL A 76 31.00 12.76 -31.51
CA VAL A 77 28.18 13.04 -28.83
CA ASN A 78 29.19 15.58 -26.13
CA ILE A 79 27.81 15.44 -22.43
CA ALA A 80 29.03 17.81 -19.60
CA GLN A 81 27.38 17.92 -16.03
CA LEU A 82 27.02 14.09 -15.36
CA SER A 83 25.15 12.94 -12.15
CA GLN A 84 22.96 9.91 -11.08
CA ASP A 85 20.79 9.15 -14.32
CA ASP A 86 23.73 8.97 -16.85
CA SER A 87 23.77 5.15 -16.67
CA GLY A 88 21.34 3.49 -18.87
CA ARG A 89 21.73 1.66 -22.23
CA TYR A 90 22.04 4.32 -25.09
CA LYS A 91 22.02 4.04 -28.98
CA CYS A 92 24.32 6.29 -31.13
CA GLY A 93 22.90 5.87 -34.75
CA LEU A 94 21.86 7.40 -38.13
CA GLY A 95 18.57 8.42 -39.94
CA ILE A 96 15.24 7.28 -38.34
CA ASN A 97 15.33 5.50 -34.84
CA SER A 98 13.20 2.56 -36.34
CA ARG A 99 15.82 1.30 -39.01
CA GLY A 100 18.39 -0.53 -36.62
CA LEU A 101 21.57 1.26 -37.99
CA SER A 102 22.89 2.14 -34.43
CA PHE A 103 25.48 1.02 -31.73
CA ASP A 104 24.47 0.02 -28.10
CA VAL A 105 26.63 1.88 -25.40
CA SER A 106 26.34 1.00 -21.61
CA LEU A 107 27.47 4.11 -19.57
CA GLU A 108 28.42 3.84 -15.83
CA VAL A 109 28.94 7.28 -14.03
CA SER A 110 25.34 5.79 -11.50
CA GLN A 111 21.56 4.83 -11.84
CA GLY A 112 18.29 6.70 -13.09
CA PRO A 113 14.39 6.99 -12.46
CA GLY A 114 11.25 9.45 -11.62
CA LEU A 115 7.66 9.79 -10.44
CA LEU A 116 4.21 8.92 -12.09
CA ASN A 117 2.34 5.93 -10.28
CA ASP A 118 1.55 5.18 -6.48
CA THR A 119 -1.21 3.98 -4.00
CA LYS A 120 -3.81 6.96 -4.27
CA VAL A 121 -4.99 6.18 -0.62
CA TYR A 122 -3.20 4.04 2.11
CA THR A 123 -5.30 3.02 5.28
CA VAL A 124 -3.30 1.95 8.55
CA ASP A 125 -3.30 1.55 12.47
CA LEU A 126 -0.55 2.64 15.15
CA GLY A 127 2.44 0.24 16.09
CA ARG A 128 2.18 -1.11 12.54
CA THR A 129 4.70 0.50 10.08
CA VAL A 130 3.47 1.65 6.54
CA THR A 131 5.48 1.16 3.26
CA ILE A 132 4.43 4.04 0.79
CA ASN A 133 5.65 2.73 -2.67
CA CYS A 134 6.17 5.35 -5.54
CA PRO A 135 7.49 3.73 -8.95
CA PHE A 136 9.55 5.68 -11.54
CA LYS A 137 10.75 6.49 -15.30
CA THR A 138 14.48 6.98 -16.65
CA GLU A 139 15.16 10.92 -16.46
CA ASN A 140 15.21 11.57 -12.53
CA ALA A 141 17.79 10.08 -9.88
CA GLN A 142 19.90 13.35 -9.71
CA LYS A 143 16.38 14.93 -9.19
CA ARG A 144 16.10 14.43 -5.36
CA LYS A 145 13.33 11.92 -4.07
CA SER A 146 10.99 13.82 -1.69
CA LEU A 147 7.97 12.61 0.48
CA TYR A 148 6.19 15.88 1.66
CA LYS A 149 2.93 16.90 3.56
CA GLN A 150 0.47 19.22 1.62
CA ILE A 151 -1.26 22.24 3.49
CA GLY A 152 0.10 25.92 3.48
CA LEU A 153 2.04 28.01 0.85
CA TYR A 154 4.76 25.29 0.16
CA PRO A 155 4.37 21.47 1.06
CA VAL A 156 6.60 20.61 4.13
CA LEU A 157 9.35 18.02 3.17
CA VAL A 158 9.39 15.03 5.69
CA ILE A 159 12.33 12.86 4.16
CA ASP A 160 14.95 13.29 1.25
CA SER A 161 17.44 11.27 -0.98
CA SER A 162 19.93 14.28 -0.62
CA GLY A 163 20.46 13.40 3.19
CA TYR A 164 17.85 15.73 4.89
CA VAL A 165 15.61 14.12 7.61
CA ASN A 166 12.86 16.35 9.31
CA PRO A 167 13.09 16.49 13.30
CA ASN A 168 9.62 14.76 13.58
CA TYR A 169 10.45 11.83 11.21
CA THR A 170 14.18 11.18 12.36
CA GLY A 171 14.30 7.50 13.63
CA ARG A 172 10.62 6.94 12.60
CA ILE A 173 11.43 7.07 8.76
CA ARG A 174 13.72 5.64 6.06
CA LEU A 175 13.72 6.71 2.33
CA ASP A 176 15.59 3.97 0.30
CA ILE A 177 16.23 4.73 -3.48
CA GLN A 178 16.21 1.70 -5.92
CA GLY A 179 17.84 1.80 -9.47
CA THR A 180 16.86 2.10 -13.20
CA GLY A 181 14.77 -1.20 -13.50
CA GLN A 182 13.50 -2.16 -10.05
CA LEU A 183 11.91 1.40 -10.34
CA LEU A 184 10.69 2.05 -6.69
CA PHE A 185 11.40 4.43 -3.67
CA SER A 186 10.39 2.54 -0.45
CA VAL A 187 9.33 5.11 2.25
CA VAL A 188 9.10 2.98 5.52
CA ILE A 189 7.27 5.10 8.25
CA ASN A 190 7.26 3.31 11.72
CA GLN A 191 5.07 4.48 14.75
CA LEU A 192 2.08 6.28 12.96
CA ARG A 193 -0.08 9.06 14.58
CA LEU A 194 -2.81 11.93 13.89
CA SER A 195 -0.23 14.52 12.68
CA ASP A 196 0.25 11.74 9.91
CA ALA A 197 -3.52 11.75 8.75
CA GLY A 198 -3.43 13.97 5.59
CA GLN A 199 -2.44 14.42 1.89
CA TYR A 200 1.26 13.46 1.12
CA LEU A 201 2.77 13.75 -2.47
CA CYS A 202 6.01 11.81 -3.43
CA GLN A 203 8.28 13.55 -6.11
CA ALA A 204 11.55 14.06 -8.19
CA GLY A 205 13.31 17.51 -8.13
CA ASP A 206 12.23 20.71 -6.29
CA ASP A 207 8.74 20.72 -4.49
CA SER A 208 7.29 23.51 -6.85
CA ASN A 209 7.48 21.13 -10.01
CA SER A 210 4.42 18.93 -11.03
CA ASN A 211 6.47 15.57 -11.20
CA LYS A 212 4.49 13.71 -8.38
CA LYS A 213 1.47 11.58 -7.19
CA ASN A 214 -0.93 12.37 -4.22
CA ALA A 215 -1.17 9.62 -1.50
CA ASP A 216 -3.89 10.40 1.17
CA LEU A 217 -2.62 8.50 4.30
CA GLN A 218 -5.87 7.75 6.28
CA VAL A 219 -4.49 7.16 9.87
CA LEU A 220 -4.88 5.20 14.13
CA LYS A 221 -8.53 4.36 15.23
CA PRO A 222 -8.35 0.45 16.09
CA GLU A 223 -10.58 0.18 19.19
CA PRO A 224 -12.24 -2.80 20.61
CA GLU A 225 -13.92 -3.36 17.06
CA LEU A 226 -16.50 -5.77 18.71
CA VAL A 227 -17.09 -6.14 22.61
CA TYR A 228 -19.54 -8.66 24.19
CA GLU A 229 -19.77 -8.98 28.09
CA ASP A 230 -21.70 -10.81 30.89
CA LEU A 231 -24.85 -9.14 32.48
CA ARG A 232 -23.82 -7.42 35.85
CA GLY A 233 -19.97 -7.35 34.93
CA SER A 234 -17.11 -4.78 34.23
CA VAL A 235 -15.94 -3.97 30.58
CA THR A 236 -13.11 -1.64 29.13
CA PHE A 237 -12.52 0.16 25.72
CA HIS A 238 -8.73 0.68 24.93
CA CYS A 239 -9.19 3.43 22.19
CA ALA A 240 -5.64 4.34 20.80
CA LEU A 241 -4.68 7.86 19.27
CA GLY A 242 -1.81 10.57 18.61
CA PRO A 243 -0.22 14.22 19.08
CA GLU A 244 -3.25 16.36 18.09
CA VAL A 245 -5.29 13.79 20.28
CA ALA A 246 -2.87 14.18 23.36
CA ASN A 247 -4.40 17.76 23.91
CA VAL A 248 -7.86 17.34 22.01
CA ALA A 249 -11.31 16.16 23.42
CA LYS A 250 -11.52 12.25 23.81
CA PHE A 251 -15.12 10.66 23.91
CA LEU A 252 -17.33 7.49 24.06
CA CYS A 253 -20.80 7.99 22.32
CA ARG A 254 -23.82 5.65 21.46
CA GLN A 255 -24.90 5.55 17.71
CA SER A 256 -28.66 6.48 17.34
CA SER A 257 -30.98 6.61 14.21
CA GLY A 258 -29.69 9.27 11.68
CA GLU A 259 -26.17 10.94 11.62
CA ASN A 260 -26.17 11.49 15.50
CA CYS A 261 -23.87 9.81 18.15
CA ASP A 262 -25.13 10.84 21.71
CA VAL A 263 -22.08 11.34 24.08
CA VAL A 264 -22.12 8.97 27.18
CA VAL A 265 -18.80 10.38 28.76
CA ASN A 266 -16.10 13.00 27.80
CA THR A 267 -12.48 13.95 28.77
CA LEU A 268 -13.99 17.59 29.12
CA GLY A 269 -15.79 16.79 32.51
CA LYS A 270 -19.35 15.92 31.15
CA ARG A 271 -20.77 12.47 32.25
CA ALA A 272 -24.38 11.53 31.11
CA PRO A 273 -27.12 10.74 33.93
CA ALA A 274 -27.69 7.01 32.84
CA PHE A 275 -23.80 6.49 33.10
CA GLU A 276 -23.04 8.78 36.25
CA GLY A 277 -21.15 6.53 38.80
CA ARG A 278 -21.26 3.57 36.31
CA ILE A 279 -18.47 5.02 33.89
CA LEU A 280 -14.82 6.37 34.12
CA LEU A 281 -12.95 7.67 30.93
CA ASN A 282 -9.19 8.07 31.86
CA PRO A 283 -6.75 9.47 29.04
CA GLN A 284 -3.02 8.37 29.00
CA ASP A 285 -0.96 10.55 26.50
CA LYS A 286 2.32 8.39 26.74
CA ASP A 287 1.09 4.96 25.36
CA GLY A 288 -1.41 6.85 23.01
CA SER A 289 -4.67 5.44 24.69
CA PHE A 290 -7.91 6.29 26.67
CA SER A 291 -9.49 3.37 28.74
CA VAL A 292 -13.36 3.68 29.10
CA VAL A 293 -14.46 1.37 32.07
CA ILE A 294 -18.33 0.64 32.34
CA THR A 295 -19.50 -1.43 35.47
CA GLY A 296 -23.01 -3.03 36.27
CA LEU A 297 -23.92 -4.11 32.74
CA ARG A 298 -27.36 -4.48 31.00
CA LYS A 299 -29.26 -5.56 27.76
CA GLU A 300 -29.73 -1.72 27.08
CA ASP A 301 -25.86 -1.43 26.47
CA ALA A 302 -26.31 -3.79 23.35
CA GLY A 303 -25.82 -1.59 20.18
CA ARG A 304 -23.21 0.24 17.98
CA TYR A 305 -20.97 2.99 19.54
CA LEU A 306 -18.10 5.40 18.39
CA CYS A 307 -14.89 6.24 20.47
CA GLY A 308 -12.77 9.11 18.95
CA ALA A 309 -11.33 12.66 19.03
CA HIS A 310 -12.68 16.24 18.27
CA SER A 311 -16.56 16.62 17.75
CA ASP A 312 -19.14 13.78 17.19
CA GLY A 313 -19.80 14.10 13.36
CA GLN A 314 -16.08 14.88 12.44
CA LEU A 315 -15.65 11.02 11.75
CA GLN A 316 -12.13 10.74 13.46
CA GLU A 317 -13.61 7.60 15.12
CA GLY A 318 -13.57 3.72 15.03
CA SER A 319 -16.79 1.61 15.62
CA PRO A 320 -17.19 -0.73 18.77
CA ILE A 321 -20.33 -3.00 18.24
CA GLN A 322 -21.00 -3.61 22.00
CA ALA A 323 -23.47 -6.48 23.20
CA TRP A 324 -24.88 -8.43 26.27
CA GLN A 325 -28.31 -9.72 23.45
CA LEU A 326 -27.93 -12.73 24.30
CA PHE A 327 -24.10 -13.52 23.96
CA VAL A 328 -21.66 -13.45 27.03
CA ASN A 329 -17.81 -12.60 27.17
CA GLU A 330 -15.05 -11.18 29.63
CA GLU A 331 -13.31 -7.99 28.85
CA SER A 332 -11.08 -6.40 25.94
CA THR A 333 -10.97 -9.46 23.46
CA ILE A 334 -10.05 -7.97 19.97
CA PRO A 335 -7.89 -9.29 16.99
CA ARG A 336 -5.32 -6.42 16.54
CA SER A 337 -3.65 -8.50 13.68
CA PRO A 338 -1.85 -7.25 10.48
CA THR A 339 -4.43 -5.52 8.16
CA VAL A 340 -2.16 -6.51 5.09
CA VAL A 341 0.47 -9.44 4.82
CA LYS A 342 2.43 -9.35 1.48
CA GLY A 343 4.09 -12.22 -0.48
CA VAL A 344 4.90 -14.43 -3.37
CA ALA A 345 5.79 -18.15 -4.54
CA GLY A 346 8.15 -19.58 -1.73
CA SER A 347 7.08 -19.30 2.08
CA SER A 348 4.82 -19.81 5.10
CA VAL A 349 3.35 -16.78 6.94
CA ALA A 350 2.71 -16.53 10.74
CA VAL A 351 -0.44 -14.26 11.41
CA LEU A 352 -0.95 -13.16 15.13
CA CYS A 353 -4.61 -12.34 16.32
CA PRO A 354 -5.07 -10.87 20.00
CA TYR A 355 -7.78 -11.80 22.66
CA ASN A 356 -8.79 -12.45 26.43
CA ARG A 357 -10.10 -14.25 29.34
CA LYS A 358 -13.52 -15.79 27.86
CA GLU A 359 -12.34 -16.19 24.16
CA SER A 360 -9.44 -18.34 25.72
CA LYS A 361 -12.27 -20.99 26.38
CA SER A 362 -14.26 -20.36 23.03
CA ILE A 363 -13.25 -21.58 19.50
CA LYS A 364 -10.42 -20.01 17.24
CA TYR A 365 -10.37 -20.27 13.37
CA TRP A 366 -8.81 -19.02 10.09
CA CYS A 367 -11.16 -18.46 7.04
CA LEU A 368 -11.14 -17.44 3.33
CA TRP A 369 -13.93 -14.83 2.40
CA GLU A 370 -16.39 -15.99 -0.40
CA GLY A 371 -17.58 -13.33 -3.01
CA ALA A 372 -21.47 -13.43 -2.95
CA GLN A 373 -24.72 -11.69 -1.64
CA ASN A 374 -24.90 -14.31 1.23
CA GLY A 375 -21.25 -15.61 1.31
CA ARG A 376 -20.17 -17.78 4.29
CA CYS A 377 -16.36 -17.62 4.95
CA PRO A 378 -15.33 -21.45 4.48
CA LEU A 379 -14.08 -23.14 7.78
CA LEU A 380 -10.36 -23.63 7.05
CA VAL A 381 -8.57 -24.47 10.43
CA ASP A 382 -10.25 -24.84 13.90
CA SER A 383 -8.94 -25.32 17.55
CA GLU A 384 -11.12 -28.59 17.82
CA GLY A 385 -8.78 -30.52 15.35
CA TRP A 386 -10.49 -29.49 11.98
CA VAL A 387 -7.93 -28.85 9.12
CA LYS A 388 -9.34 -28.48 5.50
CA ALA A 389 -8.21 -30.96 2.68
CA GLN A 390 -6.05 -28.35 0.71
CA TYR A 391 -4.44 -27.07 4.10
CA GLU A 392 -3.81 -30.61 5.76
CA GLY A 393 -0.10 -31.15 6.73
CA ARG A 394 0.37 -27.59 5.35
CA LEU A 395 -1.07 -25.68 8.44
CA SER A 396 -0.67 -25.48 12.31
CA LEU A 397 -3.07 -23.31 14.47
CA LEU A 398 -1.50 -22.65 17.99
CA GLU A 399 -3.37 -20.95 20.96
CA GLU A 400 -1.45 -19.36 23.93
CA PRO A 401 -4.20 -17.97 26.46
CA GLY A 402 -1.58 -16.36 28.88
CA ASN A 403 -0.43 -14.10 25.96
CA GLY A 404 -4.12 -13.83 24.67
CA THR A 405 -3.05 -14.57 20.97
CA PHE A 406 -3.36 -17.30 18.21
CA THR A 407 -0.65 -18.00 15.45
CA VAL A 408 -1.85 -19.50 12.03
CA ILE A 409 1.27 -20.92 10.12
CA LEU A 410 0.77 -21.57 6.22
CA ASN A 411 3.20 -23.98 4.44
CA GLN A 412 2.89 -23.55 0.49
CA LEU A 413 1.67 -19.93 -0.27
CA THR A 414 0.91 -20.33 -4.07
CA SER A 415 -1.20 -18.58 -6.91
CA ARG A 416 -4.50 -19.67 -5.09
CA ASP A 417 -3.78 -17.93 -1.61
CA ALA A 418 -4.16 -14.15 -2.71
CA GLY A 419 -7.42 -12.92 -1.07
CA PHE A 420 -9.43 -11.81 2.01
CA TYR A 421 -8.95 -13.86 5.25
CA TRP A 422 -10.96 -13.86 8.57
CA CYS A 423 -9.17 -14.63 11.95
CA LEU A 424 -12.35 -15.03 14.16
CA THR A 425 -13.15 -16.55 17.63
CA ASN A 426 -16.52 -18.51 17.87
CA GLY A 427 -19.10 -19.21 15.01
CA ASP A 428 -18.61 -18.00 11.35
CA THR A 429 -21.90 -15.94 11.00
CA LEU A 430 -21.29 -13.76 14.24
CA TRP A 431 -18.52 -11.36 12.75
CA ARG A 432 -15.81 -11.57 15.64
CA THR A 433 -13.02 -10.99 12.96
CA THR A 434 -10.40 -8.63 11.69
CA VAL A 435 -10.36 -8.68 7.78
CA GLU A 436 -6.68 -9.54 6.83
CA ILE A 437 -5.95 -9.05 3.08
CA LYS A 438 -3.13 -11.64 2.40
CA ILE A 439 -1.48 -10.81 -1.02
CA ILE A 440 0.70 -13.58 -2.63
CA GLU A 441 5.35 -10.55 -6.81
CA GLY A 442 8.10 -13.32 -7.36
CA GLU A 443 10.59 -12.84 -4.47
CA PRO A 444 10.14 -12.58 -1.37
CA ASN A 445 7.84 -14.78 0.70
CA LEU A 446 10.06 -15.49 3.65
CA LYS A 447 8.20 -14.14 6.80
CA VAL A 448 10.30 -13.34 9.94
CA PRO A 449 10.36 -10.42 12.50
CA GLY A 450 12.12 -8.40 9.67
CA ASN A 451 13.97 -6.54 12.50
CA VAL A 452 15.48 -7.60 15.97
CA THR A 453 17.29 -5.85 18.96
CA ALA A 454 19.73 -7.94 21.28
CA VAL A 455 22.57 -6.54 23.63
CA LEU A 456 26.37 -7.55 23.46
CA GLY A 457 26.62 -10.88 25.48
CA GLU A 458 23.07 -12.45 25.02
CA THR A 459 21.35 -15.32 23.15
CA LEU A 460 18.92 -14.39 20.24
CA LYS A 461 16.22 -16.64 18.50
CA VAL A 462 14.28 -15.82 15.17
CA PRO A 463 11.12 -17.68 13.63
CA CYS A 464 11.41 -17.90 9.76
CA HIS A 465 8.50 -19.60 7.76
CA PHE A 466 8.57 -21.94 4.47
CA PRO A 467 6.57 -24.64 2.18
CA CYS A 468 5.66 -28.48 2.05
CA LYS A 469 8.06 -28.89 -1.01
CA PHE A 470 10.80 -26.68 0.71
CA SER A 471 10.59 -28.83 3.95
CA SER A 472 12.94 -31.03 1.72
CA TYR A 473 15.10 -28.06 0.25
CA GLU A 474 18.35 -26.58 1.83
CA LYS A 475 17.75 -23.95 4.63
CA TYR A 476 20.16 -20.94 5.41
CA TRP A 477 21.07 -18.09 7.83
CA CYS A 478 22.92 -15.44 5.63
CA LYS A 479 25.39 -12.47 6.51
CA TRP A 480 25.61 -9.09 4.55
CA ASN A 481 28.96 -7.64 3.22
CA ASN A 482 30.30 -10.79 1.36
CA THR A 483 30.21 -12.62 -2.13
CA GLY A 484 26.36 -12.40 -2.59
CA CYS A 485 25.26 -13.59 0.92
CA GLN A 486 27.56 -15.48 3.46
CA ALA A 487 26.51 -19.10 4.45
CA LEU A 488 26.43 -19.33 8.36
CA PRO A 489 24.15 -22.25 9.89
CA SER A 490 22.28 -24.11 7.00
CA GLN A 491 20.41 -27.39 7.75
CA ASP A 492 23.82 -28.01 9.59
CA GLU A 493 24.91 -26.51 13.02
CA GLY A 494 27.85 -24.11 13.89
CA PRO A 495 28.14 -21.41 16.75
CA SER A 496 24.42 -22.25 17.69
CA LYS A 497 21.29 -24.05 16.18
CA ALA A 498 19.17 -23.71 12.95
CA PHE A 499 16.09 -25.92 13.95
CA VAL A 500 13.58 -27.10 11.21
CA ASN A 501 9.99 -28.15 12.12
CA CYS A 502 9.33 -30.07 8.76
CA ASP A 503 5.69 -30.29 7.25
CA GLU A 504 3.34 -30.57 10.41
CA ASN A 505 4.44 -27.07 11.61
CA SER A 506 6.82 -24.93 9.36
CA ARG A 507 9.19 -22.75 11.53
CA LEU A 508 12.98 -22.14 11.18
CA VAL A 509 14.27 -20.97 14.62
CA SER A 510 17.86 -19.77 13.75
CA LEU A 511 19.37 -19.44 17.30
CA THR A 512 22.64 -17.39 17.78
CA LEU A 513 24.67 -17.70 21.11
CA ASN A 514 27.14 -15.00 22.51
CA LEU A 515 26.40 -11.76 20.46
CA VAL A 516 29.50 -10.01 22.14
CA THR A 517 31.18 -9.45 18.65
CA ARG A 518 30.78 -6.16 16.63
CA ALA A 519 30.32 -8.55 13.52
CA ASP A 520 26.73 -9.81 14.63
CA GLU A 521 24.89 -6.47 13.66
CA GLY A 522 23.71 -5.61 10.13
CA TRP A 523 21.43 -6.99 7.33
CA TYR A 524 20.82 -10.84 7.26
CA TRP A 525 18.76 -13.24 5.00
CA CYS A 526 16.68 -16.20 6.28
CA GLY A 527 16.04 -18.39 3.12
CA VAL A 528 15.48 -21.64 1.17
CA LYS A 529 17.41 -23.45 -1.72
CA GLN A 530 20.71 -21.52 -2.59
CA GLY A 531 21.51 -17.79 -1.64
CA HIS A 532 21.65 -16.94 -5.43
CA PHE A 533 17.88 -17.95 -6.05
CA TYR A 534 16.58 -14.92 -3.94
CA GLY A 535 13.81 -16.96 -2.18
CA GLU A 536 15.01 -15.07 0.97
CA THR A 537 13.76 -12.18 3.26
CA ALA A 538 15.85 -9.16 4.41
CA ALA A 539 15.93 -9.00 8.28
CA VAL A 540 17.82 -6.12 10.10
CA TYR A 541 19.96 -7.35 13.12
CA VAL A 542 20.67 -4.58 15.63
CA ALA A 543 23.39 -5.82 18.02
CA VAL A 544 22.00 -1.86 20.45
CA GLU A 545 23.11 0.15 18.22
CA GLU A 546 27.00 -0.43 18.19
CA ARG A 547 27.64 3.45 18.64
CA LYS A 548 30.52 3.23 21.29
CA ALA A 549 33.78 5.28 20.57
CA ALA A 550 36.42 4.80 23.41
CA GLY A 551 39.55 6.87 22.35
CA SER A 552 42.19 8.19 21.55
CA ARG A 553 44.54 10.24 23.93
CA ASP A 554 48.38 10.04 23.22
CA VAL A 555 50.78 9.50 26.26
CA SER A 556 54.14 11.45 26.04
CA LEU A 557 56.32 11.38 22.80
CA ALA A 558 57.23 15.02 21.72
CA LYS A 559 60.98 15.98 20.89
CA ALA A 560 62.23 14.91 17.34
CA ASP A 561 65.29 17.08 16.27
CA ALA A 562 68.18 16.02 13.85
CA ALA A 563 71.51 17.97 13.23
CA PRO A 564 72.84 16.97 9.62
CA ASP A 565 76.34 18.71 9.23
CA GLU A 566 78.86 15.75 9.75
CA LYS A 567 80.81 15.07 6.37
CA VAL A 568 82.23 17.14 3.39
CA LEU A 569 83.94 15.56 0.26
CA ASP A 570 84.75 17.73 -2.91
CA SER A 571 86.70 17.16 -6.22
CA GLY A 572 84.65 18.45 -9.27
CA PHE A 573 85.55 20.79 -12.22
CA ARG A 574 83.11 22.33 -14.84
CA GLU A 575 84.58 24.26 -17.94
CA ILE A 576 83.41 26.35 -21.04
CA GLU A 577 82.91 25.73 -24.85
CA ASN A 578 83.64 28.53 -27.51
CA LYS A 579 86.09 27.72 -30.46
CA ALA A 580 87.15 29.76 -33.65
CA ILE A 581 86.52 28.47 -37.27
CA GLN A 582 88.26 30.40 -40.22
CA ASP A 583 85.01 30.14 -42.34
CA PRO A 584 82.93 31.55 -44.22
CA ARG A 585 84.64 32.25 -47.66
CA LYS A 1 24.84 -6.27 -39.06
CA SER A 2 24.87 -2.69 -37.94
CA PRO A 3 27.37 -0.57 -39.69
CA ILE A 4 27.98 1.70 -36.76
CA PHE A 5 30.50 1.20 -34.00
CA GLY A 6 31.55 2.99 -30.83
CA PRO A 7 32.34 2.46 -27.19
CA GLU A 8 30.57 -0.58 -25.84
CA GLU A 9 30.81 0.80 -22.36
CA VAL A 10 31.76 4.14 -20.92
CA ASN A 11 32.53 4.84 -17.28
CA SER A 12 32.73 8.24 -15.67
CA VAL A 13 32.14 10.18 -12.45
CA GLU A 14 29.28 12.41 -11.32
CA GLY A 15 31.06 15.65 -11.91
CA ASN A 16 32.63 14.97 -15.22
CA SER A 17 31.93 14.99 -18.89
CA VAL A 18 32.20 12.17 -21.35
CA SER A 19 32.85 12.21 -25.03
CA ILE A 20 31.37 9.40 -27.01
CA THR A 21 32.55 8.84 -30.55
CA CYS A 22 30.62 6.64 -32.97
CA TYR A 23 31.79 5.58 -36.36
CA TYR A 24 29.74 5.15 -39.51
CA PRO A 25 30.79 4.35 -43.04
CA PRO A 26 32.04 7.29 -44.96
CA THR A 27 29.19 7.74 -47.36
CA SER A 28 27.54 10.76 -48.78
CA VAL A 29 24.32 9.26 -47.52
CA ASN A 30 25.66 8.97 -44.02
CA ARG A 31 27.38 12.29 -44.21
CA HIS A 32 23.97 13.89 -44.68
CA THR A 33 21.78 11.64 -42.53
CA ARG A 34 20.46 12.61 -39.13
CA LYS A 35 22.76 11.49 -36.33
CA TYR A 36 21.21 10.70 -32.99
CA TRP A 37 21.88 9.81 -29.37
CA CYS A 38 19.02 8.22 -27.47
CA ARG A 39 18.44 6.42 -24.22
CA GLN A 40 16.84 3.01 -23.96
CA GLY A 41 13.91 2.96 -21.64
CA ALA A 42 13.08 0.00 -19.47
CA ARG A 43 10.02 -0.28 -21.66
CA GLY A 44 12.13 -0.93 -24.72
CA GLY A 45 12.10 2.32 -26.69
CA CYS A 46 14.88 4.80 -27.24
CA ILE A 47 14.17 8.43 -26.67
CA THR A 48 16.25 10.93 -28.56
CA LEU A 49 18.34 13.07 -26.23
CA ILE A 50 20.22 14.97 -28.94
CA SER A 51 20.25 14.95 -32.74
CA SER A 52 22.20 16.60 -35.53
CA GLU A 53 18.78 17.85 -36.52
CA GLY A 54 19.06 20.46 -33.81
CA TYR A 55 16.69 18.82 -31.35
CA VAL A 56 18.07 18.84 -27.83
CA SER A 57 16.55 17.23 -24.77
CA SER A 58 15.59 19.59 -22.03
CA LYS A 59 17.85 17.69 -19.67
CA TYR A 60 20.69 18.01 -22.18
CA ALA A 61 20.31 21.73 -22.86
CA GLY A 62 23.53 23.64 -22.34
CA ARG A 63 25.40 20.60 -21.06
CA ALA A 64 25.86 18.65 -24.29
CA ASN A 65 26.42 19.03 -28.02
CA LEU A 66 26.62 16.72 -30.99
CA THR A 67 29.15 17.30 -33.74
CA ASN A 68 29.50 15.64 -37.14
CA PHE A 69 32.92 14.97 -38.60
CA PRO A 70 32.40 13.79 -42.11
CA GLU A 71 36.09 13.39 -42.75
CA ASN A 72 36.42 10.90 -39.92
CA GLY A 73 33.11 9.27 -40.63
CA THR A 74 32.23 9.88 -37.04
CA PHE A 75 30.27 12.17 -34.76
CA VAL A 76 30.86 13.01 -31.13
CA VAL A 77 28.43 13.49 -28.31
CA ASN A 78 29.76 15.53 -25.44
CA ILE A 79 27.97 15.27 -22.16
CA ALA A 80 28.86 17.46 -19.23
CA GLN A 81 27.60 17.66 -15.69
CA LEU A 82 27.05 13.92 -15.64
CA SER A 83 24.85 12.76 -12.79
CA GLN A 84 24.09 9.36 -11.35
CA ASP A 85 20.83 9.40 -13.25
CA ASP A 86 22.84 9.44 -16.46
CA SER A 87 23.85 5.85 -15.88
CA GLY A 88 21.97 3.67 -18.31
CA ARG A 89 21.90 2.29 -21.83
CA TYR A 90 21.98 4.51 -24.87
CA LYS A 91 22.37 4.19 -28.61
CA CYS A 92 24.07 6.28 -31.24
CA GLY A 93 22.86 5.85 -34.78
CA LEU A 94 21.95 7.33 -38.13
CA GLY A 95 18.70 7.94 -39.91
CA ILE A 96 15.36 7.14 -38.40
CA ASN A 97 15.52 5.55 -34.99
CA SER A 98 13.49 2.78 -36.61
CA ARG A 99 16.17 1.40 -39.02
CA GLY A 100 18.42 -0.23 -36.46
CA LEU A 101 21.53 1.35 -37.81
CA SER A 102 22.93 2.15 -34.42
CA PHE A 103 25.35 1.14 -31.70
CA ASP A 104 24.54 0.28 -28.09
CA VAL A 105 26.49 2.16 -25.48
CA SER A 106 26.32 1.56 -21.79
CA LEU A 107 27.19 4.46 -19.57
CA GLU A 108 27.85 4.07 -15.90
CA VAL A 109 28.25 7.24 -13.90
CA SER A 110 25.03 6.93 -11.84
CA GLN A 111 21.22 5.78 -11.87
CA GLY A 112 17.47 6.73 -12.49
CA PRO A 113 13.64 6.12 -11.79
CA GLY A 114 10.06 8.23 -11.65
CA LEU A 115 7.29 8.65 -9.06
CA LEU A 116 4.31 8.85 -11.63
CA ASN A 117 2.40 6.10 -9.95
CA ASP A 118 1.81 5.49 -6.27
CA THR A 119 -0.98 4.32 -4.02
CA LYS A 120 -3.69 6.91 -4.15
CA VAL A 121 -4.70 6.16 -0.63
CA TYR A 122 -3.06 4.20 2.11
CA THR A 123 -4.82 3.18 5.28
CA VAL A 124 -3.18 1.99 8.45
CA ASP A 125 -3.90 1.47 12.13
CA LEU A 126 -2.15 3.71 14.57
CA GLY A 127 0.63 1.54 15.95
CA ARG A 128 1.53 -0.04 12.63
CA THR A 129 4.28 0.85 10.21
CA VAL A 130 3.56 1.65 6.62
CA THR A 131 5.52 1.57 3.40
CA ILE A 132 4.81 3.72 0.40
CA ASN A 133 6.30 2.88 -2.96
CA CYS A 134 6.42 5.25 -5.90
CA PRO A 135 7.72 4.28 -9.29
CA PHE A 136 9.70 6.64 -11.55
CA LYS A 137 11.71 6.84 -14.81
CA THR A 138 15.40 6.95 -15.83
CA GLU A 139 16.07 10.69 -15.77
CA ASN A 140 14.13 10.40 -12.62
CA ALA A 141 16.57 7.80 -11.38
CA GLN A 142 19.20 10.45 -10.88
CA LYS A 143 17.01 13.21 -9.51
CA ARG A 144 16.17 13.93 -5.89
CA LYS A 145 13.29 11.97 -4.43
CA SER A 146 11.08 13.44 -1.76
CA LEU A 147 8.07 12.83 0.44
CA TYR A 148 6.21 15.88 1.63
CA LYS A 149 3.02 16.87 3.41
CA GLN A 150 0.55 19.05 1.60
CA ILE A 151 -1.06 22.14 3.12
CA GLY A 152 0.26 25.62 3.49
CA LEU A 153 2.17 27.53 0.90
CA TYR A 154 4.62 24.76 0.34
CA PRO A 155 4.34 21.08 0.82
CA VAL A 156 6.74 20.39 3.66
CA LEU A 157 9.45 17.90 2.87
CA VAL A 158 9.46 15.23 5.55
CA ILE A 159 12.27 13.16 4.06
CA ASP A 160 14.44 13.48 0.97
CA SER A 161 16.96 11.37 -0.93
CA SER A 162 19.28 14.34 -0.50
CA GLY A 163 20.11 13.32 3.03
CA TYR A 164 17.51 15.54 4.63
CA VAL A 165 15.33 14.12 7.36
CA ASN A 166 12.71 16.11 9.26
CA PRO A 167 12.91 16.03 12.99
CA ASN A 168 9.45 14.60 13.24
CA TYR A 169 10.51 11.78 10.94
CA THR A 170 14.07 11.35 12.19
CA GLY A 171 14.42 7.74 13.29
CA ARG A 172 10.74 7.15 12.55
CA ILE A 173 11.04 6.85 8.80
CA ARG A 174 13.37 5.96 5.96
CA LEU A 175 13.38 6.69 2.24
CA ASP A 176 15.20 4.27 -0.02
CA ILE A 177 15.96 4.74 -3.67
CA GLN A 178 15.92 1.89 -6.12
CA GLY A 179 17.84 2.36 -9.30
CA THR A 180 16.31 3.13 -12.63
CA GLY A 181 15.66 -0.50 -13.32
CA GLN A 182 13.67 -0.84 -10.15
CA LEU A 183 12.43 2.71 -10.77
CA LEU A 184 11.10 2.80 -7.27
CA PHE A 185 11.77 4.51 -4.01
CA SER A 186 10.23 3.47 -0.77
CA VAL A 187 9.21 5.51 2.21
CA VAL A 188 8.92 3.50 5.38
CA ILE A 189 7.08 5.15 8.24
CA ASN A 190 6.71 3.58 11.63
CA GLN A 191 4.80 4.29 14.80
CA LEU A 192 2.00 5.96 12.92
CA ARG A 193 0.08 8.43 15.03
CA LEU A 194 -3.17 10.29 14.59
CA SER A 195 -1.19 13.29 13.41
CA ASP A 196 0.01 11.23 10.46
CA ALA A 197 -3.31 11.18 8.66
CA GLY A 198 -3.28 13.71 5.88
CA GLN A 199 -2.29 14.29 2.28
CA TYR A 200 1.26 13.83 1.10
CA LEU A 201 3.06 13.60 -2.19
CA CYS A 202 6.03 11.63 -3.41
CA GLN A 203 7.97 13.15 -6.22
CA ALA A 204 11.23 13.83 -7.95
CA GLY A 205 13.19 17.03 -8.27
CA ASP A 206 11.99 20.12 -6.48
CA ASP A 207 8.65 20.18 -4.73
CA SER A 208 7.37 23.12 -6.73
CA ASN A 209 7.55 21.09 -9.85
CA SER A 210 4.47 19.01 -10.42
CA ASN A 211 6.41 15.84 -10.89
CA LYS A 212 4.81 13.90 -8.10
CA LYS A 213 1.79 11.92 -7.10
CA ASN A 214 -0.61 12.70 -4.32
CA ALA A 215 -1.11 10.10 -1.66
CA ASP A 216 -3.71 10.22 1.05
CA LEU A 217 -2.72 8.58 4.28
CA GLN A 218 -5.46 7.59 6.62
CA VAL A 219 -4.46 6.57 10.10
CA LEU A 220 -4.31 5.87 13.79
CA LYS A 221 -7.91 5.07 15.58
CA PRO A 222 -7.49 1.49 16.64
CA GLU A 223 -10.00 -0.07 18.98
CA PRO A 224 -11.66 -3.32 19.73
CA GLU A 225 -13.84 -4.12 16.79
CA LEU A 226 -16.14 -6.18 18.90
CA VAL A 227 -16.49 -6.49 22.62
CA TYR A 228 -18.64 -9.14 24.21
CA GLU A 229 -19.37 -9.53 27.87
CA ASP A 230 -21.90 -10.98 30.24
CA LEU A 231 -24.55 -9.09 32.13
CA ARG A 232 -23.53 -7.51 35.40
CA GLY A 233 -19.95 -7.65 34.27
CA SER A 234 -17.62 -4.72 33.98
CA VAL A 235 -15.97 -3.95 30.69
CA THR A 236 -13.23 -1.69 29.52
CA PHE A 237 -12.61 -0.41 26.04
CA HIS A 238 -9.21 0.76 24.96
CA CYS A 239 -8.85 3.13 22.04
CA ALA A 240 -5.57 4.35 20.51
CA LEU A 241 -4.63 7.61 18.77
CA GLY A 242 -1.87 10.03 17.49
CA PRO A 243 -0.33 13.36 18.41
CA GLU A 244 -2.94 15.98 17.67
CA VAL A 245 -5.06 13.52 19.47
CA ALA A 246 -3.16 13.65 22.73
CA ASN A 247 -4.60 17.04 23.68
CA VAL A 248 -7.88 16.69 21.80
CA ALA A 249 -11.09 15.82 23.63
CA LYS A 250 -11.84 12.12 23.85
CA PHE A 251 -15.34 10.84 23.75
CA LEU A 252 -17.38 7.69 23.85
CA CYS A 253 -20.75 7.83 22.20
CA ARG A 254 -23.60 5.52 21.38
CA GLN A 255 -24.68 5.39 17.79
CA SER A 256 -28.27 6.27 17.22
CA SER A 257 -30.59 6.49 14.29
CA GLY A 258 -29.71 9.34 12.01
CA GLU A 259 -26.26 10.76 11.87
CA ASN A 260 -25.94 11.55 15.53
CA CYS A 261 -24.05 9.82 18.26
CA ASP A 262 -24.81 10.86 21.79
CA VAL A 263 -21.81 11.29 23.96
CA VAL A 264 -22.02 9.04 26.96
CA VAL A 265 -18.87 10.46 28.51
CA ASN A 266 -16.02 12.76 27.54
CA THR A 267 -12.55 13.76 28.63
CA LEU A 268 -14.09 17.23 28.80
CA GLY A 269 -15.68 16.49 32.11
CA LYS A 270 -19.16 15.77 30.93
CA ARG A 271 -20.69 12.57 32.22
CA ALA A 272 -24.14 11.45 31.13
CA PRO A 273 -26.51 10.57 33.86
CA ALA A 274 -27.01 7.06 32.56
CA PHE A 275 -23.27 6.65 32.85
CA GLU A 276 -22.73 8.74 35.97
CA GLY A 277 -21.03 6.67 38.62
CA ARG A 278 -21.33 3.66 36.34
CA ILE A 279 -18.49 4.53 34.00
CA LEU A 280 -15.12 6.25 33.82
CA LEU A 281 -13.05 7.47 30.90
CA ASN A 282 -9.39 8.09 31.45
CA PRO A 283 -6.81 9.21 29.01
CA GLN A 284 -3.17 8.28 28.95
CA ASP A 285 -1.25 10.51 26.60
CA LYS A 286 1.99 8.62 26.83
CA ASP A 287 0.56 5.30 25.79
CA GLY A 288 -1.71 7.03 23.32
CA SER A 289 -4.79 5.41 24.66
CA PHE A 290 -7.82 6.22 26.68
CA SER A 291 -9.94 3.69 28.41
CA VAL A 292 -13.63 3.65 29.02
CA VAL A 293 -14.65 1.51 31.95
CA ILE A 294 -18.27 0.54 32.20
CA THR A 295 -19.78 -1.46 35.00
CA GLY A 296 -23.15 -3.01 35.66
CA LEU A 297 -23.44 -4.07 32.05
CA ARG A 298 -27.05 -4.57 31.07
CA LYS A 299 -28.85 -5.75 27.99
CA GLU A 300 -29.38 -2.09 27.26
CA ASP A 301 -25.64 -1.81 26.74
CA ALA A 302 -25.47 -3.98 23.64
CA GLY A 303 -25.21 -1.79 20.57
CA ARG A 304 -22.81 0.21 18.42
CA TYR A 305 -20.59 2.86 19.91
CA LEU A 306 -17.78 5.10 18.77
CA CYS A 307 -14.75 6.34 20.56
CA GLY A 308 -12.97 9.20 18.98
CA ALA A 309 -11.28 12.53 19.34
CA HIS A 310 -12.52 16.04 18.79
CA SER A 311 -16.15 16.52 17.94
CA ASP A 312 -18.32 13.56 17.05
CA GLY A 313 -19.47 13.83 13.47
CA GLN A 314 -15.89 14.67 12.65
CA LEU A 315 -15.82 10.94 12.13
CA GLN A 316 -12.36 10.83 13.53
CA GLU A 317 -13.38 7.80 15.48
CA GLY A 318 -13.56 4.03 15.52
CA SER A 319 -16.70 1.99 15.76
CA PRO A 320 -16.92 -0.51 18.51
CA ILE A 321 -19.62 -3.13 18.64
CA GLN A 322 -20.68 -4.19 22.08
CA ALA A 323 -22.71 -7.26 22.76
CA TRP A 324 -23.87 -8.48 26.11
CA GLN A 325 -26.88 -9.92 24.00
CA LEU A 326 -27.57 -12.70 25.51
CA PHE A 327 -24.58 -13.26 27.77
CA VAL A 328 -23.81 -11.18 31.01
CA ASN A 329 -20.04 -10.29 30.50
CA GLU A 330 -17.54 -7.29 31.46
CA GLU A 331 -15.86 -4.82 28.98
CA SER A 332 -11.98 -5.43 29.62
CA THR A 333 -11.02 -9.09 28.73
CA ILE A 334 -10.07 -11.22 25.55
CA PRO A 335 -9.19 -15.00 25.26
CA ARG A 336 -5.39 -14.26 25.48
CA SER A 337 -3.47 -17.48 24.63
CA PRO A 338 -2.12 -17.80 21.18
CA THR A 339 -4.94 -18.09 18.70
CA VAL A 340 -2.79 -20.06 16.34
CA VAL A 341 0.49 -21.80 16.80
CA LYS A 342 2.54 -23.22 14.00
CA GLY A 343 5.40 -25.61 14.29
CA VAL A 344 7.07 -28.14 12.14
CA ALA A 345 7.64 -31.87 12.44
CA GLY A 346 9.80 -33.11 15.31
CA SER A 347 10.18 -29.69 16.93
CA SER A 348 8.82 -28.91 20.40
CA VAL A 349 6.29 -26.24 21.17
CA ALA A 350 5.12 -24.40 24.22
CA VAL A 351 1.79 -22.73 24.70
CA LEU A 352 1.16 -20.16 27.40
CA CYS A 353 -2.27 -19.13 28.63
CA PRO A 354 -3.07 -16.37 31.12
CA TYR A 355 -5.76 -16.36 33.90
CA ASN A 356 -7.30 -14.58 37.05
CA ARG A 357 -7.40 -14.95 40.87
CA LYS A 358 -9.99 -17.63 41.50
CA GLU A 359 -8.33 -19.20 38.59
CA SER A 360 -4.98 -19.40 40.37
CA LYS A 361 -6.34 -22.22 42.50
CA SER A 362 -8.52 -23.98 39.94
CA ILE A 363 -7.50 -26.90 37.77
CA LYS A 364 -5.77 -26.10 34.51
CA TYR A 365 -6.21 -28.25 31.51
CA TRP A 366 -5.31 -28.75 27.85
CA CYS A 367 -7.80 -30.48 25.56
CA LEU A 368 -8.31 -31.38 21.95
CA TRP A 369 -11.62 -30.42 20.41
CA GLU A 370 -13.80 -33.22 19.16
CA GLY A 371 -16.17 -32.85 16.26
CA ALA A 372 -19.78 -33.81 16.82
CA GLN A 373 -23.07 -32.21 17.56
CA ASN A 374 -22.13 -32.87 21.13
CA GLY A 375 -18.45 -33.39 21.46
CA ARG A 376 -16.12 -33.04 24.34
CA CYS A 377 -12.57 -31.91 24.27
CA PRO A 378 -10.60 -34.78 25.54
CA LEU A 379 -8.48 -33.94 28.55
CA LEU A 380 -4.98 -34.25 27.17
CA VAL A 381 -3.11 -33.08 30.29
CA ASP A 382 -4.24 -31.48 33.54
CA SER A 383 -2.79 -29.65 36.54
CA GLU A 384 -4.37 -32.38 38.62
CA GLY A 385 -1.71 -34.89 37.80
CA TRP A 386 -3.50 -36.54 34.93
CA VAL A 387 -1.69 -37.08 31.66
CA LYS A 388 -3.10 -38.84 28.62
CA ALA A 389 -1.34 -41.85 27.24
CA GLN A 390 -0.51 -40.15 24.00
CA TYR A 391 1.03 -37.24 25.87
CA GLU A 392 2.65 -39.14 28.74
CA GLY A 393 6.33 -38.30 28.73
CA ARG A 394 5.89 -36.23 25.58
CA LEU A 395 4.31 -33.19 27.18
CA SER A 396 4.19 -31.18 30.38
CA LEU A 397 1.84 -28.65 31.96
CA LEU A 398 3.22 -26.16 34.44
CA GLU A 399 1.33 -23.51 36.34
CA GLU A 400 2.86 -20.41 37.79
CA PRO A 401 0.26 -18.54 39.72
CA GLY A 402 2.20 -15.36 40.34
CA ASN A 403 2.52 -14.79 36.64
CA GLY A 404 -1.00 -15.93 36.05
CA THR A 405 0.08 -18.35 33.42
CA PHE A 406 0.47 -22.03 32.82
CA THR A 407 2.50 -23.52 30.05
CA VAL A 408 1.98 -26.66 28.09
CA ILE A 409 5.11 -27.99 26.52
CA LEU A 410 4.80 -30.61 23.86
CA ASN A 411 7.65 -32.42 22.17
CA GLN A 412 7.92 -34.72 19.18
CA LEU A 413 5.19 -32.92 17.32
CA THR A 414 3.76 -35.22 14.71
CA SER A 415 1.21 -34.98 11.95
CA ARG A 416 -1.39 -36.17 14.43
CA ASP A 417 -0.86 -33.05 16.51
CA ALA A 418 -2.34 -30.56 14.09
CA GLY A 419 -5.81 -29.68 15.24
CA PHE A 420 -7.87 -27.57 17.61
CA TYR A 421 -7.14 -27.45 21.29
CA TRP A 422 -8.32 -25.53 24.31
CA CYS A 423 -6.55 -24.37 27.45
CA LEU A 424 -8.92 -23.66 30.25
CA THR A 425 -9.57 -23.57 33.98
CA ASN A 426 -11.90 -25.80 36.00
CA GLY A 427 -14.21 -28.16 34.16
CA ASP A 428 -13.97 -28.56 30.40
CA THR A 429 -17.68 -27.97 29.88
CA LEU A 430 -17.64 -24.59 31.57
CA TRP A 431 -15.95 -23.16 28.49
CA ARG A 432 -13.86 -20.72 30.45
CA THR A 433 -11.08 -21.55 28.02
CA THR A 434 -9.35 -20.16 25.00
CA VAL A 435 -9.25 -21.97 21.70
CA GLU A 436 -5.90 -22.58 20.12
CA ILE A 437 -5.28 -23.91 16.66
CA LYS A 438 -2.09 -25.84 16.22
CA ILE A 439 -0.73 -26.59 12.80
CA ILE A 440 2.20 -28.93 12.62
CA GLU A 441 4.52 -28.73 9.50
CA GLY A 442 7.70 -30.95 9.54
CA GLU A 443 10.68 -28.48 9.49
CA PRO A 444 9.70 -27.10 11.96
CA ASN A 445 8.49 -29.20 14.75
CA LEU A 446 10.45 -26.45 16.90
CA LYS A 447 9.37 -23.45 18.86
CA VAL A 448 11.52 -20.63 20.12
CA PRO A 449 11.60 -16.96 20.70
CA GLY A 450 12.77 -15.94 17.30
CA ASN A 451 13.50 -12.53 18.73
CA VAL A 452 15.63 -11.62 21.68
CA THR A 453 17.09 -8.32 22.75
CA ALA A 454 19.85 -7.67 25.23
CA VAL A 455 22.52 -5.15 26.06
CA LEU A 456 26.19 -5.76 25.73
CA GLY A 457 27.75 -7.30 28.79
CA GLU A 458 24.53 -9.00 29.78
CA THR A 459 23.69 -12.68 29.83
CA LEU A 460 20.86 -14.06 27.75
CA LYS A 461 18.93 -17.30 27.75
CA VAL A 462 16.69 -18.71 25.07
CA PRO A 463 14.44 -21.70 25.28
CA CYS A 464 13.59 -24.13 22.48
CA HIS A 465 10.94 -26.84 22.34
CA PHE A 466 10.99 -30.18 20.54
CA PRO A 467 9.68 -33.72 20.52
CA CYS A 468 10.76 -36.85 22.44
CA LYS A 469 12.60 -38.55 19.60
CA PHE A 470 14.46 -35.33 19.44
CA SER A 471 15.22 -35.78 23.10
CA SER A 472 18.01 -38.14 22.11
CA TYR A 473 19.13 -35.98 19.18
CA GLU A 474 22.02 -33.55 19.47
CA LYS A 475 20.85 -30.05 20.27
CA TYR A 476 22.63 -27.13 18.76
CA TRP A 477 22.81 -23.36 18.65
CA CYS A 478 24.23 -21.90 15.47
CA LYS A 479 25.28 -18.50 14.29
CA TRP A 480 24.26 -16.98 11.00
CA ASN A 481 26.75 -15.79 8.42
CA ASN A 482 28.81 -18.90 8.80
CA THR A 483 29.31 -21.75 6.43
CA GLY A 484 25.85 -23.06 6.74
CA CYS A 485 25.24 -22.18 10.33
CA GLN A 486 28.23 -21.72 12.52
CA ALA A 487 28.06 -24.25 15.24
CA LEU A 488 28.17 -22.52 18.56
CA PRO A 489 27.39 -24.63 21.55
CA SER A 490 25.90 -28.05 21.05
CA GLN A 491 24.88 -30.79 23.42
CA ASP A 492 28.36 -30.10 24.63
CA GLU A 493 29.39 -26.91 26.51
CA GLY A 494 31.19 -23.59 25.93
CA PRO A 495 31.20 -19.92 26.82
CA SER A 496 27.84 -20.45 28.28
CA LYS A 497 25.49 -23.29 28.85
CA ALA A 498 23.05 -25.28 26.82
CA PHE A 499 20.84 -27.42 28.95
CA VAL A 500 18.57 -30.09 27.69
CA ASN A 501 15.61 -31.51 29.49
CA CYS A 502 15.02 -34.96 28.18
CA ASP A 503 11.82 -36.82 27.55
CA GLU A 504 10.28 -35.57 30.75
CA ASN A 505 10.41 -31.99 29.63
CA SER A 506 11.40 -31.41 26.11
CA ARG A 507 13.17 -28.13 26.14
CA LEU A 508 16.66 -26.86 25.62
CA VAL A 509 17.89 -23.70 27.21
CA SER A 510 20.84 -21.82 25.90
CA LEU A 511 22.39 -19.26 28.08
CA THR A 512 25.06 -16.93 26.87
CA LEU A 513 27.26 -14.86 29.07
CA ASN A 514 29.09 -11.62 28.49
CA LEU A 515 27.28 -10.68 25.35
CA VAL A 516 29.34 -7.55 25.62
CA THR A 517 30.31 -8.28 22.11
CA ARG A 518 28.63 -6.68 19.14
CA ALA A 519 29.44 -9.87 17.34
CA ASP A 520 26.74 -11.64 19.27
CA GLU A 521 23.99 -9.69 17.57
CA GLY A 522 22.83 -11.54 14.50
CA TRP A 523 20.66 -14.38 13.32
CA TYR A 524 20.90 -17.74 15.00
CA TRP A 525 19.26 -21.11 14.83
CA CYS A 526 18.30 -23.62 17.46
CA GLY A 527 17.69 -27.14 16.34
CA VAL A 528 18.25 -30.83 16.70
CA LYS A 529 20.42 -33.25 14.77
CA GLN A 530 22.81 -31.93 12.16
CA GLY A 531 22.65 -28.29 11.19
CA HIS A 532 22.15 -29.21 7.54
CA PHE A 533 18.91 -31.02 8.30
CA TYR A 534 17.36 -27.63 9.00
CA GLY A 535 15.12 -29.06 11.63
CA GLU A 536 15.45 -25.88 13.60
CA THR A 537 14.01 -22.52 14.46
CA ALA A 538 15.40 -19.14 13.56
CA ALA A 539 16.05 -16.64 16.29
CA VAL A 540 17.17 -13.08 15.91
CA TYR A 541 19.27 -11.62 18.63
CA VAL A 542 19.94 -7.95 18.90
CA ALA A 543 22.66 -6.79 21.20
CA VAL A 544 20.51 -4.50 21.35
CA GLU A 545 21.19 -3.26 18.60
CA GLU A 546 24.88 -2.52 17.63
CA ARG A 547 24.51 0.96 16.17
CA LYS A 548 27.17 3.00 17.90
CA ALA A 549 29.50 5.24 15.71
CA ALA A 550 32.62 6.96 17.62
CA GLY A 551 34.70 8.76 15.01
CA SER A 552 36.96 9.62 13.05
CA ARG A 553 38.67 13.15 13.73
CA ASP A 554 42.32 13.81 12.20
CA VAL A 555 45.19 15.22 14.57
CA SER A 556 47.86 17.11 12.82
CA LEU A 557 49.66 15.98 9.51
CA ALA A 558 49.43 18.61 6.74
CA LYS A 559 52.51 19.86 4.69
CA ALA A 560 53.91 17.30 2.03
CA ASP A 561 56.17 19.02 -0.74
CA ALA A 562 58.91 17.32 -2.79
CA ALA A 563 61.54 19.39 -4.86
CA PRO A 564 62.84 16.89 -7.75
CA ASP A 565 65.76 18.68 -9.74
CA GLU A 566 69.10 17.28 -8.23
CA LYS A 567 70.96 15.25 -11.14
CA VAL A 568 71.14 15.64 -14.97
CA LEU A 569 72.87 12.86 -17.32
CA ASP A 570 73.41 13.27 -21.20
CA SER A 571 75.05 11.36 -24.03
CA GLY A 572 72.27 10.40 -26.79
CA PHE A 573 72.29 10.81 -30.75
CA ARG A 574 69.30 10.49 -33.29
CA GLU A 575 69.97 10.70 -37.13
CA ILE A 576 68.00 10.34 -40.76
CA GLU A 577 67.42 7.71 -43.41
CA ASN A 578 67.22 8.80 -47.22
CA LYS A 579 69.55 7.17 -49.86
CA ALA A 580 69.62 6.98 -53.61
CA ILE A 581 69.12 3.88 -55.97
CA GLN A 582 70.16 4.33 -59.67
CA ASP A 583 66.94 2.36 -60.78
CA PRO A 584 64.28 2.24 -62.58
CA ARG A 585 65.53 1.26 -66.13
CA LYS A 1 24.84 -6.27 -39.06
CA SER A 2 24.87 -2.69 -37.94
CA PRO A 3 27.37 -0.57 -39.69
CA ILE A 4 27.98 1.70 -36.76
CA PHE A 5 30.50 1.20 -34.00
CA GLY A 6 31.55 2.99 -30.83
CA PRO A 7 32.34 2.46 -27.19
CA GLU A 8 30.57 -0.58 -25.84
CA GLU A 9 30.81 0.80 -22.36
CA VAL A 10 31.76 4.14 -20.92
CA ASN A 11 32.53 4.84 -17.28
CA SER A 12 32.73 8.24 -15.67
CA VAL A 13 32.14 10.18 -12.45
CA GLU A 14 29.28 12.41 -11.32
CA GLY A 15 31.06 15.65 -11.91
CA ASN A 16 32.63 14.97 -15.22
CA SER A 17 31.93 14.99 -18.89
CA VAL A 18 32.20 12.17 -21.35
CA SER A 19 32.85 12.21 -25.03
CA ILE A 20 31.37 9.40 -27.01
CA THR A 21 32.55 8.84 -30.55
CA CYS A 22 30.62 6.64 -32.97
CA TYR A 23 31.79 5.58 -36.36
CA TYR A 24 29.74 5.15 -39.51
CA PRO A 25 30.79 4.35 -43.04
CA PRO A 26 32.04 7.29 -44.96
CA THR A 27 29.19 7.74 -47.36
CA SER A 28 27.54 10.76 -48.78
CA VAL A 29 24.32 9.26 -47.52
CA ASN A 30 25.66 8.97 -44.02
CA ARG A 31 27.38 12.29 -44.21
CA HIS A 32 23.97 13.89 -44.68
CA THR A 33 21.78 11.64 -42.53
CA ARG A 34 20.46 12.61 -39.13
CA LYS A 35 22.76 11.49 -36.33
CA TYR A 36 21.21 10.70 -32.99
CA TRP A 37 21.88 9.81 -29.37
CA CYS A 38 19.02 8.22 -27.47
CA ARG A 39 18.44 6.42 -24.22
CA GLN A 40 16.84 3.01 -23.96
CA GLY A 41 13.91 2.96 -21.64
CA ALA A 42 13.08 0.00 -19.47
CA ARG A 43 10.02 -0.28 -21.66
CA GLY A 44 12.13 -0.93 -24.72
CA GLY A 45 12.10 2.32 -26.69
CA CYS A 46 14.88 4.80 -27.24
CA ILE A 47 14.17 8.43 -26.67
CA THR A 48 16.25 10.93 -28.56
CA LEU A 49 18.34 13.07 -26.23
CA ILE A 50 20.22 14.97 -28.94
CA SER A 51 20.25 14.95 -32.74
CA SER A 52 22.20 16.60 -35.53
CA GLU A 53 18.78 17.85 -36.52
CA GLY A 54 19.06 20.46 -33.81
CA TYR A 55 16.69 18.82 -31.35
CA VAL A 56 18.07 18.84 -27.83
CA SER A 57 16.55 17.23 -24.77
CA SER A 58 15.59 19.59 -22.03
CA LYS A 59 17.85 17.69 -19.67
CA TYR A 60 20.69 18.01 -22.18
CA ALA A 61 20.31 21.73 -22.86
CA GLY A 62 23.53 23.64 -22.34
CA ARG A 63 25.40 20.60 -21.06
CA ALA A 64 25.86 18.65 -24.29
CA ASN A 65 26.42 19.03 -28.02
CA LEU A 66 26.62 16.72 -30.99
CA THR A 67 29.15 17.30 -33.74
CA ASN A 68 29.50 15.64 -37.14
CA PHE A 69 32.92 14.97 -38.60
CA PRO A 70 32.40 13.79 -42.11
CA GLU A 71 36.09 13.39 -42.75
CA ASN A 72 36.42 10.90 -39.92
CA GLY A 73 33.11 9.27 -40.63
CA THR A 74 32.23 9.88 -37.04
CA PHE A 75 30.27 12.17 -34.76
CA VAL A 76 30.86 13.01 -31.13
CA VAL A 77 28.43 13.49 -28.31
CA ASN A 78 29.76 15.53 -25.44
CA ILE A 79 27.97 15.27 -22.16
CA ALA A 80 28.86 17.46 -19.23
CA GLN A 81 27.60 17.66 -15.69
CA LEU A 82 27.05 13.92 -15.64
CA SER A 83 24.85 12.76 -12.79
CA GLN A 84 24.09 9.36 -11.35
CA ASP A 85 20.83 9.40 -13.25
CA ASP A 86 22.84 9.44 -16.46
CA SER A 87 23.85 5.85 -15.88
CA GLY A 88 21.97 3.67 -18.31
CA ARG A 89 21.90 2.29 -21.83
CA TYR A 90 21.98 4.51 -24.87
CA LYS A 91 22.37 4.19 -28.61
CA CYS A 92 24.07 6.28 -31.24
CA GLY A 93 22.86 5.85 -34.78
CA LEU A 94 21.95 7.33 -38.13
CA GLY A 95 18.70 7.94 -39.91
CA ILE A 96 15.36 7.14 -38.40
CA ASN A 97 15.52 5.55 -34.99
CA SER A 98 13.49 2.78 -36.61
CA ARG A 99 16.17 1.40 -39.02
CA GLY A 100 18.42 -0.23 -36.46
CA LEU A 101 21.53 1.35 -37.81
CA SER A 102 22.93 2.15 -34.42
CA PHE A 103 25.35 1.14 -31.70
CA ASP A 104 24.54 0.28 -28.09
CA VAL A 105 26.49 2.16 -25.48
CA SER A 106 26.32 1.56 -21.79
CA LEU A 107 27.19 4.46 -19.57
CA GLU A 108 27.85 4.07 -15.90
CA VAL A 109 28.25 7.24 -13.90
CA SER A 110 25.03 6.93 -11.84
CA GLN A 111 21.22 5.78 -11.87
CA GLY A 112 17.47 6.73 -12.49
CA PRO A 113 13.64 6.12 -11.79
CA GLY A 114 10.06 8.23 -11.65
CA LEU A 115 7.29 8.65 -9.06
CA LEU A 116 4.31 8.85 -11.63
CA ASN A 117 2.40 6.10 -9.95
CA ASP A 118 1.81 5.49 -6.27
CA THR A 119 -0.98 4.32 -4.02
CA LYS A 120 -3.69 6.91 -4.15
CA VAL A 121 -4.70 6.16 -0.63
CA TYR A 122 -3.06 4.20 2.11
CA THR A 123 -4.82 3.18 5.28
CA VAL A 124 -3.18 1.99 8.45
CA ASP A 125 -3.90 1.47 12.13
CA LEU A 126 -2.15 3.71 14.57
CA GLY A 127 0.63 1.54 15.95
CA ARG A 128 1.53 -0.04 12.63
CA THR A 129 4.28 0.85 10.21
CA VAL A 130 3.56 1.65 6.62
CA THR A 131 5.52 1.57 3.40
CA ILE A 132 4.81 3.72 0.40
CA ASN A 133 6.30 2.88 -2.96
CA CYS A 134 6.42 5.25 -5.90
CA PRO A 135 7.72 4.28 -9.29
CA PHE A 136 9.70 6.64 -11.55
CA LYS A 137 11.71 6.84 -14.81
CA THR A 138 15.40 6.95 -15.83
CA GLU A 139 16.07 10.69 -15.77
CA ASN A 140 14.13 10.40 -12.62
CA ALA A 141 16.57 7.80 -11.38
CA GLN A 142 19.20 10.45 -10.88
CA LYS A 143 17.01 13.21 -9.51
CA ARG A 144 16.17 13.93 -5.89
CA LYS A 145 13.29 11.97 -4.43
CA SER A 146 11.08 13.44 -1.76
CA LEU A 147 8.07 12.83 0.44
CA TYR A 148 6.21 15.88 1.63
CA LYS A 149 3.02 16.87 3.41
CA GLN A 150 0.55 19.05 1.60
CA ILE A 151 -1.06 22.14 3.12
CA GLY A 152 0.26 25.62 3.49
CA LEU A 153 2.17 27.53 0.90
CA TYR A 154 4.62 24.76 0.34
CA PRO A 155 4.34 21.08 0.82
CA VAL A 156 6.74 20.39 3.66
CA LEU A 157 9.45 17.90 2.87
CA VAL A 158 9.46 15.23 5.55
CA ILE A 159 12.27 13.16 4.06
CA ASP A 160 14.44 13.48 0.97
CA SER A 161 16.96 11.37 -0.93
CA SER A 162 19.28 14.34 -0.50
CA GLY A 163 20.11 13.32 3.03
CA TYR A 164 17.51 15.54 4.63
CA VAL A 165 15.33 14.12 7.36
CA ASN A 166 12.71 16.11 9.26
CA PRO A 167 12.91 16.03 12.99
CA ASN A 168 9.45 14.60 13.24
CA TYR A 169 10.51 11.78 10.94
CA THR A 170 14.07 11.35 12.19
CA GLY A 171 14.42 7.74 13.29
CA ARG A 172 10.74 7.15 12.55
CA ILE A 173 11.04 6.85 8.80
CA ARG A 174 13.37 5.96 5.96
CA LEU A 175 13.38 6.69 2.24
CA ASP A 176 15.20 4.27 -0.02
CA ILE A 177 15.96 4.74 -3.67
CA GLN A 178 15.92 1.89 -6.12
CA GLY A 179 17.84 2.36 -9.30
CA THR A 180 16.31 3.13 -12.63
CA GLY A 181 15.66 -0.50 -13.32
CA GLN A 182 13.67 -0.84 -10.15
CA LEU A 183 12.43 2.71 -10.77
CA LEU A 184 11.10 2.80 -7.27
CA PHE A 185 11.77 4.51 -4.01
CA SER A 186 10.23 3.47 -0.77
CA VAL A 187 9.21 5.51 2.21
CA VAL A 188 8.92 3.50 5.38
CA ILE A 189 7.08 5.15 8.24
CA ASN A 190 6.71 3.58 11.63
CA GLN A 191 4.80 4.29 14.80
CA LEU A 192 2.00 5.96 12.92
CA ARG A 193 0.08 8.43 15.03
CA LEU A 194 -3.17 10.29 14.59
CA SER A 195 -1.19 13.29 13.41
CA ASP A 196 0.01 11.23 10.46
CA ALA A 197 -3.31 11.18 8.66
CA GLY A 198 -3.28 13.71 5.88
CA GLN A 199 -2.29 14.29 2.28
CA TYR A 200 1.26 13.83 1.10
CA LEU A 201 3.06 13.60 -2.19
CA CYS A 202 6.03 11.63 -3.41
CA GLN A 203 7.97 13.15 -6.22
CA ALA A 204 11.23 13.83 -7.95
CA GLY A 205 13.19 17.03 -8.27
CA ASP A 206 11.99 20.12 -6.48
CA ASP A 207 8.65 20.18 -4.73
CA SER A 208 7.37 23.12 -6.73
CA ASN A 209 7.55 21.09 -9.85
CA SER A 210 4.47 19.01 -10.42
CA ASN A 211 6.41 15.84 -10.89
CA LYS A 212 4.81 13.90 -8.10
CA LYS A 213 1.79 11.92 -7.10
CA ASN A 214 -0.61 12.70 -4.32
CA ALA A 215 -1.11 10.10 -1.66
CA ASP A 216 -3.71 10.22 1.05
CA LEU A 217 -2.72 8.58 4.28
CA GLN A 218 -5.46 7.59 6.62
CA VAL A 219 -4.46 6.57 10.10
CA LEU A 220 -4.31 5.87 13.79
CA LYS A 221 -7.91 5.07 15.58
CA PRO A 222 -7.49 1.49 16.64
CA GLU A 223 -10.00 -0.07 18.98
CA PRO A 224 -11.66 -3.32 19.73
CA GLU A 225 -13.84 -4.12 16.79
CA LEU A 226 -16.14 -6.18 18.90
CA VAL A 227 -16.49 -6.49 22.62
CA TYR A 228 -18.64 -9.14 24.21
CA GLU A 229 -19.37 -9.53 27.87
CA ASP A 230 -21.90 -10.98 30.24
CA LEU A 231 -24.55 -9.09 32.13
CA ARG A 232 -23.53 -7.51 35.40
CA GLY A 233 -19.95 -7.65 34.27
CA SER A 234 -17.62 -4.72 33.98
CA VAL A 235 -15.97 -3.95 30.69
CA THR A 236 -13.23 -1.69 29.52
CA PHE A 237 -12.61 -0.41 26.04
CA HIS A 238 -9.21 0.76 24.96
CA CYS A 239 -8.85 3.13 22.04
CA ALA A 240 -5.57 4.35 20.51
CA LEU A 241 -4.63 7.61 18.77
CA GLY A 242 -1.87 10.03 17.49
CA PRO A 243 -0.33 13.36 18.41
CA GLU A 244 -2.94 15.98 17.67
CA VAL A 245 -5.06 13.52 19.47
CA ALA A 246 -3.16 13.65 22.73
CA ASN A 247 -4.60 17.04 23.68
CA VAL A 248 -7.88 16.69 21.80
CA ALA A 249 -11.09 15.82 23.63
CA LYS A 250 -11.84 12.12 23.85
CA PHE A 251 -15.34 10.84 23.75
CA LEU A 252 -17.38 7.69 23.85
CA CYS A 253 -20.75 7.83 22.20
CA ARG A 254 -23.60 5.52 21.38
CA GLN A 255 -24.68 5.39 17.79
CA SER A 256 -28.27 6.27 17.22
CA SER A 257 -30.59 6.49 14.29
CA GLY A 258 -29.71 9.34 12.01
CA GLU A 259 -26.26 10.76 11.87
CA ASN A 260 -25.94 11.55 15.53
CA CYS A 261 -24.05 9.82 18.26
CA ASP A 262 -24.81 10.86 21.79
CA VAL A 263 -21.81 11.29 23.96
CA VAL A 264 -22.02 9.04 26.96
CA VAL A 265 -18.87 10.46 28.51
CA ASN A 266 -16.02 12.76 27.54
CA THR A 267 -12.55 13.76 28.63
CA LEU A 268 -14.09 17.23 28.80
CA GLY A 269 -15.68 16.49 32.11
CA LYS A 270 -19.16 15.77 30.93
CA ARG A 271 -20.69 12.57 32.22
CA ALA A 272 -24.14 11.45 31.13
CA PRO A 273 -26.51 10.57 33.86
CA ALA A 274 -27.01 7.06 32.56
CA PHE A 275 -23.27 6.65 32.85
CA GLU A 276 -22.73 8.74 35.97
CA GLY A 277 -21.03 6.67 38.62
CA ARG A 278 -21.33 3.66 36.34
CA ILE A 279 -18.49 4.53 34.00
CA LEU A 280 -15.12 6.25 33.82
CA LEU A 281 -13.05 7.47 30.90
CA ASN A 282 -9.39 8.09 31.45
CA PRO A 283 -6.81 9.21 29.01
CA GLN A 284 -3.17 8.28 28.95
CA ASP A 285 -1.25 10.51 26.60
CA LYS A 286 1.99 8.62 26.83
CA ASP A 287 0.56 5.30 25.79
CA GLY A 288 -1.71 7.03 23.32
CA SER A 289 -4.79 5.41 24.66
CA PHE A 290 -7.82 6.22 26.68
CA SER A 291 -9.94 3.69 28.41
CA VAL A 292 -13.63 3.65 29.02
CA VAL A 293 -14.65 1.51 31.95
CA ILE A 294 -18.27 0.54 32.20
CA THR A 295 -19.78 -1.46 35.00
CA GLY A 296 -23.15 -3.01 35.66
CA LEU A 297 -23.44 -4.07 32.05
CA ARG A 298 -27.05 -4.57 31.07
CA LYS A 299 -28.85 -5.75 27.99
CA GLU A 300 -29.38 -2.09 27.26
CA ASP A 301 -25.64 -1.81 26.74
CA ALA A 302 -25.47 -3.98 23.64
CA GLY A 303 -25.21 -1.79 20.57
CA ARG A 304 -22.81 0.21 18.42
CA TYR A 305 -20.59 2.86 19.91
CA LEU A 306 -17.78 5.10 18.77
CA CYS A 307 -14.75 6.34 20.56
CA GLY A 308 -12.97 9.20 18.98
CA ALA A 309 -11.28 12.53 19.34
CA HIS A 310 -12.52 16.04 18.79
CA SER A 311 -16.15 16.52 17.94
CA ASP A 312 -18.32 13.56 17.05
CA GLY A 313 -19.47 13.83 13.47
CA GLN A 314 -15.89 14.67 12.65
CA LEU A 315 -15.82 10.94 12.13
CA GLN A 316 -12.36 10.83 13.53
CA GLU A 317 -13.38 7.80 15.48
CA GLY A 318 -13.56 4.03 15.52
CA SER A 319 -16.70 1.99 15.76
CA PRO A 320 -16.92 -0.51 18.51
CA ILE A 321 -19.62 -3.13 18.64
CA GLN A 322 -20.68 -4.19 22.08
CA ALA A 323 -22.71 -7.26 22.76
CA TRP A 324 -23.87 -8.48 26.11
CA GLN A 325 -25.49 -12.02 27.03
CA LEU A 326 -28.69 -10.61 28.71
CA PHE A 327 -31.45 -13.46 28.94
CA VAL A 328 -30.11 -16.72 30.34
CA ASN A 329 -31.61 -19.64 28.96
CA GLU A 330 -31.42 -18.54 25.80
CA GLU A 331 -30.93 -15.36 23.72
CA SER A 332 -29.75 -14.31 20.17
CA THR A 333 -28.50 -11.16 18.31
CA ILE A 334 -28.37 -11.16 14.38
CA PRO A 335 -26.16 -8.93 13.71
CA ARG A 336 -23.29 -8.56 16.20
CA SER A 337 -20.67 -7.02 14.12
CA PRO A 338 -17.41 -6.01 12.65
CA THR A 339 -16.63 -2.43 13.54
CA VAL A 340 -14.58 -1.98 10.44
CA VAL A 341 -14.32 -4.03 7.30
CA LYS A 342 -11.74 -3.47 4.64
CA GLY A 343 -11.76 -4.86 1.16
CA VAL A 344 -10.32 -3.96 -2.14
CA ALA A 345 -11.80 -3.14 -5.53
CA GLY A 346 -13.78 -5.86 -7.30
CA SER A 347 -13.61 -8.33 -4.41
CA SER A 348 -16.71 -9.52 -2.56
CA VAL A 349 -17.32 -9.07 1.13
CA ALA A 350 -19.57 -10.57 3.72
CA VAL A 351 -20.67 -8.99 6.95
CA LEU A 352 -22.11 -10.97 9.81
CA CYS A 353 -24.13 -9.48 12.67
CA PRO A 354 -25.41 -11.30 15.75
CA TYR A 355 -28.79 -10.83 17.58
CA ASN A 356 -31.29 -12.09 20.32
CA ARG A 357 -34.63 -13.98 20.60
CA LYS A 358 -37.26 -11.39 19.82
CA GLU A 359 -34.81 -10.43 17.22
CA SER A 360 -34.98 -13.82 15.53
CA LYS A 361 -38.42 -12.92 14.19
CA SER A 362 -37.89 -9.22 13.52
CA ILE A 363 -36.85 -7.69 10.22
CA LYS A 364 -33.15 -7.48 9.52
CA TYR A 365 -31.70 -4.68 7.53
CA TRP A 366 -28.53 -3.16 6.11
CA CYS A 367 -28.34 0.61 5.66
CA LEU A 368 -25.93 3.32 4.66
CA TRP A 369 -25.63 6.26 7.00
CA GLU A 370 -26.61 9.64 5.64
CA GLY A 371 -25.03 12.86 6.80
CA ALA A 372 -27.34 15.60 7.98
CA GLN A 373 -28.66 17.04 11.17
CA ASN A 374 -31.47 14.63 10.61
CA GLY A 375 -30.45 11.90 8.29
CA ARG A 376 -31.74 8.45 7.75
CA CYS A 377 -29.79 5.42 6.80
CA PRO A 378 -31.17 4.34 3.54
CA LEU A 379 -32.44 0.78 3.55
CA LEU A 380 -30.01 -0.94 1.24
CA VAL A 381 -31.36 -4.49 1.67
CA ASP A 382 -33.86 -6.04 4.07
CA SER A 383 -35.01 -9.47 5.26
CA GLU A 384 -38.44 -8.41 4.10
CA GLY A 385 -37.68 -8.99 0.47
CA TRP A 386 -36.71 -5.45 -0.36
CA VAL A 387 -33.50 -4.80 -2.22
CA LYS A 388 -32.27 -1.41 -3.38
CA ALA A 389 -31.60 -0.82 -7.03
CA GLN A 390 -27.92 -0.30 -6.50
CA TYR A 391 -27.69 -3.57 -4.62
CA GLU A 392 -30.14 -5.64 -6.66
CA GLY A 393 -28.30 -8.70 -7.91
CA ARG A 394 -25.06 -7.42 -6.39
CA LEU A 395 -25.82 -8.27 -2.79
CA SER A 396 -27.71 -10.70 -0.59
CA LEU A 397 -28.95 -10.78 3.00
CA LEU A 398 -29.46 -14.11 4.70
CA GLU A 399 -30.74 -14.75 8.17
CA GLU A 400 -30.08 -17.85 10.18
CA PRO A 401 -31.99 -17.70 13.39
CA GLY A 402 -30.45 -20.68 15.11
CA ASN A 403 -27.04 -19.10 14.90
CA GLY A 404 -28.44 -15.73 15.71
CA THR A 405 -26.80 -14.17 12.74
CA PHE A 406 -27.61 -12.73 9.38
CA THR A 407 -25.09 -12.17 6.67
CA VAL A 408 -24.93 -9.50 4.05
CA ILE A 409 -22.90 -10.47 1.06
CA LEU A 410 -21.87 -7.78 -1.36
CA ASN A 411 -20.04 -8.29 -4.62
CA GLN A 412 -18.37 -5.99 -7.10
CA LEU A 413 -17.23 -3.60 -4.42
CA THR A 414 -16.59 -0.23 -5.96
CA SER A 415 -15.25 3.10 -4.79
CA ARG A 416 -18.82 4.11 -4.06
CA ASP A 417 -19.09 1.40 -1.44
CA ALA A 418 -16.71 2.89 1.09
CA GLY A 419 -18.72 4.50 3.83
CA PHE A 420 -20.67 3.94 7.01
CA TYR A 421 -23.36 1.33 7.25
CA TRP A 422 -25.57 -0.19 9.90
CA CYS A 423 -26.97 -3.67 10.39
CA LEU A 424 -29.96 -3.71 12.63
CA THR A 425 -33.25 -5.32 13.57
CA ASN A 426 -36.76 -3.85 13.23
CA GLY A 427 -37.11 -0.22 12.21
CA ASP A 428 -34.08 1.81 11.22
CA THR A 429 -34.92 4.64 13.60
CA LEU A 430 -34.96 2.41 16.65
CA TRP A 431 -31.18 2.30 16.52
CA ARG A 432 -30.97 -1.26 17.73
CA THR A 433 -28.16 -1.68 15.22
CA THR A 434 -24.42 -1.83 15.03
CA VAL A 435 -22.38 0.59 13.00
CA GLU A 436 -19.96 -0.79 10.50
CA ILE A 437 -17.39 1.14 8.56
CA LYS A 438 -16.50 -0.25 5.21
CA ILE A 439 -13.43 0.90 3.38
CA ILE A 440 -13.00 -0.29 -0.16
CA GLU A 441 -9.42 -0.38 -1.65
CA GLY A 442 -9.03 -1.93 -5.20
CA GLU A 443 -6.80 -5.06 -4.70
CA PRO A 444 -8.69 -6.20 -2.69
CA ASN A 445 -12.31 -6.05 -3.42
CA LEU A 446 -12.19 -9.73 -1.86
CA LYS A 447 -13.05 -11.15 1.51
CA VAL A 448 -12.10 -14.51 2.90
CA PRO A 449 -11.09 -16.27 6.02
CA GLY A 450 -7.41 -15.66 5.77
CA ASN A 451 -6.95 -18.28 8.44
CA VAL A 452 -8.14 -21.84 8.49
CA THR A 453 -7.12 -24.75 10.63
CA ALA A 454 -7.77 -28.42 10.07
CA VAL A 455 -6.38 -31.81 10.88
CA LEU A 456 -4.86 -34.13 8.39
CA GLY A 457 -7.35 -36.40 6.70
CA GLU A 458 -10.15 -33.91 7.11
CA THR A 459 -11.99 -31.91 4.49
CA LEU A 460 -11.97 -28.14 4.54
CA LYS A 461 -14.05 -25.48 2.85
CA VAL A 462 -13.30 -21.79 2.47
CA PRO A 463 -15.58 -19.12 1.19
CA CYS A 464 -14.59 -16.02 -0.78
CA HIS A 465 -16.62 -12.95 -1.67
CA PHE A 466 -16.44 -10.72 -4.74
CA PRO A 467 -18.36 -8.40 -7.01
CA CYS A 468 -20.75 -9.08 -9.93
CA LYS A 469 -18.34 -8.24 -12.72
CA PHE A 470 -16.17 -10.76 -11.04
CA SER A 471 -19.06 -13.17 -11.30
CA SER A 472 -18.05 -13.81 -14.89
CA TYR A 473 -14.32 -13.85 -14.10
CA GLU A 474 -12.41 -17.07 -13.55
CA LYS A 475 -12.16 -17.97 -9.90
CA TYR A 476 -9.03 -19.58 -8.59
CA TRP A 477 -7.39 -21.07 -5.56
CA CYS A 478 -3.60 -20.93 -5.54
CA LYS A 479 -0.86 -22.34 -3.42
CA TRP A 480 2.04 -20.35 -2.06
CA ASN A 481 5.65 -21.24 -2.75
CA ASN A 482 4.93 -21.80 -6.39
CA THR A 483 5.97 -19.79 -9.38
CA GLY A 484 3.78 -16.88 -8.60
CA CYS A 485 0.93 -18.73 -7.02
CA GLN A 486 0.52 -22.35 -7.91
CA ALA A 487 -2.79 -22.76 -9.56
CA LEU A 488 -4.78 -25.33 -7.70
CA PRO A 489 -8.41 -25.59 -8.63
CA SER A 490 -9.96 -22.91 -10.78
CA GLN A 491 -13.40 -22.41 -12.19
CA ASP A 492 -12.71 -25.95 -13.28
CA GLU A 493 -12.58 -28.95 -10.90
CA GLY A 494 -10.06 -31.22 -9.16
CA PRO A 495 -9.32 -33.11 -5.97
CA SER A 496 -12.11 -31.21 -4.43
CA LYS A 497 -14.65 -28.70 -5.47
CA ALA A 498 -14.77 -25.02 -6.14
CA PHE A 499 -18.26 -23.73 -6.45
CA VAL A 500 -19.22 -20.34 -7.66
CA ASN A 501 -22.46 -18.60 -7.02
CA CYS A 502 -22.99 -16.12 -9.79
CA ASP A 503 -24.51 -12.70 -9.75
CA GLU A 504 -27.27 -13.78 -7.43
CA ASN A 505 -24.89 -14.62 -4.66
CA SER A 506 -21.35 -13.63 -5.20
CA ARG A 507 -19.35 -16.22 -3.38
CA LEU A 508 -17.00 -19.00 -4.25
CA VAL A 509 -16.56 -21.98 -2.03
CA SER A 510 -13.53 -24.17 -2.21
CA LEU A 511 -13.69 -27.50 -0.56
CA THR A 512 -10.68 -29.70 -0.21
CA LEU A 513 -10.78 -33.34 0.68
CA ASN A 514 -8.27 -35.59 2.32
CA LEU A 515 -6.05 -32.88 3.62
CA VAL A 516 -4.20 -35.74 5.20
CA THR A 517 -1.20 -34.27 3.58
CA ARG A 518 1.18 -31.99 5.39
CA ALA A 519 1.74 -30.39 2.03
CA ASP A 520 -1.65 -28.76 2.26
CA GLU A 521 -0.60 -26.52 5.11
CA GLY A 522 0.73 -23.28 3.73
CA TRP A 523 -0.31 -19.93 2.35
CA TYR A 524 -2.93 -19.77 -0.36
CA TRP A 525 -4.79 -17.17 -2.34
CA CYS A 526 -8.34 -16.96 -3.55
CA GLY A 527 -9.06 -14.56 -6.34
CA VAL A 528 -10.59 -13.78 -9.68
CA LYS A 529 -9.08 -13.42 -13.11
CA GLN A 530 -5.45 -14.25 -13.64
CA GLY A 531 -3.25 -14.98 -10.65
CA HIS A 532 -0.83 -12.25 -11.67
CA PHE A 533 -3.48 -9.57 -11.36
CA TYR A 534 -3.34 -10.08 -7.61
CA GLY A 535 -6.99 -9.32 -7.24
CA GLU A 536 -7.22 -11.85 -4.49
CA THR A 537 -7.17 -12.52 -0.78
CA ALA A 538 -4.53 -14.35 1.18
CA ALA A 539 -5.52 -17.28 3.31
CA VAL A 540 -3.35 -19.25 5.64
CA TYR A 541 -4.15 -22.86 6.14
CA VAL A 542 -2.65 -24.89 8.89
CA ALA A 543 -2.98 -28.62 8.74
CA VAL A 544 -3.06 -27.98 11.82
CA GLU A 545 -0.03 -27.44 12.11
CA GLU A 546 2.56 -29.93 10.64
CA ARG A 547 4.98 -30.17 13.53
CA LYS A 548 5.46 -33.87 14.09
CA ALA A 549 9.09 -35.24 14.42
CA ALA A 550 9.48 -39.27 14.47
CA GLY A 551 13.18 -40.06 14.50
CA SER A 552 16.05 -41.00 13.76
CA ARG A 553 17.59 -43.98 15.91
CA ASP A 554 20.59 -46.10 14.30
CA VAL A 555 20.37 -50.08 14.30
CA SER A 556 23.64 -51.82 14.22
CA LEU A 557 26.66 -50.91 11.85
CA ALA A 558 29.88 -50.20 13.79
CA LYS A 559 33.32 -51.85 12.92
CA ALA A 560 35.06 -50.45 9.64
CA ASP A 561 38.94 -51.27 9.51
CA ALA A 562 41.08 -51.54 6.34
CA ALA A 563 44.68 -53.13 6.39
CA PRO A 564 46.57 -51.57 3.21
CA ASP A 565 50.13 -53.33 2.87
CA GLU A 566 49.69 -56.12 0.15
CA LYS A 567 52.03 -55.14 -2.95
CA VAL A 568 55.41 -53.31 -3.26
CA LEU A 569 56.94 -52.26 -6.82
CA ASP A 570 60.52 -50.68 -7.32
CA SER A 571 62.77 -49.61 -10.18
CA GLY A 572 63.52 -45.67 -9.90
CA PHE A 573 66.95 -43.67 -10.12
CA ARG A 574 67.71 -39.90 -9.17
CA GLU A 575 71.22 -38.37 -9.89
CA ILE A 576 73.27 -34.78 -9.66
CA GLU A 577 74.16 -31.90 -11.93
CA ASN A 578 77.64 -30.06 -11.45
CA LYS A 579 80.13 -29.73 -14.41
CA ALA A 580 83.16 -27.64 -15.15
CA ILE A 581 83.68 -24.80 -17.80
CA GLN A 582 87.31 -23.70 -18.51
CA ASP A 583 86.15 -19.95 -18.61
CA PRO A 584 86.50 -16.94 -17.55
CA ARG A 585 89.54 -15.54 -19.54
CA LYS A 1 24.84 -6.27 -39.06
CA SER A 2 24.87 -2.69 -37.94
CA PRO A 3 27.37 -0.57 -39.69
CA ILE A 4 27.98 1.70 -36.76
CA PHE A 5 30.50 1.20 -34.00
CA GLY A 6 31.55 2.99 -30.83
CA PRO A 7 32.34 2.46 -27.19
CA GLU A 8 30.57 -0.58 -25.84
CA GLU A 9 30.81 0.80 -22.36
CA VAL A 10 31.76 4.14 -20.92
CA ASN A 11 32.53 4.84 -17.28
CA SER A 12 32.73 8.24 -15.67
CA VAL A 13 32.14 10.18 -12.45
CA GLU A 14 29.28 12.41 -11.32
CA GLY A 15 31.06 15.65 -11.91
CA ASN A 16 32.63 14.97 -15.22
CA SER A 17 31.93 14.99 -18.89
CA VAL A 18 32.20 12.17 -21.35
CA SER A 19 32.85 12.21 -25.03
CA ILE A 20 31.37 9.40 -27.01
CA THR A 21 32.55 8.84 -30.55
CA CYS A 22 30.62 6.64 -32.97
CA TYR A 23 31.79 5.58 -36.36
CA TYR A 24 29.74 5.15 -39.51
CA PRO A 25 30.79 4.35 -43.04
CA PRO A 26 32.04 7.29 -44.96
CA THR A 27 29.19 7.74 -47.36
CA SER A 28 27.54 10.76 -48.78
CA VAL A 29 24.32 9.26 -47.52
CA ASN A 30 25.66 8.97 -44.02
CA ARG A 31 27.38 12.29 -44.21
CA HIS A 32 23.97 13.89 -44.68
CA THR A 33 21.78 11.64 -42.53
CA ARG A 34 20.46 12.61 -39.13
CA LYS A 35 22.76 11.49 -36.33
CA TYR A 36 21.21 10.70 -32.99
CA TRP A 37 21.88 9.81 -29.37
CA CYS A 38 19.02 8.22 -27.47
CA ARG A 39 18.44 6.42 -24.22
CA GLN A 40 16.84 3.01 -23.96
CA GLY A 41 13.91 2.96 -21.64
CA ALA A 42 13.08 0.00 -19.47
CA ARG A 43 10.02 -0.28 -21.66
CA GLY A 44 12.13 -0.93 -24.72
CA GLY A 45 12.10 2.32 -26.69
CA CYS A 46 14.88 4.80 -27.24
CA ILE A 47 14.17 8.43 -26.67
CA THR A 48 16.25 10.93 -28.56
CA LEU A 49 18.34 13.07 -26.23
CA ILE A 50 20.22 14.97 -28.94
CA SER A 51 20.25 14.95 -32.74
CA SER A 52 22.20 16.60 -35.53
CA GLU A 53 18.78 17.85 -36.52
CA GLY A 54 19.06 20.46 -33.81
CA TYR A 55 16.69 18.82 -31.35
CA VAL A 56 18.07 18.84 -27.83
CA SER A 57 16.55 17.23 -24.77
CA SER A 58 15.59 19.59 -22.03
CA LYS A 59 17.85 17.69 -19.67
CA TYR A 60 20.69 18.01 -22.18
CA ALA A 61 20.31 21.73 -22.86
CA GLY A 62 23.53 23.64 -22.34
CA ARG A 63 25.40 20.60 -21.06
CA ALA A 64 25.86 18.65 -24.29
CA ASN A 65 26.42 19.03 -28.02
CA LEU A 66 26.62 16.72 -30.99
CA THR A 67 29.15 17.30 -33.74
CA ASN A 68 29.50 15.64 -37.14
CA PHE A 69 32.92 14.97 -38.60
CA PRO A 70 32.40 13.79 -42.11
CA GLU A 71 36.09 13.39 -42.75
CA ASN A 72 36.42 10.90 -39.92
CA GLY A 73 33.11 9.27 -40.63
CA THR A 74 32.23 9.88 -37.04
CA PHE A 75 30.27 12.17 -34.76
CA VAL A 76 30.86 13.01 -31.13
CA VAL A 77 28.43 13.49 -28.31
CA ASN A 78 29.76 15.53 -25.44
CA ILE A 79 27.97 15.27 -22.16
CA ALA A 80 28.86 17.46 -19.23
CA GLN A 81 27.60 17.66 -15.69
CA LEU A 82 27.05 13.92 -15.64
CA SER A 83 24.85 12.76 -12.79
CA GLN A 84 24.09 9.36 -11.35
CA ASP A 85 20.83 9.40 -13.25
CA ASP A 86 22.84 9.44 -16.46
CA SER A 87 23.85 5.85 -15.88
CA GLY A 88 21.97 3.67 -18.31
CA ARG A 89 21.90 2.29 -21.83
CA TYR A 90 21.98 4.51 -24.87
CA LYS A 91 22.37 4.19 -28.61
CA CYS A 92 24.07 6.28 -31.24
CA GLY A 93 22.86 5.85 -34.78
CA LEU A 94 21.95 7.33 -38.13
CA GLY A 95 18.70 7.94 -39.91
CA ILE A 96 15.36 7.14 -38.40
CA ASN A 97 15.52 5.55 -34.99
CA SER A 98 13.49 2.78 -36.61
CA ARG A 99 16.17 1.40 -39.02
CA GLY A 100 18.42 -0.23 -36.46
CA LEU A 101 21.53 1.35 -37.81
CA SER A 102 22.93 2.15 -34.42
CA PHE A 103 25.35 1.14 -31.70
CA ASP A 104 24.54 0.28 -28.09
CA VAL A 105 26.49 2.16 -25.48
CA SER A 106 26.32 1.56 -21.79
CA LEU A 107 27.19 4.46 -19.57
CA GLU A 108 27.85 4.07 -15.90
CA VAL A 109 28.25 7.24 -13.90
CA SER A 110 25.03 6.93 -11.84
CA GLN A 111 21.22 5.78 -11.87
CA GLY A 112 17.47 6.73 -12.49
CA PRO A 113 13.64 6.12 -11.79
CA GLY A 114 10.06 8.23 -11.65
CA LEU A 115 7.29 8.65 -9.06
CA LEU A 116 4.31 8.85 -11.63
CA ASN A 117 2.40 6.10 -9.95
CA ASP A 118 1.81 5.49 -6.27
CA THR A 119 -0.98 4.32 -4.02
CA LYS A 120 -3.69 6.91 -4.15
CA VAL A 121 -4.70 6.16 -0.63
CA TYR A 122 -3.06 4.20 2.11
CA THR A 123 -4.82 3.18 5.28
CA VAL A 124 -3.18 1.99 8.45
CA ASP A 125 -3.90 1.47 12.13
CA LEU A 126 -2.15 3.71 14.57
CA GLY A 127 0.63 1.54 15.95
CA ARG A 128 1.53 -0.04 12.63
CA THR A 129 4.28 0.85 10.21
CA VAL A 130 3.56 1.65 6.62
CA THR A 131 5.52 1.57 3.40
CA ILE A 132 4.81 3.72 0.40
CA ASN A 133 6.30 2.88 -2.96
CA CYS A 134 6.42 5.25 -5.90
CA PRO A 135 7.72 4.28 -9.29
CA PHE A 136 9.70 6.64 -11.55
CA LYS A 137 11.71 6.84 -14.81
CA THR A 138 15.40 6.95 -15.83
CA GLU A 139 16.07 10.69 -15.77
CA ASN A 140 14.13 10.40 -12.62
CA ALA A 141 16.57 7.80 -11.38
CA GLN A 142 19.20 10.45 -10.88
CA LYS A 143 17.01 13.21 -9.51
CA ARG A 144 16.17 13.93 -5.89
CA LYS A 145 13.29 11.97 -4.43
CA SER A 146 11.08 13.44 -1.76
CA LEU A 147 8.07 12.83 0.44
CA TYR A 148 6.21 15.88 1.63
CA LYS A 149 3.02 16.87 3.41
CA GLN A 150 0.55 19.05 1.60
CA ILE A 151 -1.06 22.14 3.12
CA GLY A 152 0.26 25.62 3.49
CA LEU A 153 2.17 27.53 0.90
CA TYR A 154 4.62 24.76 0.34
CA PRO A 155 4.34 21.08 0.82
CA VAL A 156 6.74 20.39 3.66
CA LEU A 157 9.45 17.90 2.87
CA VAL A 158 9.46 15.23 5.55
CA ILE A 159 12.27 13.16 4.06
CA ASP A 160 14.44 13.48 0.97
CA SER A 161 16.96 11.37 -0.93
CA SER A 162 19.28 14.34 -0.50
CA GLY A 163 20.11 13.32 3.03
CA TYR A 164 17.51 15.54 4.63
CA VAL A 165 15.33 14.12 7.36
CA ASN A 166 12.71 16.11 9.26
CA PRO A 167 12.91 16.03 12.99
CA ASN A 168 9.45 14.60 13.24
CA TYR A 169 10.51 11.78 10.94
CA THR A 170 14.07 11.35 12.19
CA GLY A 171 14.42 7.74 13.29
CA ARG A 172 10.74 7.15 12.55
CA ILE A 173 11.04 6.85 8.80
CA ARG A 174 13.37 5.96 5.96
CA LEU A 175 13.38 6.69 2.24
CA ASP A 176 15.20 4.27 -0.02
CA ILE A 177 15.96 4.74 -3.67
CA GLN A 178 15.92 1.89 -6.12
CA GLY A 179 17.84 2.36 -9.30
CA THR A 180 16.31 3.13 -12.63
CA GLY A 181 15.66 -0.50 -13.32
CA GLN A 182 13.67 -0.84 -10.15
CA LEU A 183 12.43 2.71 -10.77
CA LEU A 184 11.10 2.80 -7.27
CA PHE A 185 11.77 4.51 -4.01
CA SER A 186 10.23 3.47 -0.77
CA VAL A 187 9.21 5.51 2.21
CA VAL A 188 8.92 3.50 5.38
CA ILE A 189 7.08 5.15 8.24
CA ASN A 190 6.71 3.58 11.63
CA GLN A 191 4.80 4.29 14.80
CA LEU A 192 2.00 5.96 12.92
CA ARG A 193 0.08 8.43 15.03
CA LEU A 194 -3.17 10.29 14.59
CA SER A 195 -1.19 13.29 13.41
CA ASP A 196 0.01 11.23 10.46
CA ALA A 197 -3.31 11.18 8.66
CA GLY A 198 -3.28 13.71 5.88
CA GLN A 199 -2.29 14.29 2.28
CA TYR A 200 1.26 13.83 1.10
CA LEU A 201 3.06 13.60 -2.19
CA CYS A 202 6.03 11.63 -3.41
CA GLN A 203 7.97 13.15 -6.22
CA ALA A 204 11.23 13.83 -7.95
CA GLY A 205 13.19 17.03 -8.27
CA ASP A 206 11.99 20.12 -6.48
CA ASP A 207 8.65 20.18 -4.73
CA SER A 208 7.37 23.12 -6.73
CA ASN A 209 7.55 21.09 -9.85
CA SER A 210 4.47 19.01 -10.42
CA ASN A 211 6.41 15.84 -10.89
CA LYS A 212 4.81 13.90 -8.10
CA LYS A 213 1.79 11.92 -7.10
CA ASN A 214 -0.61 12.70 -4.32
CA ALA A 215 -1.11 10.10 -1.66
CA ASP A 216 -3.71 10.22 1.05
CA LEU A 217 -2.72 8.58 4.28
CA GLN A 218 -5.46 7.59 6.62
CA VAL A 219 -4.46 6.57 10.10
CA LEU A 220 -4.31 5.87 13.79
CA LYS A 221 -7.91 5.07 15.58
CA PRO A 222 -7.49 1.49 16.64
CA GLU A 223 -10.00 -0.07 18.98
CA PRO A 224 -11.66 -3.32 19.73
CA GLU A 225 -13.84 -4.12 16.79
CA LEU A 226 -16.14 -6.18 18.90
CA VAL A 227 -16.49 -6.49 22.62
CA TYR A 228 -18.64 -9.14 24.21
CA GLU A 229 -19.37 -9.53 27.87
CA ASP A 230 -21.90 -10.98 30.24
CA LEU A 231 -24.55 -9.09 32.13
CA ARG A 232 -23.53 -7.51 35.40
CA GLY A 233 -19.95 -7.65 34.27
CA SER A 234 -17.62 -4.72 33.98
CA VAL A 235 -15.97 -3.95 30.69
CA THR A 236 -13.23 -1.69 29.52
CA PHE A 237 -12.61 -0.41 26.04
CA HIS A 238 -9.21 0.76 24.96
CA CYS A 239 -8.85 3.13 22.04
CA ALA A 240 -5.57 4.35 20.51
CA LEU A 241 -4.63 7.61 18.77
CA GLY A 242 -1.87 10.03 17.49
CA PRO A 243 -0.33 13.36 18.41
CA GLU A 244 -2.94 15.98 17.67
CA VAL A 245 -5.06 13.52 19.47
CA ALA A 246 -3.16 13.65 22.73
CA ASN A 247 -4.60 17.04 23.68
CA VAL A 248 -7.88 16.69 21.80
CA ALA A 249 -11.09 15.82 23.63
CA LYS A 250 -11.84 12.12 23.85
CA PHE A 251 -15.34 10.84 23.75
CA LEU A 252 -17.38 7.69 23.85
CA CYS A 253 -20.75 7.83 22.20
CA ARG A 254 -23.60 5.52 21.38
CA GLN A 255 -24.68 5.39 17.79
CA SER A 256 -28.27 6.27 17.22
CA SER A 257 -30.59 6.49 14.29
CA GLY A 258 -29.71 9.34 12.01
CA GLU A 259 -26.26 10.76 11.87
CA ASN A 260 -25.94 11.55 15.53
CA CYS A 261 -24.05 9.82 18.26
CA ASP A 262 -24.81 10.86 21.79
CA VAL A 263 -21.81 11.29 23.96
CA VAL A 264 -22.02 9.04 26.96
CA VAL A 265 -18.87 10.46 28.51
CA ASN A 266 -16.02 12.76 27.54
CA THR A 267 -12.55 13.76 28.63
CA LEU A 268 -14.09 17.23 28.80
CA GLY A 269 -15.68 16.49 32.11
CA LYS A 270 -19.16 15.77 30.93
CA ARG A 271 -20.69 12.57 32.22
CA ALA A 272 -24.14 11.45 31.13
CA PRO A 273 -26.51 10.57 33.86
CA ALA A 274 -27.01 7.06 32.56
CA PHE A 275 -23.27 6.65 32.85
CA GLU A 276 -22.73 8.74 35.97
CA GLY A 277 -21.03 6.67 38.62
CA ARG A 278 -21.33 3.66 36.34
CA ILE A 279 -18.49 4.53 34.00
CA LEU A 280 -15.12 6.25 33.82
CA LEU A 281 -13.05 7.47 30.90
CA ASN A 282 -9.39 8.09 31.45
CA PRO A 283 -6.81 9.21 29.01
CA GLN A 284 -3.17 8.28 28.95
CA ASP A 285 -1.25 10.51 26.60
CA LYS A 286 1.99 8.62 26.83
CA ASP A 287 0.56 5.30 25.79
CA GLY A 288 -1.71 7.03 23.32
CA SER A 289 -4.79 5.41 24.66
CA PHE A 290 -7.82 6.22 26.68
CA SER A 291 -9.94 3.69 28.41
CA VAL A 292 -13.63 3.65 29.02
CA VAL A 293 -14.65 1.51 31.95
CA ILE A 294 -18.27 0.54 32.20
CA THR A 295 -19.78 -1.46 35.00
CA GLY A 296 -23.15 -3.01 35.66
CA LEU A 297 -23.44 -4.07 32.05
CA ARG A 298 -27.05 -4.57 31.07
CA LYS A 299 -28.85 -5.75 27.99
CA GLU A 300 -29.38 -2.09 27.26
CA ASP A 301 -25.64 -1.81 26.74
CA ALA A 302 -25.47 -3.98 23.64
CA GLY A 303 -25.21 -1.79 20.57
CA ARG A 304 -22.81 0.21 18.42
CA TYR A 305 -20.59 2.86 19.91
CA LEU A 306 -17.78 5.10 18.77
CA CYS A 307 -14.75 6.34 20.56
CA GLY A 308 -12.97 9.20 18.98
CA ALA A 309 -11.28 12.53 19.34
CA HIS A 310 -12.52 16.04 18.79
CA SER A 311 -16.15 16.52 17.94
CA ASP A 312 -18.32 13.56 17.05
CA GLY A 313 -19.47 13.83 13.47
CA GLN A 314 -15.89 14.67 12.65
CA LEU A 315 -15.82 10.94 12.13
CA GLN A 316 -12.36 10.83 13.53
CA GLU A 317 -13.38 7.80 15.48
CA GLY A 318 -13.56 4.03 15.52
CA SER A 319 -16.70 1.99 15.76
CA PRO A 320 -16.92 -0.51 18.51
CA ILE A 321 -19.62 -3.13 18.64
CA GLN A 322 -20.68 -4.19 22.08
CA ALA A 323 -22.71 -7.26 22.76
CA TRP A 324 -23.87 -8.48 26.11
CA GLN A 325 -25.15 -12.19 26.66
CA LEU A 326 -25.24 -15.06 29.36
CA PHE A 327 -24.95 -18.30 27.37
CA VAL A 328 -23.14 -19.11 24.21
CA ASN A 329 -25.25 -20.27 21.24
CA GLU A 330 -23.21 -21.91 18.48
CA GLU A 331 -20.57 -24.73 18.88
CA SER A 332 -16.94 -25.64 18.09
CA THR A 333 -15.25 -24.91 14.68
CA ILE A 334 -15.45 -21.07 13.72
CA PRO A 335 -16.13 -20.35 9.88
CA ARG A 336 -17.16 -17.29 10.87
CA SER A 337 -20.67 -16.41 9.13
CA PRO A 338 -22.79 -13.45 8.39
CA THR A 339 -25.29 -12.91 11.16
CA VAL A 340 -27.71 -11.29 8.80
CA VAL A 341 -27.88 -11.20 5.06
CA LYS A 342 -30.21 -9.01 3.11
CA GLY A 343 -31.07 -9.31 -0.52
CA VAL A 344 -33.87 -8.34 -2.75
CA ALA A 345 -36.26 -10.27 -4.97
CA GLY A 346 -34.79 -12.19 -7.91
CA SER A 347 -31.16 -11.45 -7.00
CA SER A 348 -28.70 -14.19 -6.05
CA VAL A 349 -26.89 -14.41 -2.77
CA ALA A 350 -23.87 -16.20 -1.43
CA VAL A 351 -23.16 -17.06 2.16
CA LEU A 352 -19.72 -17.98 3.40
CA CYS A 353 -19.02 -19.77 6.66
CA PRO A 354 -15.60 -20.51 8.18
CA TYR A 355 -14.46 -23.68 10.07
CA ASN A 356 -11.53 -25.74 11.69
CA ARG A 357 -9.36 -28.82 10.95
CA LYS A 358 -11.52 -31.76 11.92
CA GLU A 359 -14.13 -29.72 10.26
CA SER A 360 -12.32 -29.78 6.93
CA LYS A 361 -13.33 -33.41 6.50
CA SER A 362 -16.78 -33.31 8.06
CA ILE A 363 -20.04 -32.81 6.24
CA LYS A 364 -21.14 -29.24 5.63
CA TYR A 365 -24.75 -28.30 5.58
CA TRP A 366 -27.24 -25.47 5.18
CA CYS A 367 -30.57 -25.69 6.99
CA LEU A 368 -33.68 -23.67 7.64
CA TRP A 369 -34.77 -23.37 11.24
CA GLU A 370 -38.14 -24.81 12.12
CA GLY A 371 -40.32 -23.42 14.87
CA ALA A 372 -41.53 -25.82 17.50
CA GLN A 373 -40.70 -26.88 21.00
CA ASN A 374 -38.66 -29.51 19.27
CA GLY A 375 -37.91 -28.51 15.75
CA ARG A 376 -35.25 -29.54 13.36
CA CYS A 377 -33.60 -27.43 10.76
CA PRO A 378 -34.39 -29.08 7.52
CA LEU A 379 -31.33 -30.00 5.53
CA LEU A 380 -31.59 -27.71 2.55
CA VAL A 381 -28.28 -28.67 0.90
CA ASP A 382 -25.30 -30.71 2.05
CA SER A 383 -21.69 -31.40 1.09
CA GLU A 384 -22.71 -35.03 0.91
CA GLY A 385 -24.41 -34.63 -2.41
CA TRP A 386 -27.90 -34.09 -1.09
CA VAL A 387 -29.95 -31.20 -2.37
CA LYS A 388 -33.53 -30.43 -1.39
CA ALA A 389 -36.18 -30.24 -4.05
CA GLN A 390 -36.82 -26.60 -3.47
CA TYR A 391 -33.13 -25.84 -3.84
CA GLU A 392 -32.27 -28.30 -6.59
CA GLY A 393 -30.77 -26.35 -9.45
CA ARG A 394 -31.40 -23.09 -7.61
CA LEU A 395 -28.54 -23.34 -5.14
CA SER A 396 -25.06 -24.73 -4.68
CA LEU A 397 -22.78 -25.55 -1.76
CA LEU A 398 -19.04 -25.53 -2.28
CA GLU A 399 -16.36 -26.35 0.23
CA GLU A 400 -12.79 -25.17 0.04
CA PRO A 401 -10.83 -26.70 2.82
CA GLY A 402 -7.65 -24.71 2.43
CA ASN A 403 -9.54 -21.50 3.04
CA GLY A 404 -11.61 -23.11 5.71
CA THR A 405 -14.79 -21.97 4.12
CA PHE A 406 -17.76 -23.30 2.25
CA THR A 407 -20.12 -21.17 0.26
CA VAL A 408 -23.79 -21.56 -0.33
CA ILE A 409 -24.99 -19.81 -3.41
CA LEU A 410 -28.69 -19.32 -3.86
CA ASN A 411 -30.39 -17.84 -6.88
CA GLN A 412 -33.92 -16.69 -7.63
CA LEU A 413 -34.47 -15.48 -4.12
CA THR A 414 -38.18 -15.32 -3.44
CA SER A 415 -40.40 -14.18 -0.61
CA ARG A 416 -40.29 -17.72 0.71
CA ASP A 417 -36.57 -17.43 1.29
CA ALA A 418 -36.68 -14.92 4.10
CA GLY A 419 -36.14 -16.75 7.35
CA PHE A 420 -33.59 -18.25 9.70
CA TYR A 421 -30.96 -20.64 8.49
CA TRP A 422 -27.90 -22.38 9.86
CA CYS A 423 -24.61 -23.39 8.30
CA LEU A 424 -22.87 -26.08 10.22
CA THR A 425 -20.56 -29.08 10.19
CA ASN A 426 -21.46 -32.72 10.90
CA GLY A 427 -24.92 -33.53 12.19
CA ASP A 428 -27.56 -30.82 12.44
CA THR A 429 -28.38 -31.64 16.05
CA LEU A 430 -24.83 -31.13 17.24
CA TRP A 431 -25.36 -27.39 16.92
CA ARG A 432 -21.82 -26.72 15.82
CA THR A 433 -23.31 -24.19 13.44
CA THR A 434 -23.82 -20.50 13.05
CA VAL A 435 -27.23 -18.94 12.71
CA GLU A 436 -27.87 -16.70 9.76
CA ILE A 437 -30.91 -14.56 9.20
CA LYS A 438 -31.82 -13.95 5.63
CA ILE A 439 -34.23 -11.22 4.68
CA ILE A 440 -35.33 -11.10 1.09
CA GLU A 441 -36.63 -7.72 -0.32
CA GLY A 442 -37.44 -7.61 -4.12
CA GLU A 443 -34.94 -5.06 -5.63
CA PRO A 444 -32.60 -6.59 -4.57
CA ASN A 445 -32.62 -10.26 -4.92
CA LEU A 446 -28.77 -9.63 -5.79
CA LYS A 447 -25.59 -9.95 -3.83
CA VAL A 448 -22.20 -8.55 -4.68
CA PRO A 449 -19.15 -7.02 -3.21
CA GLY A 450 -20.31 -3.47 -3.21
CA ASN A 451 -16.74 -2.45 -2.57
CA VAL A 452 -13.67 -3.30 -4.54
CA THR A 453 -10.22 -1.77 -4.53
CA ALA A 454 -7.48 -2.14 -7.09
CA VAL A 455 -4.47 -0.37 -8.45
CA LEU A 456 -4.23 1.07 -11.89
CA GLY A 457 -3.00 -1.38 -14.46
CA GLU A 458 -4.39 -4.34 -12.57
CA THR A 459 -7.23 -6.64 -13.47
CA LEU A 460 -10.25 -6.97 -11.26
CA LYS A 461 -13.07 -9.46 -11.01
CA VAL A 462 -16.38 -9.11 -9.21
CA PRO A 463 -18.95 -11.76 -8.60
CA CYS A 464 -22.73 -11.30 -8.46
CA HIS A 465 -25.43 -13.69 -7.32
CA PHE A 466 -29.01 -14.08 -8.54
CA PRO A 467 -31.91 -16.45 -8.95
CA CYS A 468 -32.68 -19.08 -11.63
CA LYS A 469 -35.29 -17.09 -13.53
CA PHE A 470 -32.60 -14.52 -13.70
CA SER A 471 -30.39 -17.19 -15.18
CA SER A 472 -32.06 -16.54 -18.52
CA TYR A 473 -32.10 -12.75 -18.05
CA GLU A 474 -29.45 -10.52 -19.56
CA LYS A 475 -26.68 -9.76 -17.11
CA TYR A 476 -25.09 -6.38 -17.11
CA TRP A 477 -22.38 -4.25 -15.57
CA CYS A 478 -23.03 -0.52 -15.62
CA LYS A 479 -21.07 2.56 -14.83
CA TRP A 480 -22.31 5.41 -12.69
CA ASN A 481 -22.51 8.98 -13.91
CA ASN A 482 -24.02 7.90 -17.17
CA THR A 483 -27.49 8.40 -18.48
CA GLY A 484 -29.09 6.05 -16.07
CA CYS A 485 -26.29 3.59 -15.75
CA GLN A 486 -23.80 3.42 -18.55
CA ALA A 487 -23.94 -0.01 -19.99
CA LEU A 488 -20.53 -1.54 -19.88
CA PRO A 489 -20.32 -5.19 -20.65
CA SER A 490 -23.50 -7.23 -20.78
CA GLN A 491 -24.21 -10.84 -21.50
CA ASP A 492 -22.06 -9.96 -24.47
CA GLU A 493 -18.30 -9.27 -24.26
CA GLY A 494 -15.83 -6.37 -24.27
CA PRO A 495 -12.58 -5.09 -22.79
CA SER A 496 -12.85 -7.85 -20.32
CA LYS A 497 -15.12 -10.72 -19.62
CA ALA A 498 -18.46 -11.25 -18.01
CA PHE A 499 -19.18 -14.87 -17.39
CA VAL A 500 -22.49 -16.27 -16.36
CA ASN A 501 -23.08 -19.55 -14.71
CA CYS A 502 -26.58 -20.63 -15.51
CA ASP A 503 -29.11 -22.45 -13.43
CA GLU A 504 -26.52 -24.81 -12.05
CA ASN A 505 -24.60 -22.04 -10.38
CA SER A 506 -26.21 -18.71 -10.39
CA ARG A 507 -23.38 -16.29 -10.49
CA LEU A 508 -21.94 -13.80 -12.91
CA VAL A 509 -18.33 -12.83 -12.85
CA SER A 510 -17.09 -9.66 -14.38
CA LEU A 511 -13.44 -9.31 -14.96
CA THR A 512 -11.88 -6.10 -16.07
CA LEU A 513 -8.42 -5.75 -17.46
CA ASN A 514 -6.01 -2.86 -17.53
CA LEU A 515 -7.78 -0.77 -14.98
CA VAL A 516 -4.83 1.50 -15.44
CA THR A 517 -7.38 4.15 -16.03
CA ARG A 518 -8.53 6.50 -13.33
CA ALA A 519 -11.81 6.51 -15.16
CA ASP A 520 -12.52 3.04 -13.89
CA GLU A 521 -12.86 4.19 -10.32
CA GLY A 522 -16.45 5.05 -9.62
CA TRP A 523 -19.81 3.55 -8.75
CA TYR A 524 -21.11 0.64 -10.76
CA TRP A 525 -24.07 -1.66 -10.79
CA CYS A 526 -24.43 -5.34 -11.51
CA GLY A 527 -27.86 -6.59 -12.37
CA VAL A 528 -30.17 -8.57 -14.56
CA LYS A 529 -32.65 -7.51 -17.21
CA GLN A 530 -32.78 -3.90 -18.28
CA GLY A 531 -30.80 -1.31 -16.36
CA HIS A 532 -33.94 0.71 -15.70
CA PHE A 533 -35.54 -2.13 -13.80
CA TYR A 534 -33.02 -1.50 -11.04
CA GLY A 535 -32.90 -5.14 -10.16
CA GLU A 536 -29.26 -4.82 -9.36
CA THR A 537 -26.62 -4.29 -6.74
CA ALA A 538 -24.39 -1.28 -6.30
CA ALA A 539 -20.67 -1.74 -6.22
CA VAL A 540 -18.06 0.87 -5.56
CA TYR A 541 -14.74 0.47 -7.21
CA VAL A 542 -11.74 2.45 -6.21
CA ALA A 543 -8.76 2.47 -8.49
CA VAL A 544 -7.51 2.68 -5.61
CA GLU A 545 -8.21 5.66 -5.17
CA GLU A 546 -7.41 8.28 -7.92
CA ARG A 547 -5.91 11.04 -5.80
CA LYS A 548 -2.66 11.91 -7.51
CA ALA A 549 -1.88 15.67 -8.19
CA ALA A 550 1.36 16.43 -10.50
CA GLY A 551 1.49 20.17 -11.07
CA SER A 552 1.41 23.01 -12.34
CA ARG A 553 4.84 25.06 -12.39
CA ASP A 554 5.21 28.03 -15.04
CA VAL A 555 8.46 28.19 -17.34
CA SER A 556 9.35 31.57 -18.55
CA LEU A 557 6.84 34.19 -20.07
CA ALA A 558 6.91 37.54 -18.21
CA LYS A 559 7.27 41.00 -20.03
CA ALA A 560 4.03 42.22 -21.94
CA ASP A 561 4.05 46.11 -22.68
CA ALA A 562 2.18 47.88 -25.50
CA ALA A 563 2.97 51.59 -26.54
CA PRO A 564 -0.38 52.95 -28.30
CA ASP A 565 0.36 56.59 -29.74
CA GLU A 566 1.12 56.10 -33.56
CA LYS A 567 -1.77 57.97 -35.61
CA VAL A 568 -3.90 61.11 -34.93
CA LEU A 569 -7.00 62.10 -37.29
CA ASP A 570 -9.07 65.45 -36.93
CA SER A 571 -11.88 67.23 -38.73
CA GLY A 572 -15.02 67.66 -36.25
CA PHE A 573 -17.27 70.84 -35.41
CA ARG A 574 -19.87 71.34 -32.49
CA GLU A 575 -22.02 74.59 -32.34
CA ILE A 576 -25.09 76.30 -30.14
CA GLU A 577 -28.85 76.67 -30.36
CA ASN A 578 -30.56 79.99 -29.05
CA LYS A 579 -32.87 82.08 -31.37
CA ALA A 580 -35.41 84.80 -30.88
CA ILE A 581 -39.29 84.74 -31.43
CA GLN A 582 -41.10 88.16 -31.51
CA ASP A 583 -44.03 86.64 -29.36
CA PRO A 584 -45.92 86.83 -26.78
CA ARG A 585 -48.61 89.48 -27.71
CA LYS A 1 24.84 -6.27 -39.06
CA SER A 2 24.87 -2.69 -37.94
CA PRO A 3 27.37 -0.57 -39.69
CA ILE A 4 27.98 1.70 -36.76
CA PHE A 5 30.50 1.20 -34.00
CA GLY A 6 31.55 2.99 -30.83
CA PRO A 7 32.34 2.46 -27.19
CA GLU A 8 30.57 -0.58 -25.84
CA GLU A 9 30.81 0.80 -22.36
CA VAL A 10 31.76 4.14 -20.92
CA ASN A 11 32.53 4.84 -17.28
CA SER A 12 32.73 8.24 -15.67
CA VAL A 13 32.14 10.18 -12.45
CA GLU A 14 29.28 12.41 -11.32
CA GLY A 15 31.06 15.65 -11.91
CA ASN A 16 32.63 14.97 -15.22
CA SER A 17 31.93 14.99 -18.89
CA VAL A 18 32.20 12.17 -21.35
CA SER A 19 32.85 12.21 -25.03
CA ILE A 20 31.37 9.40 -27.01
CA THR A 21 32.55 8.84 -30.55
CA CYS A 22 30.62 6.64 -32.97
CA TYR A 23 31.79 5.58 -36.36
CA TYR A 24 29.74 5.15 -39.51
CA PRO A 25 30.79 4.35 -43.04
CA PRO A 26 32.04 7.29 -44.96
CA THR A 27 29.19 7.74 -47.36
CA SER A 28 27.54 10.76 -48.78
CA VAL A 29 24.32 9.26 -47.52
CA ASN A 30 25.66 8.97 -44.02
CA ARG A 31 27.38 12.29 -44.21
CA HIS A 32 23.97 13.89 -44.68
CA THR A 33 21.78 11.64 -42.53
CA ARG A 34 20.46 12.61 -39.13
CA LYS A 35 22.76 11.49 -36.33
CA TYR A 36 21.21 10.70 -32.99
CA TRP A 37 21.88 9.81 -29.37
CA CYS A 38 19.02 8.22 -27.47
CA ARG A 39 18.44 6.42 -24.22
CA GLN A 40 16.84 3.01 -23.96
CA GLY A 41 13.91 2.96 -21.64
CA ALA A 42 13.08 0.00 -19.47
CA ARG A 43 10.02 -0.28 -21.66
CA GLY A 44 12.13 -0.93 -24.72
CA GLY A 45 12.10 2.32 -26.69
CA CYS A 46 14.88 4.80 -27.24
CA ILE A 47 14.17 8.43 -26.67
CA THR A 48 16.25 10.93 -28.56
CA LEU A 49 18.34 13.07 -26.23
CA ILE A 50 20.22 14.97 -28.94
CA SER A 51 20.25 14.95 -32.74
CA SER A 52 22.20 16.60 -35.53
CA GLU A 53 18.78 17.85 -36.52
CA GLY A 54 19.06 20.46 -33.81
CA TYR A 55 16.69 18.82 -31.35
CA VAL A 56 18.07 18.84 -27.83
CA SER A 57 16.55 17.23 -24.77
CA SER A 58 15.59 19.59 -22.03
CA LYS A 59 17.85 17.69 -19.67
CA TYR A 60 20.69 18.01 -22.18
CA ALA A 61 20.31 21.73 -22.86
CA GLY A 62 23.53 23.64 -22.34
CA ARG A 63 25.40 20.60 -21.06
CA ALA A 64 25.86 18.65 -24.29
CA ASN A 65 26.42 19.03 -28.02
CA LEU A 66 26.62 16.72 -30.99
CA THR A 67 29.15 17.30 -33.74
CA ASN A 68 29.50 15.64 -37.14
CA PHE A 69 32.92 14.97 -38.60
CA PRO A 70 32.40 13.79 -42.11
CA GLU A 71 36.09 13.39 -42.75
CA ASN A 72 36.42 10.90 -39.92
CA GLY A 73 33.11 9.27 -40.63
CA THR A 74 32.23 9.88 -37.04
CA PHE A 75 30.27 12.17 -34.76
CA VAL A 76 30.86 13.01 -31.13
CA VAL A 77 28.43 13.49 -28.31
CA ASN A 78 29.76 15.53 -25.44
CA ILE A 79 27.97 15.27 -22.16
CA ALA A 80 28.86 17.46 -19.23
CA GLN A 81 27.60 17.66 -15.69
CA LEU A 82 27.05 13.92 -15.64
CA SER A 83 24.85 12.76 -12.79
CA GLN A 84 24.09 9.36 -11.35
CA ASP A 85 20.83 9.40 -13.25
CA ASP A 86 22.84 9.44 -16.46
CA SER A 87 23.85 5.85 -15.88
CA GLY A 88 21.97 3.67 -18.31
CA ARG A 89 21.90 2.29 -21.83
CA TYR A 90 21.98 4.51 -24.87
CA LYS A 91 22.37 4.19 -28.61
CA CYS A 92 24.07 6.28 -31.24
CA GLY A 93 22.86 5.85 -34.78
CA LEU A 94 21.95 7.33 -38.13
CA GLY A 95 18.70 7.94 -39.91
CA ILE A 96 15.36 7.14 -38.40
CA ASN A 97 15.52 5.55 -34.99
CA SER A 98 13.49 2.78 -36.61
CA ARG A 99 16.17 1.40 -39.02
CA GLY A 100 18.42 -0.23 -36.46
CA LEU A 101 21.53 1.35 -37.81
CA SER A 102 22.93 2.15 -34.42
CA PHE A 103 25.35 1.14 -31.70
CA ASP A 104 24.54 0.28 -28.09
CA VAL A 105 26.49 2.16 -25.48
CA SER A 106 26.32 1.56 -21.79
CA LEU A 107 27.19 4.46 -19.57
CA GLU A 108 27.85 4.07 -15.90
CA VAL A 109 28.25 7.24 -13.90
CA SER A 110 25.03 6.93 -11.84
CA GLN A 111 21.22 5.78 -11.87
CA GLY A 112 17.47 6.73 -12.49
CA PRO A 113 13.64 6.12 -11.79
CA GLY A 114 10.06 8.23 -11.65
CA LEU A 115 7.29 8.65 -9.06
CA LEU A 116 4.31 8.85 -11.63
CA ASN A 117 2.40 6.10 -9.95
CA ASP A 118 1.81 5.49 -6.27
CA THR A 119 -0.98 4.32 -4.02
CA LYS A 120 -3.69 6.91 -4.15
CA VAL A 121 -4.70 6.16 -0.63
CA TYR A 122 -3.06 4.20 2.11
CA THR A 123 -4.82 3.18 5.28
CA VAL A 124 -3.18 1.99 8.45
CA ASP A 125 -3.90 1.47 12.13
CA LEU A 126 -2.15 3.71 14.57
CA GLY A 127 0.63 1.54 15.95
CA ARG A 128 1.53 -0.04 12.63
CA THR A 129 4.28 0.85 10.21
CA VAL A 130 3.56 1.65 6.62
CA THR A 131 5.52 1.57 3.40
CA ILE A 132 4.81 3.72 0.40
CA ASN A 133 6.30 2.88 -2.96
CA CYS A 134 6.42 5.25 -5.90
CA PRO A 135 7.72 4.28 -9.29
CA PHE A 136 9.70 6.64 -11.55
CA LYS A 137 11.71 6.84 -14.81
CA THR A 138 15.40 6.95 -15.83
CA GLU A 139 16.07 10.69 -15.77
CA ASN A 140 14.13 10.40 -12.62
CA ALA A 141 16.57 7.80 -11.38
CA GLN A 142 19.20 10.45 -10.88
CA LYS A 143 17.01 13.21 -9.51
CA ARG A 144 16.17 13.93 -5.89
CA LYS A 145 13.29 11.97 -4.43
CA SER A 146 11.08 13.44 -1.76
CA LEU A 147 8.07 12.83 0.44
CA TYR A 148 6.21 15.88 1.63
CA LYS A 149 3.02 16.87 3.41
CA GLN A 150 0.55 19.05 1.60
CA ILE A 151 -1.06 22.14 3.12
CA GLY A 152 0.26 25.62 3.49
CA LEU A 153 2.17 27.53 0.90
CA TYR A 154 4.62 24.76 0.34
CA PRO A 155 4.34 21.08 0.82
CA VAL A 156 6.74 20.39 3.66
CA LEU A 157 9.45 17.90 2.87
CA VAL A 158 9.46 15.23 5.55
CA ILE A 159 12.27 13.16 4.06
CA ASP A 160 14.44 13.48 0.97
CA SER A 161 16.96 11.37 -0.93
CA SER A 162 19.28 14.34 -0.50
CA GLY A 163 20.11 13.32 3.03
CA TYR A 164 17.51 15.54 4.63
CA VAL A 165 15.33 14.12 7.36
CA ASN A 166 12.71 16.11 9.26
CA PRO A 167 12.91 16.03 12.99
CA ASN A 168 9.45 14.60 13.24
CA TYR A 169 10.51 11.78 10.94
CA THR A 170 14.07 11.35 12.19
CA GLY A 171 14.42 7.74 13.29
CA ARG A 172 10.74 7.15 12.55
CA ILE A 173 11.04 6.85 8.80
CA ARG A 174 13.37 5.96 5.96
CA LEU A 175 13.38 6.69 2.24
CA ASP A 176 15.20 4.27 -0.02
CA ILE A 177 15.96 4.74 -3.67
CA GLN A 178 15.92 1.89 -6.12
CA GLY A 179 17.84 2.36 -9.30
CA THR A 180 16.31 3.13 -12.63
CA GLY A 181 15.66 -0.50 -13.32
CA GLN A 182 13.67 -0.84 -10.15
CA LEU A 183 12.43 2.71 -10.77
CA LEU A 184 11.10 2.80 -7.27
CA PHE A 185 11.77 4.51 -4.01
CA SER A 186 10.23 3.47 -0.77
CA VAL A 187 9.21 5.51 2.21
CA VAL A 188 8.92 3.50 5.38
CA ILE A 189 7.08 5.15 8.24
CA ASN A 190 6.71 3.58 11.63
CA GLN A 191 4.80 4.29 14.80
CA LEU A 192 2.00 5.96 12.92
CA ARG A 193 0.08 8.43 15.03
CA LEU A 194 -3.17 10.29 14.59
CA SER A 195 -1.19 13.29 13.41
CA ASP A 196 0.01 11.23 10.46
CA ALA A 197 -3.31 11.18 8.66
CA GLY A 198 -3.28 13.71 5.88
CA GLN A 199 -2.29 14.29 2.28
CA TYR A 200 1.26 13.83 1.10
CA LEU A 201 3.06 13.60 -2.19
CA CYS A 202 6.03 11.63 -3.41
CA GLN A 203 7.97 13.15 -6.22
CA ALA A 204 11.23 13.83 -7.95
CA GLY A 205 13.19 17.03 -8.27
CA ASP A 206 11.99 20.12 -6.48
CA ASP A 207 8.65 20.18 -4.73
CA SER A 208 7.37 23.12 -6.73
CA ASN A 209 7.55 21.09 -9.85
CA SER A 210 4.47 19.01 -10.42
CA ASN A 211 6.41 15.84 -10.89
CA LYS A 212 4.81 13.90 -8.10
CA LYS A 213 1.79 11.92 -7.10
CA ASN A 214 -0.61 12.70 -4.32
CA ALA A 215 -1.11 10.10 -1.66
CA ASP A 216 -3.71 10.22 1.05
CA LEU A 217 -2.72 8.58 4.28
CA GLN A 218 -5.46 7.59 6.62
CA VAL A 219 -4.46 6.57 10.10
CA LEU A 220 -4.31 5.87 13.79
CA LYS A 221 -7.91 5.07 15.58
CA PRO A 222 -7.49 1.49 16.64
CA GLU A 223 -10.00 -0.07 18.98
CA PRO A 224 -11.66 -3.32 19.73
CA GLU A 225 -13.84 -4.12 16.79
CA LEU A 226 -16.14 -6.18 18.90
CA VAL A 227 -16.49 -6.49 22.62
CA TYR A 228 -18.64 -9.14 24.21
CA GLU A 229 -19.37 -9.53 27.87
CA ASP A 230 -21.90 -10.98 30.24
CA LEU A 231 -24.55 -9.09 32.13
CA ARG A 232 -23.53 -7.51 35.40
CA GLY A 233 -19.95 -7.65 34.27
CA SER A 234 -17.62 -4.72 33.98
CA VAL A 235 -15.97 -3.95 30.69
CA THR A 236 -13.23 -1.69 29.52
CA PHE A 237 -12.61 -0.41 26.04
CA HIS A 238 -9.21 0.76 24.96
CA CYS A 239 -8.85 3.13 22.04
CA ALA A 240 -5.57 4.35 20.51
CA LEU A 241 -4.63 7.61 18.77
CA GLY A 242 -1.87 10.03 17.49
CA PRO A 243 -0.33 13.36 18.41
CA GLU A 244 -2.94 15.98 17.67
CA VAL A 245 -5.06 13.52 19.47
CA ALA A 246 -3.16 13.65 22.73
CA ASN A 247 -4.60 17.04 23.68
CA VAL A 248 -7.88 16.69 21.80
CA ALA A 249 -11.09 15.82 23.63
CA LYS A 250 -11.84 12.12 23.85
CA PHE A 251 -15.34 10.84 23.75
CA LEU A 252 -17.38 7.69 23.85
CA CYS A 253 -20.75 7.83 22.20
CA ARG A 254 -23.60 5.52 21.38
CA GLN A 255 -24.68 5.39 17.79
CA SER A 256 -28.27 6.27 17.22
CA SER A 257 -30.59 6.49 14.29
CA GLY A 258 -29.71 9.34 12.01
CA GLU A 259 -26.26 10.76 11.87
CA ASN A 260 -25.94 11.55 15.53
CA CYS A 261 -24.05 9.82 18.26
CA ASP A 262 -24.81 10.86 21.79
CA VAL A 263 -21.81 11.29 23.96
CA VAL A 264 -22.02 9.04 26.96
CA VAL A 265 -18.87 10.46 28.51
CA ASN A 266 -16.02 12.76 27.54
CA THR A 267 -12.55 13.76 28.63
CA LEU A 268 -14.09 17.23 28.80
CA GLY A 269 -15.68 16.49 32.11
CA LYS A 270 -19.16 15.77 30.93
CA ARG A 271 -20.69 12.57 32.22
CA ALA A 272 -24.14 11.45 31.13
CA PRO A 273 -26.51 10.57 33.86
CA ALA A 274 -27.01 7.06 32.56
CA PHE A 275 -23.27 6.65 32.85
CA GLU A 276 -22.73 8.74 35.97
CA GLY A 277 -21.03 6.67 38.62
CA ARG A 278 -21.33 3.66 36.34
CA ILE A 279 -18.49 4.53 34.00
CA LEU A 280 -15.12 6.25 33.82
CA LEU A 281 -13.05 7.47 30.90
CA ASN A 282 -9.39 8.09 31.45
CA PRO A 283 -6.81 9.21 29.01
CA GLN A 284 -3.17 8.28 28.95
CA ASP A 285 -1.25 10.51 26.60
CA LYS A 286 1.99 8.62 26.83
CA ASP A 287 0.56 5.30 25.79
CA GLY A 288 -1.71 7.03 23.32
CA SER A 289 -4.79 5.41 24.66
CA PHE A 290 -7.82 6.22 26.68
CA SER A 291 -9.94 3.69 28.41
CA VAL A 292 -13.63 3.65 29.02
CA VAL A 293 -14.65 1.51 31.95
CA ILE A 294 -18.27 0.54 32.20
CA THR A 295 -19.78 -1.46 35.00
CA GLY A 296 -23.15 -3.01 35.66
CA LEU A 297 -23.44 -4.07 32.05
CA ARG A 298 -27.05 -4.57 31.07
CA LYS A 299 -28.85 -5.75 27.99
CA GLU A 300 -29.38 -2.09 27.26
CA ASP A 301 -25.64 -1.81 26.74
CA ALA A 302 -25.47 -3.98 23.64
CA GLY A 303 -25.21 -1.79 20.57
CA ARG A 304 -22.81 0.21 18.42
CA TYR A 305 -20.59 2.86 19.91
CA LEU A 306 -17.78 5.10 18.77
CA CYS A 307 -14.75 6.34 20.56
CA GLY A 308 -12.97 9.20 18.98
CA ALA A 309 -11.28 12.53 19.34
CA HIS A 310 -12.52 16.04 18.79
CA SER A 311 -16.15 16.52 17.94
CA ASP A 312 -18.32 13.56 17.05
CA GLY A 313 -19.47 13.83 13.47
CA GLN A 314 -15.89 14.67 12.65
CA LEU A 315 -15.82 10.94 12.13
CA GLN A 316 -12.36 10.83 13.53
CA GLU A 317 -13.38 7.80 15.48
CA GLY A 318 -13.56 4.03 15.52
CA SER A 319 -16.70 1.99 15.76
CA PRO A 320 -16.92 -0.51 18.51
CA ILE A 321 -19.62 -3.13 18.64
CA GLN A 322 -20.68 -4.19 22.08
CA ALA A 323 -22.71 -7.26 22.76
CA TRP A 324 -23.87 -8.48 26.11
CA GLN A 325 -25.41 -12.07 26.69
CA LEU A 326 -28.36 -12.45 28.98
CA PHE A 327 -29.16 -15.90 26.99
CA VAL A 328 -27.76 -19.21 25.72
CA ASN A 329 -28.37 -19.52 21.91
CA GLU A 330 -26.61 -22.77 20.55
CA GLU A 331 -26.57 -26.32 22.02
CA SER A 332 -24.39 -29.52 22.14
CA THR A 333 -21.10 -28.54 20.08
CA ILE A 334 -18.36 -25.70 20.46
CA PRO A 335 -15.34 -25.90 17.77
CA ARG A 336 -15.14 -22.49 17.70
CA SER A 337 -15.79 -20.56 14.26
CA PRO A 338 -14.07 -17.48 13.10
CA THR A 339 -15.44 -14.47 14.90
CA VAL A 340 -14.60 -12.23 12.00
CA VAL A 341 -13.68 -12.99 8.45
CA LYS A 342 -12.41 -10.43 6.01
CA GLY A 343 -12.15 -10.78 2.31
CA VAL A 344 -12.07 -8.54 -0.66
CA ALA A 345 -14.28 -8.14 -3.71
CA GLY A 346 -14.49 -11.07 -6.13
CA SER A 347 -12.43 -13.43 -3.98
CA SER A 348 -13.85 -16.63 -2.50
CA VAL A 349 -14.01 -17.41 1.18
CA ALA A 350 -14.48 -20.47 3.29
CA VAL A 351 -15.76 -20.59 6.82
CA LEU A 352 -15.26 -23.58 9.07
CA CYS A 353 -17.28 -24.27 12.22
CA PRO A 354 -16.70 -27.08 14.72
CA TYR A 355 -19.35 -29.17 16.61
CA ASN A 356 -20.13 -32.24 18.94
CA ARG A 357 -21.58 -35.79 18.72
CA LYS A 358 -25.32 -35.29 18.63
CA GLU A 359 -24.38 -32.52 16.36
CA SER A 360 -22.77 -34.86 13.86
CA LYS A 361 -26.22 -36.02 12.80
CA SER A 362 -28.12 -32.75 13.09
CA ILE A 363 -28.75 -30.27 10.31
CA LYS A 364 -26.07 -27.68 9.70
CA TYR A 365 -26.92 -24.26 8.49
CA TRP A 366 -25.56 -20.85 7.52
CA CYS A 367 -27.73 -17.78 8.07
CA LEU A 368 -27.61 -14.04 7.80
CA TRP A 369 -28.74 -12.08 10.83
CA GLU A 370 -31.75 -9.85 10.38
CA GLY A 371 -32.26 -6.66 12.33
CA ALA A 372 -35.51 -6.26 14.17
CA GLN A 373 -36.90 -6.62 17.63
CA ASN A 374 -37.77 -10.07 16.48
CA GLY A 375 -35.71 -11.05 13.52
CA ARG A 376 -34.75 -14.36 12.11
CA CYS A 377 -31.55 -15.26 10.41
CA PRO A 378 -32.51 -16.27 6.98
CA LEU A 379 -31.40 -19.75 6.06
CA LEU A 380 -28.83 -19.09 3.39
CA VAL A 381 -27.71 -22.71 2.89
CA ASP A 382 -28.35 -25.92 4.80
CA SER A 383 -27.03 -29.48 5.06
CA GLU A 384 -30.55 -30.55 4.22
CA GLY A 385 -30.18 -29.79 0.57
CA TRP A 386 -31.65 -26.32 0.68
CA VAL A 387 -29.82 -23.47 -0.96
CA LYS A 388 -31.06 -19.91 -1.20
CA ALA A 389 -31.48 -18.30 -4.57
CA GLN A 390 -28.80 -15.73 -3.92
CA TYR A 391 -26.37 -18.46 -2.95
CA GLU A 392 -27.38 -21.12 -5.46
CA GLY A 393 -24.32 -22.06 -7.45
CA ARG A 394 -22.29 -19.40 -5.66
CA LEU A 395 -21.80 -21.25 -2.40
CA SER A 396 -21.49 -24.71 -0.90
CA LEU A 397 -21.85 -26.27 2.54
CA LEU A 398 -19.99 -29.46 3.32
CA GLU A 399 -20.06 -31.45 6.51
CA GLU A 400 -17.36 -33.80 7.65
CA PRO A 401 -18.44 -35.52 10.78
CA GLY A 402 -15.19 -37.18 11.68
CA ASN A 403 -13.46 -33.84 11.88
CA GLY A 404 -16.46 -32.31 13.55
CA THR A 405 -16.56 -29.49 11.07
CA PHE A 406 -18.61 -28.22 8.20
CA THR A 407 -17.39 -25.68 5.73
CA VAL A 408 -19.28 -23.02 3.89
CA ILE A 409 -17.57 -21.89 0.74
CA LEU A 410 -18.76 -18.73 -0.89
CA ASN A 411 -17.53 -17.32 -4.17
CA GLN A 412 -18.00 -14.04 -5.97
CA LEU A 413 -18.10 -12.08 -2.76
CA THR A 414 -19.84 -8.79 -3.37
CA SER A 415 -20.59 -5.68 -1.38
CA ARG A 416 -23.89 -7.27 -0.42
CA ASP A 417 -22.06 -10.03 1.41
CA ALA A 418 -20.67 -7.93 4.23
CA GLY A 419 -22.78 -8.52 7.29
CA PHE A 420 -23.47 -10.79 10.23
CA TYR A 421 -23.99 -14.48 9.78
CA TRP A 422 -24.39 -17.54 11.95
CA CYS A 423 -23.35 -21.15 11.52
CA LEU A 424 -25.31 -23.48 13.67
CA THR A 425 -26.79 -26.93 14.17
CA ASN A 426 -30.48 -27.91 14.21
CA GLY A 427 -33.09 -25.17 14.17
CA ASP A 428 -32.07 -21.54 13.75
CA THR A 429 -34.04 -20.40 16.77
CA LEU A 430 -32.25 -22.74 19.14
CA TRP A 431 -29.23 -20.46 18.98
CA ARG A 432 -26.75 -23.29 19.23
CA THR A 433 -24.70 -21.36 16.70
CA THR A 434 -21.70 -19.12 16.48
CA VAL A 435 -21.86 -15.61 15.15
CA GLU A 436 -19.52 -14.66 12.38
CA ILE A 437 -18.97 -11.20 11.00
CA LYS A 438 -17.97 -11.03 7.41
CA ILE A 439 -16.53 -7.89 5.93
CA ILE A 440 -16.05 -7.82 2.21
CA GLU A 441 -13.42 -5.36 0.74
CA GLY A 442 -12.77 -5.58 -3.08
CA GLU A 443 -9.06 -6.68 -3.42
CA PRO A 444 -9.54 -9.13 -1.77
CA ASN A 445 -12.60 -11.09 -2.44
CA LEU A 446 -10.05 -14.13 -1.87
CA LYS A 447 -9.35 -16.42 1.01
CA VAL A 448 -6.38 -18.69 1.49
CA PRO A 449 -4.03 -20.03 4.04
CA GLY A 450 -1.54 -17.25 3.96
CA ASN A 451 0.81 -19.49 5.86
CA VAL A 452 2.00 -22.93 4.99
CA THR A 453 4.89 -24.96 6.30
CA ALA A 454 6.47 -28.04 4.80
CA VAL A 455 9.72 -29.92 4.71
CA LEU A 456 11.91 -30.23 1.69
CA GLY A 457 11.02 -33.15 -0.52
CA GLU A 458 7.39 -33.08 0.53
CA THR A 459 4.34 -32.16 -1.48
CA LEU A 460 2.11 -29.29 -0.47
CA LYS A 461 -1.38 -28.21 -1.41
CA VAL A 462 -3.04 -24.87 -0.82
CA PRO A 463 -6.65 -23.99 -1.36
CA CYS A 464 -8.02 -20.62 -2.47
CA HIS A 465 -11.60 -19.35 -2.53
CA PHE A 466 -13.28 -16.93 -4.92
CA PRO A 467 -16.54 -15.88 -6.51
CA CYS A 468 -18.46 -17.27 -9.50
CA LYS A 469 -17.51 -14.58 -11.99
CA PHE A 470 -14.05 -15.51 -11.01
CA SER A 471 -14.93 -19.06 -11.89
CA SER A 472 -14.31 -18.19 -15.52
CA TYR A 473 -11.23 -16.08 -14.76
CA GLU A 474 -7.72 -17.48 -15.08
CA LYS A 475 -6.41 -18.74 -11.78
CA TYR A 476 -2.78 -18.30 -10.93
CA TRP A 477 -0.10 -19.03 -8.39
CA CYS A 478 2.78 -16.59 -8.33
CA LYS A 479 6.13 -16.41 -6.65
CA TRP A 480 7.44 -13.38 -4.82
CA ASN A 481 10.69 -11.68 -5.72
CA ASN A 482 9.88 -11.81 -9.38
CA THR A 483 9.02 -9.03 -11.73
CA GLY A 484 5.69 -8.34 -10.23
CA CYS A 485 4.81 -11.83 -9.19
CA GLN A 486 6.50 -14.64 -10.98
CA ALA A 487 3.88 -16.66 -12.69
CA LEU A 488 4.13 -20.23 -11.56
CA PRO A 489 1.30 -22.47 -12.53
CA SER A 490 -1.87 -20.95 -13.90
CA GLN A 491 -5.09 -22.42 -15.15
CA ASP A 492 -2.62 -24.45 -17.11
CA GLU A 493 -0.34 -27.13 -15.58
CA GLY A 494 3.27 -27.65 -14.50
CA PRO A 495 5.49 -29.29 -11.90
CA SER A 496 2.41 -29.88 -9.92
CA LYS A 497 -1.26 -29.33 -10.28
CA ALA A 498 -3.66 -26.47 -9.96
CA PHE A 499 -7.22 -27.59 -9.93
CA VAL A 500 -10.19 -25.35 -10.23
CA ASN A 501 -13.67 -26.16 -9.17
CA CYS A 502 -16.01 -24.04 -11.20
CA ASP A 503 -19.24 -22.38 -10.26
CA GLU A 504 -20.40 -25.39 -8.31
CA ASN A 505 -17.57 -25.11 -5.85
CA SER A 506 -15.47 -22.08 -6.11
CA ARG A 507 -12.08 -23.18 -5.03
CA LEU A 508 -8.69 -23.66 -6.59
CA VAL A 509 -6.21 -26.11 -5.21
CA SER A 510 -2.56 -25.86 -5.95
CA LEU A 511 -0.43 -28.82 -5.23
CA THR A 512 3.30 -28.71 -5.45
CA LEU A 513 5.54 -31.71 -5.54
CA ASN A 514 9.12 -32.22 -4.53
CA LEU A 515 9.45 -29.04 -2.57
CA VAL A 516 12.86 -30.40 -1.79
CA THR A 517 14.09 -27.10 -2.98
CA ARG A 518 14.90 -24.25 -0.63
CA ALA A 519 13.84 -22.02 -3.46
CA ASP A 520 10.25 -22.93 -2.82
CA GLU A 521 10.19 -21.16 0.50
CA GLY A 522 9.07 -17.59 0.02
CA TRP A 523 6.04 -15.41 -0.45
CA TYR A 524 3.45 -16.35 -3.02
CA TRP A 525 0.13 -15.12 -4.26
CA CYS A 526 -2.99 -16.91 -5.38
CA GLY A 527 -5.43 -14.96 -7.45
CA VAL A 528 -7.64 -14.63 -10.47
CA LYS A 529 -7.21 -12.72 -13.70
CA GLN A 530 -3.94 -11.00 -14.43
CA GLY A 531 -1.31 -10.81 -11.73
CA HIS A 532 -1.19 -7.03 -12.01
CA PHE A 533 -4.82 -6.71 -11.02
CA TYR A 534 -3.81 -7.77 -7.52
CA GLY A 535 -7.07 -9.52 -6.98
CA GLU A 536 -5.31 -12.14 -4.97
CA THR A 537 -4.27 -13.38 -1.56
CA ALA A 538 -0.80 -13.54 -0.14
CA ALA A 539 0.51 -16.81 1.17
CA VAL A 540 3.78 -17.43 2.90
CA TYR A 541 5.38 -20.77 2.44
CA VAL A 542 8.20 -21.96 4.58
CA ALA A 543 10.15 -24.96 3.47
CA VAL A 544 10.19 -25.15 6.61
CA GLU A 545 12.30 -22.93 7.04
CA GLU A 546 15.59 -22.92 4.96
CA ARG A 547 18.10 -22.19 7.70
CA LYS A 548 20.77 -24.82 7.28
CA ALA A 549 24.50 -23.69 7.25
CA ALA A 550 27.21 -26.52 6.25
CA GLY A 551 30.60 -24.84 6.08
CA SER A 552 33.30 -23.63 5.11
CA ARG A 553 36.64 -25.39 6.42
CA ASP A 554 40.00 -24.82 4.32
CA VAL A 555 42.20 -27.97 3.29
CA SER A 556 45.80 -27.26 2.76
CA LEU A 557 47.25 -24.22 0.72
CA ALA A 558 49.67 -22.09 2.76
CA LYS A 559 53.23 -21.04 1.49
CA ALA A 560 53.24 -18.24 -1.29
CA ASP A 561 56.75 -16.43 -1.65
CA ALA A 562 58.09 -14.68 -4.77
CA ALA A 563 61.87 -13.68 -5.14
CA PRO A 564 61.93 -10.66 -7.81
CA ASP A 565 65.71 -9.74 -8.58
CA GLU A 566 66.60 -11.58 -11.94
CA LYS A 567 67.36 -8.76 -14.68
CA VAL A 568 68.88 -5.22 -14.50
CA LEU A 569 68.89 -2.74 -17.67
CA ASP A 570 70.70 0.77 -17.74
CA SER A 571 71.35 3.55 -20.24
CA GLY A 572 69.65 6.95 -18.94
CA PHE A 573 71.11 10.64 -18.63
CA ARG A 574 69.62 13.77 -16.74
CA GLU A 575 71.35 17.25 -17.05
CA ILE A 576 70.85 21.19 -15.89
CA GLU A 577 69.48 24.40 -17.34
CA ASN A 578 71.19 27.85 -16.40
CA LYS A 579 72.48 30.24 -19.17
CA ALA A 580 73.50 33.85 -19.34
CA ILE A 581 71.79 36.86 -21.17
CA GLN A 582 73.89 40.08 -21.57
CA ASP A 583 70.71 42.23 -20.68
CA PRO A 584 69.36 44.52 -18.89
CA ARG A 585 70.60 47.86 -20.45
CA LYS A 1 24.84 -6.27 -39.06
CA SER A 2 24.87 -2.69 -37.94
CA PRO A 3 27.37 -0.57 -39.69
CA ILE A 4 27.98 1.70 -36.76
CA PHE A 5 30.50 1.20 -34.00
CA GLY A 6 31.55 2.99 -30.83
CA PRO A 7 32.34 2.46 -27.19
CA GLU A 8 30.57 -0.58 -25.84
CA GLU A 9 30.81 0.80 -22.36
CA VAL A 10 31.76 4.14 -20.92
CA ASN A 11 32.53 4.84 -17.28
CA SER A 12 32.73 8.24 -15.67
CA VAL A 13 32.14 10.18 -12.45
CA GLU A 14 29.28 12.41 -11.32
CA GLY A 15 31.06 15.65 -11.91
CA ASN A 16 32.63 14.97 -15.22
CA SER A 17 31.93 14.99 -18.89
CA VAL A 18 32.20 12.17 -21.35
CA SER A 19 32.85 12.21 -25.03
CA ILE A 20 31.37 9.40 -27.01
CA THR A 21 32.55 8.84 -30.55
CA CYS A 22 30.62 6.64 -32.97
CA TYR A 23 31.79 5.58 -36.36
CA TYR A 24 29.74 5.15 -39.51
CA PRO A 25 30.79 4.35 -43.04
CA PRO A 26 32.04 7.29 -44.96
CA THR A 27 29.19 7.74 -47.36
CA SER A 28 27.54 10.76 -48.78
CA VAL A 29 24.32 9.26 -47.52
CA ASN A 30 25.66 8.97 -44.02
CA ARG A 31 27.38 12.29 -44.21
CA HIS A 32 23.97 13.89 -44.68
CA THR A 33 21.78 11.64 -42.53
CA ARG A 34 20.46 12.61 -39.13
CA LYS A 35 22.76 11.49 -36.33
CA TYR A 36 21.21 10.70 -32.99
CA TRP A 37 21.88 9.81 -29.37
CA CYS A 38 19.02 8.22 -27.47
CA ARG A 39 18.44 6.42 -24.22
CA GLN A 40 16.84 3.01 -23.96
CA GLY A 41 13.91 2.96 -21.64
CA ALA A 42 13.08 0.00 -19.47
CA ARG A 43 10.02 -0.28 -21.66
CA GLY A 44 12.13 -0.93 -24.72
CA GLY A 45 12.10 2.32 -26.69
CA CYS A 46 14.88 4.80 -27.24
CA ILE A 47 14.17 8.43 -26.67
CA THR A 48 16.25 10.93 -28.56
CA LEU A 49 18.34 13.07 -26.23
CA ILE A 50 20.22 14.97 -28.94
CA SER A 51 20.25 14.95 -32.74
CA SER A 52 22.20 16.60 -35.53
CA GLU A 53 18.78 17.85 -36.52
CA GLY A 54 19.06 20.46 -33.81
CA TYR A 55 16.69 18.82 -31.35
CA VAL A 56 18.07 18.84 -27.83
CA SER A 57 16.55 17.23 -24.77
CA SER A 58 15.59 19.59 -22.03
CA LYS A 59 17.85 17.69 -19.67
CA TYR A 60 20.69 18.01 -22.18
CA ALA A 61 20.31 21.73 -22.86
CA GLY A 62 23.53 23.64 -22.34
CA ARG A 63 25.40 20.60 -21.06
CA ALA A 64 25.86 18.65 -24.29
CA ASN A 65 26.42 19.03 -28.02
CA LEU A 66 26.62 16.72 -30.99
CA THR A 67 29.15 17.30 -33.74
CA ASN A 68 29.50 15.64 -37.14
CA PHE A 69 32.92 14.97 -38.60
CA PRO A 70 32.40 13.79 -42.11
CA GLU A 71 36.09 13.39 -42.75
CA ASN A 72 36.42 10.90 -39.92
CA GLY A 73 33.11 9.27 -40.63
CA THR A 74 32.23 9.88 -37.04
CA PHE A 75 30.27 12.17 -34.76
CA VAL A 76 30.86 13.01 -31.13
CA VAL A 77 28.43 13.49 -28.31
CA ASN A 78 29.76 15.53 -25.44
CA ILE A 79 27.97 15.27 -22.16
CA ALA A 80 28.86 17.46 -19.23
CA GLN A 81 27.60 17.66 -15.69
CA LEU A 82 27.05 13.92 -15.64
CA SER A 83 24.85 12.76 -12.79
CA GLN A 84 24.09 9.36 -11.35
CA ASP A 85 20.83 9.40 -13.25
CA ASP A 86 22.84 9.44 -16.46
CA SER A 87 23.85 5.85 -15.88
CA GLY A 88 21.97 3.67 -18.31
CA ARG A 89 21.90 2.29 -21.83
CA TYR A 90 21.98 4.51 -24.87
CA LYS A 91 22.37 4.19 -28.61
CA CYS A 92 24.07 6.28 -31.24
CA GLY A 93 22.86 5.85 -34.78
CA LEU A 94 21.95 7.33 -38.13
CA GLY A 95 18.70 7.94 -39.91
CA ILE A 96 15.36 7.14 -38.40
CA ASN A 97 15.52 5.55 -34.99
CA SER A 98 13.49 2.78 -36.61
CA ARG A 99 16.17 1.40 -39.02
CA GLY A 100 18.42 -0.23 -36.46
CA LEU A 101 21.53 1.35 -37.81
CA SER A 102 22.93 2.15 -34.42
CA PHE A 103 25.35 1.14 -31.70
CA ASP A 104 24.54 0.28 -28.09
CA VAL A 105 26.49 2.16 -25.48
CA SER A 106 26.32 1.56 -21.79
CA LEU A 107 27.19 4.46 -19.57
CA GLU A 108 27.85 4.07 -15.90
CA VAL A 109 28.25 7.24 -13.90
CA SER A 110 25.03 6.93 -11.84
CA GLN A 111 21.22 5.78 -11.87
CA GLY A 112 17.47 6.73 -12.49
CA PRO A 113 13.64 6.12 -11.79
CA GLY A 114 10.06 8.23 -11.65
CA LEU A 115 7.29 8.65 -9.06
CA LEU A 116 4.31 8.85 -11.63
CA ASN A 117 2.40 6.10 -9.95
CA ASP A 118 1.81 5.49 -6.27
CA THR A 119 -0.98 4.32 -4.02
CA LYS A 120 -3.69 6.91 -4.15
CA VAL A 121 -4.70 6.16 -0.63
CA TYR A 122 -3.06 4.20 2.11
CA THR A 123 -4.82 3.18 5.28
CA VAL A 124 -3.18 1.99 8.45
CA ASP A 125 -3.90 1.47 12.13
CA LEU A 126 -2.15 3.71 14.57
CA GLY A 127 0.63 1.54 15.95
CA ARG A 128 1.53 -0.04 12.63
CA THR A 129 4.28 0.85 10.21
CA VAL A 130 3.56 1.65 6.62
CA THR A 131 5.52 1.57 3.40
CA ILE A 132 4.81 3.72 0.40
CA ASN A 133 6.30 2.88 -2.96
CA CYS A 134 6.42 5.25 -5.90
CA PRO A 135 7.72 4.28 -9.29
CA PHE A 136 9.70 6.64 -11.55
CA LYS A 137 11.71 6.84 -14.81
CA THR A 138 15.40 6.95 -15.83
CA GLU A 139 16.07 10.69 -15.77
CA ASN A 140 14.13 10.40 -12.62
CA ALA A 141 16.57 7.80 -11.38
CA GLN A 142 19.20 10.45 -10.88
CA LYS A 143 17.01 13.21 -9.51
CA ARG A 144 16.17 13.93 -5.89
CA LYS A 145 13.29 11.97 -4.43
CA SER A 146 11.08 13.44 -1.76
CA LEU A 147 8.07 12.83 0.44
CA TYR A 148 6.21 15.88 1.63
CA LYS A 149 3.02 16.87 3.41
CA GLN A 150 0.55 19.05 1.60
CA ILE A 151 -1.06 22.14 3.12
CA GLY A 152 0.26 25.62 3.49
CA LEU A 153 2.17 27.53 0.90
CA TYR A 154 4.62 24.76 0.34
CA PRO A 155 4.34 21.08 0.82
CA VAL A 156 6.74 20.39 3.66
CA LEU A 157 9.45 17.90 2.87
CA VAL A 158 9.46 15.23 5.55
CA ILE A 159 12.27 13.16 4.06
CA ASP A 160 14.44 13.48 0.97
CA SER A 161 16.96 11.37 -0.93
CA SER A 162 19.28 14.34 -0.50
CA GLY A 163 20.11 13.32 3.03
CA TYR A 164 17.51 15.54 4.63
CA VAL A 165 15.33 14.12 7.36
CA ASN A 166 12.71 16.11 9.26
CA PRO A 167 12.91 16.03 12.99
CA ASN A 168 9.45 14.60 13.24
CA TYR A 169 10.51 11.78 10.94
CA THR A 170 14.07 11.35 12.19
CA GLY A 171 14.42 7.74 13.29
CA ARG A 172 10.74 7.15 12.55
CA ILE A 173 11.04 6.85 8.80
CA ARG A 174 13.37 5.96 5.96
CA LEU A 175 13.38 6.69 2.24
CA ASP A 176 15.20 4.27 -0.02
CA ILE A 177 15.96 4.74 -3.67
CA GLN A 178 15.92 1.89 -6.12
CA GLY A 179 17.84 2.36 -9.30
CA THR A 180 16.31 3.13 -12.63
CA GLY A 181 15.66 -0.50 -13.32
CA GLN A 182 13.67 -0.84 -10.15
CA LEU A 183 12.43 2.71 -10.77
CA LEU A 184 11.10 2.80 -7.27
CA PHE A 185 11.77 4.51 -4.01
CA SER A 186 10.23 3.47 -0.77
CA VAL A 187 9.21 5.51 2.21
CA VAL A 188 8.92 3.50 5.38
CA ILE A 189 7.08 5.15 8.24
CA ASN A 190 6.71 3.58 11.63
CA GLN A 191 4.80 4.29 14.80
CA LEU A 192 2.00 5.96 12.92
CA ARG A 193 0.08 8.43 15.03
CA LEU A 194 -3.17 10.29 14.59
CA SER A 195 -1.19 13.29 13.41
CA ASP A 196 0.01 11.23 10.46
CA ALA A 197 -3.31 11.18 8.66
CA GLY A 198 -3.28 13.71 5.88
CA GLN A 199 -2.29 14.29 2.28
CA TYR A 200 1.26 13.83 1.10
CA LEU A 201 3.06 13.60 -2.19
CA CYS A 202 6.03 11.63 -3.41
CA GLN A 203 7.97 13.15 -6.22
CA ALA A 204 11.23 13.83 -7.95
CA GLY A 205 13.19 17.03 -8.27
CA ASP A 206 11.99 20.12 -6.48
CA ASP A 207 8.65 20.18 -4.73
CA SER A 208 7.37 23.12 -6.73
CA ASN A 209 7.55 21.09 -9.85
CA SER A 210 4.47 19.01 -10.42
CA ASN A 211 6.41 15.84 -10.89
CA LYS A 212 4.81 13.90 -8.10
CA LYS A 213 1.79 11.92 -7.10
CA ASN A 214 -0.61 12.70 -4.32
CA ALA A 215 -1.11 10.10 -1.66
CA ASP A 216 -3.71 10.22 1.05
CA LEU A 217 -2.72 8.58 4.28
CA GLN A 218 -5.46 7.59 6.62
CA VAL A 219 -4.46 6.57 10.10
CA LEU A 220 -4.31 5.87 13.79
CA LYS A 221 -7.91 5.07 15.58
CA PRO A 222 -7.49 1.49 16.64
CA GLU A 223 -10.00 -0.07 18.98
CA PRO A 224 -11.66 -3.32 19.73
CA GLU A 225 -13.84 -4.12 16.79
CA LEU A 226 -16.14 -6.18 18.90
CA VAL A 227 -16.49 -6.49 22.62
CA TYR A 228 -18.64 -9.14 24.21
CA GLU A 229 -19.37 -9.53 27.87
CA ASP A 230 -21.90 -10.98 30.24
CA LEU A 231 -24.55 -9.09 32.13
CA ARG A 232 -23.53 -7.51 35.40
CA GLY A 233 -19.95 -7.65 34.27
CA SER A 234 -17.62 -4.72 33.98
CA VAL A 235 -15.97 -3.95 30.69
CA THR A 236 -13.23 -1.69 29.52
CA PHE A 237 -12.61 -0.41 26.04
CA HIS A 238 -9.21 0.76 24.96
CA CYS A 239 -8.85 3.13 22.04
CA ALA A 240 -5.57 4.35 20.51
CA LEU A 241 -4.63 7.61 18.77
CA GLY A 242 -1.87 10.03 17.49
CA PRO A 243 -0.33 13.36 18.41
CA GLU A 244 -2.94 15.98 17.67
CA VAL A 245 -5.06 13.52 19.47
CA ALA A 246 -3.16 13.65 22.73
CA ASN A 247 -4.60 17.04 23.68
CA VAL A 248 -7.88 16.69 21.80
CA ALA A 249 -11.09 15.82 23.63
CA LYS A 250 -11.84 12.12 23.85
CA PHE A 251 -15.34 10.84 23.75
CA LEU A 252 -17.38 7.69 23.85
CA CYS A 253 -20.75 7.83 22.20
CA ARG A 254 -23.60 5.52 21.38
CA GLN A 255 -24.68 5.39 17.79
CA SER A 256 -28.27 6.27 17.22
CA SER A 257 -30.59 6.49 14.29
CA GLY A 258 -29.71 9.34 12.01
CA GLU A 259 -26.26 10.76 11.87
CA ASN A 260 -25.94 11.55 15.53
CA CYS A 261 -24.05 9.82 18.26
CA ASP A 262 -24.81 10.86 21.79
CA VAL A 263 -21.81 11.29 23.96
CA VAL A 264 -22.02 9.04 26.96
CA VAL A 265 -18.87 10.46 28.51
CA ASN A 266 -16.02 12.76 27.54
CA THR A 267 -12.55 13.76 28.63
CA LEU A 268 -14.09 17.23 28.80
CA GLY A 269 -15.68 16.49 32.11
CA LYS A 270 -19.16 15.77 30.93
CA ARG A 271 -20.69 12.57 32.22
CA ALA A 272 -24.14 11.45 31.13
CA PRO A 273 -26.51 10.57 33.86
CA ALA A 274 -27.01 7.06 32.56
CA PHE A 275 -23.27 6.65 32.85
CA GLU A 276 -22.73 8.74 35.97
CA GLY A 277 -21.03 6.67 38.62
CA ARG A 278 -21.33 3.66 36.34
CA ILE A 279 -18.49 4.53 34.00
CA LEU A 280 -15.12 6.25 33.82
CA LEU A 281 -13.05 7.47 30.90
CA ASN A 282 -9.39 8.09 31.45
CA PRO A 283 -6.81 9.21 29.01
CA GLN A 284 -3.17 8.28 28.95
CA ASP A 285 -1.25 10.51 26.60
CA LYS A 286 1.99 8.62 26.83
CA ASP A 287 0.56 5.30 25.79
CA GLY A 288 -1.71 7.03 23.32
CA SER A 289 -4.79 5.41 24.66
CA PHE A 290 -7.82 6.22 26.68
CA SER A 291 -9.94 3.69 28.41
CA VAL A 292 -13.63 3.65 29.02
CA VAL A 293 -14.65 1.51 31.95
CA ILE A 294 -18.27 0.54 32.20
CA THR A 295 -19.78 -1.46 35.00
CA GLY A 296 -23.15 -3.01 35.66
CA LEU A 297 -23.44 -4.07 32.05
CA ARG A 298 -27.05 -4.57 31.07
CA LYS A 299 -28.85 -5.75 27.99
CA GLU A 300 -29.38 -2.09 27.26
CA ASP A 301 -25.64 -1.81 26.74
CA ALA A 302 -25.47 -3.98 23.64
CA GLY A 303 -25.21 -1.79 20.57
CA ARG A 304 -22.81 0.21 18.42
CA TYR A 305 -20.59 2.86 19.91
CA LEU A 306 -17.78 5.10 18.77
CA CYS A 307 -14.75 6.34 20.56
CA GLY A 308 -12.97 9.20 18.98
CA ALA A 309 -11.28 12.53 19.34
CA HIS A 310 -12.52 16.04 18.79
CA SER A 311 -16.15 16.52 17.94
CA ASP A 312 -18.32 13.56 17.05
CA GLY A 313 -19.47 13.83 13.47
CA GLN A 314 -15.89 14.67 12.65
CA LEU A 315 -15.82 10.94 12.13
CA GLN A 316 -12.36 10.83 13.53
CA GLU A 317 -13.38 7.80 15.48
CA GLY A 318 -13.56 4.03 15.52
CA SER A 319 -16.70 1.99 15.76
CA PRO A 320 -16.92 -0.51 18.51
CA ILE A 321 -19.62 -3.13 18.64
CA GLN A 322 -20.68 -4.19 22.08
CA ALA A 323 -22.71 -7.26 22.76
CA TRP A 324 -23.87 -8.48 26.11
CA GLN A 325 -25.99 -11.39 24.38
CA LEU A 326 -23.63 -14.58 23.88
CA PHE A 327 -22.82 -14.29 20.06
CA VAL A 328 -25.84 -12.53 18.26
CA ASN A 329 -24.72 -10.61 16.22
CA GLU A 330 -21.64 -11.78 15.04
CA GLU A 331 -17.80 -11.03 13.73
CA SER A 332 -17.37 -7.76 15.77
CA THR A 333 -19.90 -7.99 18.69
CA ILE A 334 -18.06 -5.98 21.74
CA PRO A 335 -17.22 -3.39 20.01
CA ARG A 336 -20.29 -3.19 17.50
CA SER A 337 -22.41 -5.28 14.91
CA PRO A 338 -25.40 -4.45 12.87
CA THR A 339 -28.50 -4.53 15.00
CA VAL A 340 -30.64 -5.44 12.05
CA VAL A 341 -29.77 -6.70 8.63
CA LYS A 342 -32.22 -6.99 5.81
CA GLY A 343 -31.77 -8.89 2.62
CA VAL A 344 -33.93 -10.47 0.04
CA ALA A 345 -34.33 -14.00 -1.25
CA GLY A 346 -31.36 -15.60 -3.01
CA SER A 347 -28.98 -12.71 -2.31
CA SER A 348 -25.87 -13.09 -0.14
CA VAL A 349 -25.19 -11.15 3.00
CA ALA A 350 -22.19 -10.38 5.12
CA VAL A 351 -22.20 -9.45 8.77
CA LEU A 352 -19.25 -7.81 10.46
CA CYS A 353 -18.70 -7.71 14.22
CA PRO A 354 -15.95 -5.85 16.07
CA TYR A 355 -13.99 -7.00 19.21
CA ASN A 356 -11.01 -6.38 21.68
CA ARG A 357 -7.50 -7.74 22.46
CA LYS A 358 -8.12 -10.87 24.48
CA GLU A 359 -10.81 -11.34 21.98
CA SER A 360 -8.35 -11.47 19.09
CA LYS A 361 -7.29 -14.92 20.21
CA SER A 362 -10.63 -16.27 21.41
CA ILE A 363 -13.06 -18.33 19.36
CA LYS A 364 -15.54 -16.43 17.24
CA TYR A 365 -18.95 -17.76 16.59
CA TRP A 366 -22.28 -17.14 14.89
CA CYS A 367 -25.44 -18.58 16.44
CA LEU A 368 -29.18 -18.57 16.00
CA TRP A 369 -31.24 -17.77 19.06
CA GLU A 370 -33.57 -20.47 20.30
CA GLY A 371 -36.82 -19.73 22.07
CA ALA A 372 -37.38 -21.37 25.42
CA GLN A 373 -37.15 -20.57 29.07
CA ASN A 374 -33.70 -21.99 28.75
CA GLY A 375 -32.59 -21.97 25.18
CA ARG A 376 -29.20 -22.03 23.61
CA CYS A 377 -28.15 -20.36 20.43
CA PRO A 378 -27.10 -23.11 18.18
CA LEU A 379 -23.55 -22.76 16.94
CA LEU A 380 -24.06 -22.14 13.25
CA VAL A 381 -20.39 -21.55 12.35
CA ASP A 382 -17.26 -21.06 14.42
CA SER A 383 -13.66 -19.87 14.04
CA GLU A 384 -12.69 -23.26 15.37
CA GLY A 385 -13.35 -25.01 12.12
CA TRP A 386 -16.86 -26.12 12.91
CA VAL A 387 -19.62 -25.49 10.41
CA LYS A 388 -23.22 -26.59 10.77
CA ALA A 389 -24.75 -28.82 8.16
CA GLN A 390 -27.23 -26.21 7.08
CA TYR A 391 -24.45 -23.69 6.62
CA GLU A 392 -21.77 -25.99 5.23
CA GLY A 393 -20.68 -24.61 1.89
CA ARG A 394 -23.31 -21.87 2.12
CA LEU A 395 -21.51 -19.66 4.61
CA SER A 396 -18.09 -18.60 5.80
CA LEU A 397 -16.63 -16.98 8.90
CA LEU A 398 -13.40 -15.04 8.62
CA GLU A 399 -11.50 -13.32 11.37
CA GLU A 400 -9.08 -10.49 10.88
CA PRO A 401 -7.48 -9.64 14.14
CA GLY A 402 -5.72 -6.47 13.10
CA ASN A 403 -9.01 -4.89 12.17
CA GLY A 404 -10.69 -6.40 15.16
CA THR A 405 -13.43 -7.84 13.09
CA PHE A 406 -14.70 -11.13 11.81
CA THR A 407 -17.14 -11.49 8.99
CA VAL A 408 -19.81 -14.05 8.43
CA ILE A 409 -20.80 -14.40 4.83
CA LEU A 410 -23.97 -16.26 4.03
CA ASN A 411 -25.25 -17.08 0.58
CA GLN A 412 -28.51 -18.44 -0.77
CA LEU A 413 -30.56 -16.67 1.85
CA THR A 414 -33.88 -18.41 2.20
CA SER A 415 -37.06 -17.87 4.15
CA ARG A 416 -35.61 -20.05 6.87
CA ASP A 417 -32.84 -17.55 7.45
CA ALA A 418 -34.96 -14.78 8.90
CA GLY A 419 -34.52 -14.80 12.65
CA PHE A 420 -32.34 -13.74 15.54
CA TYR A 421 -28.66 -14.47 15.61
CA TRP A 422 -25.67 -13.63 17.75
CA CYS A 423 -22.02 -13.06 16.95
CA LEU A 424 -19.80 -13.50 19.93
CA THR A 425 -16.42 -14.48 21.30
CA ASN A 426 -15.57 -17.52 23.46
CA GLY A 427 -18.40 -19.65 24.79
CA ASP A 428 -21.98 -19.00 23.72
CA THR A 429 -23.26 -18.89 27.29
CA LEU A 430 -20.92 -16.11 28.32
CA TRP A 431 -23.09 -13.68 26.39
CA ARG A 432 -20.19 -11.54 25.31
CA THR A 433 -21.98 -11.24 22.00
CA THR A 434 -24.11 -8.86 20.03
CA VAL A 435 -27.59 -9.69 18.88
CA GLU A 436 -28.39 -9.33 15.24
CA ILE A 437 -31.80 -9.60 13.66
CA LYS A 438 -31.85 -10.80 10.12
CA ILE A 439 -34.90 -10.41 7.97
CA ILE A 440 -34.87 -12.12 4.62
CA GLU A 441 -37.19 -10.75 1.83
CA GLY A 442 -36.86 -12.36 -1.68
CA GLU A 443 -35.61 -9.51 -4.01
CA PRO A 444 -33.23 -9.02 -2.28
CA ASN A 445 -31.36 -11.94 -1.03
CA LEU A 446 -28.24 -9.57 -1.87
CA LYS A 447 -26.00 -7.39 0.19
CA VAL A 448 -23.66 -4.71 -1.00
CA PRO A 449 -22.29 -1.35 -0.17
CA GLY A 450 -24.99 0.70 -1.75
CA ASN A 451 -22.72 3.68 -1.43
CA VAL A 452 -19.21 4.12 -2.68
CA THR A 453 -17.11 7.21 -3.14
CA ALA A 454 -13.95 7.63 -5.16
CA VAL A 455 -11.95 10.22 -6.99
CA LEU A 456 -11.49 10.32 -10.70
CA GLY A 457 -8.55 8.30 -11.90
CA GLU A 458 -8.79 5.90 -9.00
CA THR A 459 -9.75 2.27 -8.97
CA LEU A 460 -12.72 1.03 -6.99
CA LYS A 461 -13.89 -2.36 -5.84
CA VAL A 462 -17.30 -3.35 -4.54
CA PRO A 463 -18.30 -6.61 -2.98
CA CYS A 464 -21.69 -8.32 -3.25
CA HIS A 465 -23.07 -11.28 -1.34
CA PHE A 466 -25.49 -13.99 -2.45
CA PRO A 467 -26.60 -17.55 -1.97
CA CYS A 468 -25.20 -20.87 -3.29
CA LYS A 469 -27.80 -21.45 -5.98
CA PHE A 470 -26.79 -18.04 -7.10
CA SER A 471 -23.24 -19.32 -7.19
CA SER A 472 -24.00 -20.86 -10.56
CA TYR A 473 -26.02 -17.85 -11.76
CA GLU A 474 -24.51 -15.16 -13.94
CA LYS A 475 -23.28 -12.23 -11.91
CA TYR A 476 -23.61 -8.76 -13.28
CA TRP A 477 -22.85 -5.12 -12.67
CA CYS A 478 -25.20 -2.68 -14.35
CA LYS A 479 -25.31 1.04 -14.86
CA TRP A 480 -28.32 3.19 -14.22
CA ASN A 481 -29.90 5.40 -16.86
CA ASN A 482 -29.71 2.67 -19.41
CA THR A 483 -32.45 0.65 -20.98
CA GLY A 484 -33.30 -1.23 -17.89
CA CYS A 485 -29.86 -1.42 -16.40
CA GLN A 486 -26.95 -1.08 -18.72
CA ALA A 487 -24.98 -4.23 -18.56
CA LEU A 488 -21.44 -3.44 -17.64
CA PRO A 489 -19.27 -6.35 -16.74
CA SER A 490 -20.86 -9.73 -16.14
CA GLN A 491 -19.47 -13.11 -15.29
CA ASP A 492 -17.31 -12.21 -18.24
CA GLU A 493 -14.59 -9.50 -18.14
CA GLY A 494 -13.97 -5.91 -19.27
CA PRO A 495 -12.33 -2.64 -18.31
CA SER A 496 -11.89 -4.07 -14.93
CA LYS A 497 -12.56 -7.29 -13.17
CA ALA A 498 -15.50 -9.05 -11.67
CA PHE A 499 -14.50 -11.98 -9.59
CA VAL A 500 -16.83 -14.57 -8.25
CA ASN A 501 -16.17 -16.85 -5.37
CA CYS A 502 -18.32 -19.90 -5.80
CA ASP A 503 -20.11 -22.01 -3.27
CA GLU A 504 -17.20 -21.90 -0.89
CA ASN A 505 -17.43 -18.18 -0.47
CA SER A 506 -20.39 -16.55 -2.00
CA ARG A 507 -19.20 -13.15 -2.98
CA LEU A 508 -18.56 -11.25 -6.16
CA VAL A 509 -16.07 -8.46 -6.33
CA SER A 510 -16.17 -5.87 -9.01
CA LEU A 511 -13.16 -3.74 -9.49
CA THR A 512 -13.14 -0.79 -11.79
CA LEU A 513 -10.06 0.96 -13.01
CA ASN A 514 -9.45 4.47 -14.18
CA LEU A 515 -12.66 5.91 -12.88
CA VAL A 516 -11.21 9.14 -14.11
CA THR A 517 -14.44 9.53 -15.91
CA ARG A 518 -17.31 11.55 -14.54
CA ALA A 519 -19.51 9.12 -16.36
CA ASP A 520 -18.75 6.50 -13.78
CA GLU A 521 -20.60 8.36 -11.06
CA GLY A 522 -24.18 7.22 -10.98
CA TRP A 523 -26.46 4.48 -9.74
CA TYR A 524 -25.54 0.89 -10.36
CA TRP A 525 -26.85 -2.54 -9.55
CA CYS A 526 -25.14 -5.77 -8.64
CA GLY A 527 -27.13 -8.92 -9.06
CA VAL A 528 -27.47 -12.45 -10.31
CA LYS A 529 -29.27 -13.90 -13.28
CA GLN A 530 -30.85 -11.58 -15.80
CA GLY A 531 -31.03 -7.89 -15.07
CA HIS A 532 -34.80 -7.89 -15.52
CA PHE A 533 -35.26 -10.32 -12.67
CA TYR A 534 -34.25 -7.52 -10.31
CA GLY A 535 -32.63 -9.93 -7.95
CA GLU A 536 -29.99 -7.38 -7.19
CA THR A 537 -28.81 -4.62 -4.91
CA ALA A 538 -28.57 -0.95 -5.69
CA ALA A 539 -25.29 0.82 -5.23
CA VAL A 540 -24.60 4.48 -5.62
CA TYR A 541 -21.19 5.50 -6.77
CA VAL A 542 -19.97 9.03 -6.56
CA ALA A 543 -16.87 9.96 -8.46
CA VAL A 544 -16.76 11.75 -5.89
CA GLU A 545 -18.91 13.77 -6.81
CA GLU A 546 -18.75 15.31 -10.37
CA ARG A 547 -19.46 18.95 -9.57
CA LYS A 548 -16.73 20.87 -11.32
CA ALA A 549 -17.74 23.94 -13.50
CA ALA A 550 -14.79 25.58 -15.74
CA GLY A 551 -16.35 28.30 -17.86
CA SER A 552 -17.44 30.00 -20.22
CA ARG A 553 -15.60 33.46 -20.96
CA ASP A 554 -16.01 35.06 -24.61
CA VAL A 555 -12.76 36.24 -26.59
CA SER A 556 -13.33 38.92 -29.07
CA LEU A 557 -16.27 38.99 -31.71
CA ALA A 558 -18.36 42.19 -31.47
CA LYS A 559 -19.26 44.42 -34.57
CA ALA A 560 -21.99 42.88 -36.98
CA ASP A 561 -23.67 45.61 -39.32
CA ALA A 562 -25.30 44.98 -42.72
CA ALA A 563 -26.16 47.90 -45.20
CA PRO A 564 -29.11 46.48 -47.56
CA ASP A 565 -29.88 49.17 -50.37
CA GLU A 566 -27.93 47.98 -53.56
CA LYS A 567 -30.66 47.11 -56.36
CA VAL A 568 -34.14 48.51 -57.21
CA LEU A 569 -36.54 46.75 -59.93
CA ASP A 570 -39.98 48.25 -61.14
CA SER A 571 -42.68 47.43 -63.69
CA GLY A 572 -46.17 46.80 -61.79
CA PHE A 573 -49.81 48.24 -62.51
CA ARG A 574 -53.03 48.12 -60.23
CA GLU A 575 -56.44 49.43 -61.58
CA ILE A 576 -60.42 49.73 -60.51
CA GLU A 577 -63.64 47.82 -61.06
CA ASN A 578 -67.05 49.82 -61.39
CA LYS A 579 -69.33 49.34 -64.49
CA ALA A 580 -72.90 50.14 -65.35
CA ILE A 581 -75.91 47.73 -66.02
CA GLN A 582 -79.06 49.30 -67.66
CA ASP A 583 -81.34 47.19 -65.22
CA PRO A 584 -83.71 47.13 -63.07
CA ARG A 585 -86.98 47.32 -65.18
CA LYS A 1 24.84 -6.27 -39.06
CA SER A 2 24.87 -2.69 -37.94
CA PRO A 3 27.37 -0.57 -39.69
CA ILE A 4 27.98 1.70 -36.76
CA PHE A 5 30.50 1.20 -34.00
CA GLY A 6 31.55 2.99 -30.83
CA PRO A 7 32.34 2.46 -27.19
CA GLU A 8 30.57 -0.58 -25.84
CA GLU A 9 30.81 0.80 -22.36
CA VAL A 10 31.76 4.14 -20.92
CA ASN A 11 32.53 4.84 -17.28
CA SER A 12 32.73 8.24 -15.67
CA VAL A 13 32.14 10.18 -12.45
CA GLU A 14 29.28 12.41 -11.32
CA GLY A 15 31.06 15.65 -11.91
CA ASN A 16 32.63 14.97 -15.22
CA SER A 17 31.93 14.99 -18.89
CA VAL A 18 32.20 12.17 -21.35
CA SER A 19 32.85 12.21 -25.03
CA ILE A 20 31.37 9.40 -27.01
CA THR A 21 32.55 8.84 -30.55
CA CYS A 22 30.62 6.64 -32.97
CA TYR A 23 31.79 5.58 -36.36
CA TYR A 24 29.74 5.15 -39.51
CA PRO A 25 30.79 4.35 -43.04
CA PRO A 26 32.04 7.29 -44.96
CA THR A 27 29.19 7.74 -47.36
CA SER A 28 27.54 10.76 -48.78
CA VAL A 29 24.32 9.26 -47.52
CA ASN A 30 25.66 8.97 -44.02
CA ARG A 31 27.38 12.29 -44.21
CA HIS A 32 23.97 13.89 -44.68
CA THR A 33 21.78 11.64 -42.53
CA ARG A 34 20.46 12.61 -39.13
CA LYS A 35 22.76 11.49 -36.33
CA TYR A 36 21.21 10.70 -32.99
CA TRP A 37 21.88 9.81 -29.37
CA CYS A 38 19.02 8.22 -27.47
CA ARG A 39 18.44 6.42 -24.22
CA GLN A 40 16.84 3.01 -23.96
CA GLY A 41 13.91 2.96 -21.64
CA ALA A 42 13.08 0.00 -19.47
CA ARG A 43 10.02 -0.28 -21.66
CA GLY A 44 12.13 -0.93 -24.72
CA GLY A 45 12.10 2.32 -26.69
CA CYS A 46 14.88 4.80 -27.24
CA ILE A 47 14.17 8.43 -26.67
CA THR A 48 16.25 10.93 -28.56
CA LEU A 49 18.34 13.07 -26.23
CA ILE A 50 20.22 14.97 -28.94
CA SER A 51 20.25 14.95 -32.74
CA SER A 52 22.20 16.60 -35.53
CA GLU A 53 18.78 17.85 -36.52
CA GLY A 54 19.06 20.46 -33.81
CA TYR A 55 16.69 18.82 -31.35
CA VAL A 56 18.07 18.84 -27.83
CA SER A 57 16.55 17.23 -24.77
CA SER A 58 15.59 19.59 -22.03
CA LYS A 59 17.85 17.69 -19.67
CA TYR A 60 20.69 18.01 -22.18
CA ALA A 61 20.31 21.73 -22.86
CA GLY A 62 23.53 23.64 -22.34
CA ARG A 63 25.40 20.60 -21.06
CA ALA A 64 25.86 18.65 -24.29
CA ASN A 65 26.42 19.03 -28.02
CA LEU A 66 26.62 16.72 -30.99
CA THR A 67 29.15 17.30 -33.74
CA ASN A 68 29.50 15.64 -37.14
CA PHE A 69 32.92 14.97 -38.60
CA PRO A 70 32.40 13.79 -42.11
CA GLU A 71 36.09 13.39 -42.75
CA ASN A 72 36.42 10.90 -39.92
CA GLY A 73 33.11 9.27 -40.63
CA THR A 74 32.23 9.88 -37.04
CA PHE A 75 30.27 12.17 -34.76
CA VAL A 76 30.86 13.01 -31.13
CA VAL A 77 28.43 13.49 -28.31
CA ASN A 78 29.76 15.53 -25.44
CA ILE A 79 27.97 15.27 -22.16
CA ALA A 80 28.86 17.46 -19.23
CA GLN A 81 27.60 17.66 -15.69
CA LEU A 82 27.05 13.92 -15.64
CA SER A 83 24.85 12.76 -12.79
CA GLN A 84 24.09 9.36 -11.35
CA ASP A 85 20.83 9.40 -13.25
CA ASP A 86 22.84 9.44 -16.46
CA SER A 87 23.85 5.85 -15.88
CA GLY A 88 21.97 3.67 -18.31
CA ARG A 89 21.90 2.29 -21.83
CA TYR A 90 21.98 4.51 -24.87
CA LYS A 91 22.37 4.19 -28.61
CA CYS A 92 24.07 6.28 -31.24
CA GLY A 93 22.86 5.85 -34.78
CA LEU A 94 21.95 7.33 -38.13
CA GLY A 95 18.70 7.94 -39.91
CA ILE A 96 15.36 7.14 -38.40
CA ASN A 97 15.52 5.55 -34.99
CA SER A 98 13.49 2.78 -36.61
CA ARG A 99 16.17 1.40 -39.02
CA GLY A 100 18.42 -0.23 -36.46
CA LEU A 101 21.53 1.35 -37.81
CA SER A 102 22.93 2.15 -34.42
CA PHE A 103 25.35 1.14 -31.70
CA ASP A 104 24.54 0.28 -28.09
CA VAL A 105 26.49 2.16 -25.48
CA SER A 106 26.32 1.56 -21.79
CA LEU A 107 27.19 4.46 -19.57
CA GLU A 108 27.85 4.07 -15.90
CA VAL A 109 28.25 7.24 -13.90
CA SER A 110 25.03 6.93 -11.84
CA GLN A 111 21.22 5.78 -11.87
CA GLY A 112 17.47 6.73 -12.49
CA PRO A 113 13.64 6.12 -11.79
CA GLY A 114 10.06 8.23 -11.65
CA LEU A 115 7.29 8.65 -9.06
CA LEU A 116 4.31 8.85 -11.63
CA ASN A 117 2.40 6.10 -9.95
CA ASP A 118 1.81 5.49 -6.27
CA THR A 119 -0.98 4.32 -4.02
CA LYS A 120 -3.69 6.91 -4.15
CA VAL A 121 -4.70 6.16 -0.63
CA TYR A 122 -3.06 4.20 2.11
CA THR A 123 -4.82 3.18 5.28
CA VAL A 124 -3.18 1.99 8.45
CA ASP A 125 -3.90 1.47 12.13
CA LEU A 126 -2.15 3.71 14.57
CA GLY A 127 0.63 1.54 15.95
CA ARG A 128 1.53 -0.04 12.63
CA THR A 129 4.28 0.85 10.21
CA VAL A 130 3.56 1.65 6.62
CA THR A 131 5.52 1.57 3.40
CA ILE A 132 4.81 3.72 0.40
CA ASN A 133 6.30 2.88 -2.96
CA CYS A 134 6.42 5.25 -5.90
CA PRO A 135 7.72 4.28 -9.29
CA PHE A 136 9.70 6.64 -11.55
CA LYS A 137 11.71 6.84 -14.81
CA THR A 138 15.40 6.95 -15.83
CA GLU A 139 16.07 10.69 -15.77
CA ASN A 140 14.13 10.40 -12.62
CA ALA A 141 16.57 7.80 -11.38
CA GLN A 142 19.20 10.45 -10.88
CA LYS A 143 17.01 13.21 -9.51
CA ARG A 144 16.17 13.93 -5.89
CA LYS A 145 13.29 11.97 -4.43
CA SER A 146 11.08 13.44 -1.76
CA LEU A 147 8.07 12.83 0.44
CA TYR A 148 6.21 15.88 1.63
CA LYS A 149 3.02 16.87 3.41
CA GLN A 150 0.55 19.05 1.60
CA ILE A 151 -1.06 22.14 3.12
CA GLY A 152 0.26 25.62 3.49
CA LEU A 153 2.17 27.53 0.90
CA TYR A 154 4.62 24.76 0.34
CA PRO A 155 4.34 21.08 0.82
CA VAL A 156 6.74 20.39 3.66
CA LEU A 157 9.45 17.90 2.87
CA VAL A 158 9.46 15.23 5.55
CA ILE A 159 12.27 13.16 4.06
CA ASP A 160 14.44 13.48 0.97
CA SER A 161 16.96 11.37 -0.93
CA SER A 162 19.28 14.34 -0.50
CA GLY A 163 20.11 13.32 3.03
CA TYR A 164 17.51 15.54 4.63
CA VAL A 165 15.33 14.12 7.36
CA ASN A 166 12.71 16.11 9.26
CA PRO A 167 12.91 16.03 12.99
CA ASN A 168 9.45 14.60 13.24
CA TYR A 169 10.51 11.78 10.94
CA THR A 170 14.07 11.35 12.19
CA GLY A 171 14.42 7.74 13.29
CA ARG A 172 10.74 7.15 12.55
CA ILE A 173 11.04 6.85 8.80
CA ARG A 174 13.37 5.96 5.96
CA LEU A 175 13.38 6.69 2.24
CA ASP A 176 15.20 4.27 -0.02
CA ILE A 177 15.96 4.74 -3.67
CA GLN A 178 15.92 1.89 -6.12
CA GLY A 179 17.84 2.36 -9.30
CA THR A 180 16.31 3.13 -12.63
CA GLY A 181 15.66 -0.50 -13.32
CA GLN A 182 13.67 -0.84 -10.15
CA LEU A 183 12.43 2.71 -10.77
CA LEU A 184 11.10 2.80 -7.27
CA PHE A 185 11.77 4.51 -4.01
CA SER A 186 10.23 3.47 -0.77
CA VAL A 187 9.21 5.51 2.21
CA VAL A 188 8.92 3.50 5.38
CA ILE A 189 7.08 5.15 8.24
CA ASN A 190 6.71 3.58 11.63
CA GLN A 191 4.80 4.29 14.80
CA LEU A 192 2.00 5.96 12.92
CA ARG A 193 0.08 8.43 15.03
CA LEU A 194 -3.17 10.29 14.59
CA SER A 195 -1.19 13.29 13.41
CA ASP A 196 0.01 11.23 10.46
CA ALA A 197 -3.31 11.18 8.66
CA GLY A 198 -3.28 13.71 5.88
CA GLN A 199 -2.29 14.29 2.28
CA TYR A 200 1.26 13.83 1.10
CA LEU A 201 3.06 13.60 -2.19
CA CYS A 202 6.03 11.63 -3.41
CA GLN A 203 7.97 13.15 -6.22
CA ALA A 204 11.23 13.83 -7.95
CA GLY A 205 13.19 17.03 -8.27
CA ASP A 206 11.99 20.12 -6.48
CA ASP A 207 8.65 20.18 -4.73
CA SER A 208 7.37 23.12 -6.73
CA ASN A 209 7.55 21.09 -9.85
CA SER A 210 4.47 19.01 -10.42
CA ASN A 211 6.41 15.84 -10.89
CA LYS A 212 4.81 13.90 -8.10
CA LYS A 213 1.79 11.92 -7.10
CA ASN A 214 -0.61 12.70 -4.32
CA ALA A 215 -1.11 10.10 -1.66
CA ASP A 216 -3.71 10.22 1.05
CA LEU A 217 -2.72 8.58 4.28
CA GLN A 218 -5.46 7.59 6.62
CA VAL A 219 -4.46 6.57 10.10
CA LEU A 220 -4.31 5.87 13.79
CA LYS A 221 -7.91 5.07 15.58
CA PRO A 222 -7.49 1.49 16.64
CA GLU A 223 -10.00 -0.07 18.98
CA PRO A 224 -11.66 -3.32 19.73
CA GLU A 225 -13.84 -4.12 16.79
CA LEU A 226 -16.14 -6.18 18.90
CA VAL A 227 -16.49 -6.49 22.62
CA TYR A 228 -18.64 -9.14 24.21
CA GLU A 229 -19.37 -9.53 27.87
CA ASP A 230 -21.90 -10.98 30.24
CA LEU A 231 -24.55 -9.09 32.13
CA ARG A 232 -23.53 -7.51 35.40
CA GLY A 233 -19.95 -7.65 34.27
CA SER A 234 -17.62 -4.72 33.98
CA VAL A 235 -15.97 -3.95 30.69
CA THR A 236 -13.23 -1.69 29.52
CA PHE A 237 -12.61 -0.41 26.04
CA HIS A 238 -9.21 0.76 24.96
CA CYS A 239 -8.85 3.13 22.04
CA ALA A 240 -5.57 4.35 20.51
CA LEU A 241 -4.63 7.61 18.77
CA GLY A 242 -1.87 10.03 17.49
CA PRO A 243 -0.33 13.36 18.41
CA GLU A 244 -2.94 15.98 17.67
CA VAL A 245 -5.06 13.52 19.47
CA ALA A 246 -3.16 13.65 22.73
CA ASN A 247 -4.60 17.04 23.68
CA VAL A 248 -7.88 16.69 21.80
CA ALA A 249 -11.09 15.82 23.63
CA LYS A 250 -11.84 12.12 23.85
CA PHE A 251 -15.34 10.84 23.75
CA LEU A 252 -17.38 7.69 23.85
CA CYS A 253 -20.75 7.83 22.20
CA ARG A 254 -23.60 5.52 21.38
CA GLN A 255 -24.68 5.39 17.79
CA SER A 256 -28.27 6.27 17.22
CA SER A 257 -30.59 6.49 14.29
CA GLY A 258 -29.71 9.34 12.01
CA GLU A 259 -26.26 10.76 11.87
CA ASN A 260 -25.94 11.55 15.53
CA CYS A 261 -24.05 9.82 18.26
CA ASP A 262 -24.81 10.86 21.79
CA VAL A 263 -21.81 11.29 23.96
CA VAL A 264 -22.02 9.04 26.96
CA VAL A 265 -18.87 10.46 28.51
CA ASN A 266 -16.02 12.76 27.54
CA THR A 267 -12.55 13.76 28.63
CA LEU A 268 -14.09 17.23 28.80
CA GLY A 269 -15.68 16.49 32.11
CA LYS A 270 -19.16 15.77 30.93
CA ARG A 271 -20.69 12.57 32.22
CA ALA A 272 -24.14 11.45 31.13
CA PRO A 273 -26.51 10.57 33.86
CA ALA A 274 -27.01 7.06 32.56
CA PHE A 275 -23.27 6.65 32.85
CA GLU A 276 -22.73 8.74 35.97
CA GLY A 277 -21.03 6.67 38.62
CA ARG A 278 -21.33 3.66 36.34
CA ILE A 279 -18.49 4.53 34.00
CA LEU A 280 -15.12 6.25 33.82
CA LEU A 281 -13.05 7.47 30.90
CA ASN A 282 -9.39 8.09 31.45
CA PRO A 283 -6.81 9.21 29.01
CA GLN A 284 -3.17 8.28 28.95
CA ASP A 285 -1.25 10.51 26.60
CA LYS A 286 1.99 8.62 26.83
CA ASP A 287 0.56 5.30 25.79
CA GLY A 288 -1.71 7.03 23.32
CA SER A 289 -4.79 5.41 24.66
CA PHE A 290 -7.82 6.22 26.68
CA SER A 291 -9.94 3.69 28.41
CA VAL A 292 -13.63 3.65 29.02
CA VAL A 293 -14.65 1.51 31.95
CA ILE A 294 -18.27 0.54 32.20
CA THR A 295 -19.78 -1.46 35.00
CA GLY A 296 -23.15 -3.01 35.66
CA LEU A 297 -23.44 -4.07 32.05
CA ARG A 298 -27.05 -4.57 31.07
CA LYS A 299 -28.85 -5.75 27.99
CA GLU A 300 -29.38 -2.09 27.26
CA ASP A 301 -25.64 -1.81 26.74
CA ALA A 302 -25.47 -3.98 23.64
CA GLY A 303 -25.21 -1.79 20.57
CA ARG A 304 -22.81 0.21 18.42
CA TYR A 305 -20.59 2.86 19.91
CA LEU A 306 -17.78 5.10 18.77
CA CYS A 307 -14.75 6.34 20.56
CA GLY A 308 -12.97 9.20 18.98
CA ALA A 309 -11.28 12.53 19.34
CA HIS A 310 -12.52 16.04 18.79
CA SER A 311 -16.15 16.52 17.94
CA ASP A 312 -18.32 13.56 17.05
CA GLY A 313 -19.47 13.83 13.47
CA GLN A 314 -15.89 14.67 12.65
CA LEU A 315 -15.82 10.94 12.13
CA GLN A 316 -12.36 10.83 13.53
CA GLU A 317 -13.38 7.80 15.48
CA GLY A 318 -13.56 4.03 15.52
CA SER A 319 -16.70 1.99 15.76
CA PRO A 320 -16.92 -0.51 18.51
CA ILE A 321 -19.62 -3.13 18.64
CA GLN A 322 -20.68 -4.19 22.08
CA ALA A 323 -22.71 -7.26 22.76
CA TRP A 324 -23.87 -8.48 26.11
CA GLN A 325 -24.94 -12.13 25.62
CA LEU A 326 -21.89 -14.17 27.38
CA PHE A 327 -19.15 -12.23 29.58
CA VAL A 328 -18.25 -9.14 27.57
CA ASN A 329 -15.75 -9.79 24.60
CA GLU A 330 -16.08 -13.45 25.53
CA GLU A 331 -12.55 -14.97 26.35
CA SER A 332 -11.01 -17.06 24.37
CA THR A 333 -10.33 -13.88 22.01
CA ILE A 334 -9.50 -16.37 18.96
CA PRO A 335 -8.11 -19.15 20.08
CA ARG A 336 -6.82 -20.62 16.59
CA SER A 337 -7.94 -20.07 12.96
CA PRO A 338 -9.53 -20.86 9.68
CA THR A 339 -9.48 -24.58 9.09
CA VAL A 340 -9.45 -24.08 5.36
CA VAL A 341 -8.74 -21.06 3.25
CA LYS A 342 -9.33 -20.90 -0.45
CA GLY A 343 -8.02 -18.33 -2.83
CA VAL A 344 -7.27 -18.08 -6.45
CA ALA A 345 -4.12 -17.39 -8.44
CA GLY A 346 -2.49 -13.98 -8.05
CA SER A 347 -4.84 -12.81 -5.29
CA SER A 348 -3.64 -12.02 -1.76
CA VAL A 349 -4.84 -13.74 1.35
CA ALA A 350 -4.78 -13.05 5.04
CA VAL A 351 -4.99 -15.58 7.81
CA LEU A 352 -5.86 -14.64 11.36
CA CYS A 353 -5.19 -16.83 14.39
CA PRO A 354 -6.27 -16.15 17.98
CA TYR A 355 -4.29 -16.85 21.23
CA ASN A 356 -4.02 -16.40 25.13
CA ARG A 357 -2.06 -14.34 27.72
CA LYS A 358 1.27 -16.10 27.99
CA GLU A 359 0.89 -16.31 24.32
CA SER A 360 0.80 -12.55 23.92
CA LYS A 361 4.52 -12.44 24.62
CA SER A 362 5.61 -15.65 22.90
CA ILE A 363 6.89 -15.95 19.35
CA LYS A 364 4.30 -16.35 16.63
CA TYR A 365 5.00 -18.35 13.57
CA TRP A 366 3.62 -19.62 10.28
CA CYS A 367 4.87 -22.93 8.90
CA LEU A 368 4.27 -25.35 6.09
CA TRP A 369 3.78 -28.97 7.04
CA GLU A 370 6.32 -31.44 5.72
CA GLY A 371 5.48 -35.03 4.95
CA ALA A 372 7.62 -37.69 6.54
CA GLN A 373 7.56 -40.05 9.45
CA ASN A 374 9.35 -37.28 11.21
CA GLY A 375 8.82 -34.02 9.46
CA ARG A 376 9.04 -30.48 10.61
CA CYS A 377 6.98 -27.59 9.47
CA PRO A 378 9.38 -25.20 7.97
CA LEU A 379 9.30 -21.79 9.57
CA LEU A 380 7.94 -19.64 6.78
CA VAL A 381 7.70 -16.37 8.75
CA ASP A 382 8.03 -15.53 12.43
CA SER A 383 7.30 -12.68 14.85
CA GLU A 384 10.99 -12.80 15.66
CA GLY A 385 11.98 -11.00 12.53
CA TRP A 386 12.71 -14.06 10.46
CA VAL A 387 11.27 -14.36 6.99
CA LYS A 388 11.91 -17.19 4.57
CA ALA A 389 13.37 -16.45 1.19
CA GLN A 390 10.30 -17.59 -0.63
CA TYR A 391 8.13 -15.33 1.49
CA GLU A 392 10.49 -12.35 1.79
CA GLY A 393 8.66 -9.31 0.49
CA ARG A 394 5.69 -11.46 -0.48
CA LEU A 395 4.24 -11.93 2.99
CA SER A 396 3.91 -10.29 6.37
CA LEU A 397 3.11 -11.40 9.91
CA LEU A 398 1.62 -8.92 12.33
CA GLU A 399 0.73 -9.47 15.95
CA GLU A 400 -1.78 -7.45 17.88
CA PRO A 401 -1.77 -8.56 21.45
CA GLY A 402 -4.80 -6.67 22.63
CA ASN A 403 -6.97 -8.46 20.12
CA GLY A 404 -5.18 -11.69 20.76
CA THR A 405 -4.54 -12.22 17.11
CA PHE A 406 -1.76 -12.17 14.60
CA THR A 407 -2.27 -11.99 10.90
CA VAL A 408 -0.25 -13.47 8.11
CA ILE A 409 -0.72 -11.72 4.83
CA LEU A 410 0.49 -13.41 1.71
CA ASN A 411 0.47 -11.95 -1.76
CA GLN A 412 1.08 -13.36 -5.22
CA LEU A 413 -0.43 -16.69 -4.34
CA THR A 414 0.87 -19.30 -6.73
CA SER A 415 0.27 -22.95 -7.38
CA ARG A 416 3.11 -23.71 -5.00
CA ASP A 417 1.16 -22.16 -2.14
CA ALA A 418 -1.54 -24.78 -1.91
CA GLY A 419 -0.77 -27.04 1.01
CA PHE A 420 -0.96 -27.47 4.76
CA TYR A 421 0.28 -24.82 7.11
CA TRP A 422 0.27 -24.14 10.82
CA CYS A 423 0.07 -20.95 12.85
CA LEU A 424 1.36 -21.38 16.33
CA THR A 425 3.04 -19.84 19.35
CA ASN A 426 6.51 -20.61 20.73
CA GLY A 427 8.45 -23.52 19.27
CA ASP A 428 7.12 -25.41 16.26
CA THR A 429 7.51 -28.78 17.93
CA LEU A 430 5.32 -27.87 20.88
CA TRP A 431 2.30 -28.20 18.62
CA ARG A 432 0.41 -25.41 20.30
CA THR A 433 -0.74 -24.45 16.84
CA THR A 434 -3.72 -24.71 14.57
CA VAL A 435 -3.61 -26.42 11.23
CA GLU A 436 -4.76 -24.52 8.21
CA ILE A 437 -5.27 -25.90 4.75
CA LYS A 438 -4.75 -23.47 1.96
CA ILE A 439 -5.97 -24.23 -1.52
CA ILE A 440 -4.93 -21.85 -4.24
CA GLU A 441 -7.11 -21.68 -7.45
CA GLY A 442 -6.15 -18.98 -10.07
CA GLU A 443 -9.18 -16.55 -10.21
CA PRO A 444 -9.01 -16.03 -7.28
CA ASN A 445 -5.67 -15.44 -5.81
CA LEU A 446 -7.71 -12.66 -3.76
CA LYS A 447 -9.13 -12.52 -0.30
CA VAL A 448 -11.64 -10.07 1.06
CA PRO A 449 -14.57 -9.74 3.33
CA GLY A 450 -17.23 -10.68 0.89
CA ASN A 451 -19.75 -9.34 3.33
CA VAL A 452 -19.93 -5.95 4.91
CA THR A 453 -22.74 -4.19 6.71
CA ALA A 454 -23.08 -0.53 7.52
CA VAL A 455 -25.67 2.10 8.17
CA LEU A 456 -26.40 4.98 5.90
CA GLY A 457 -24.25 8.01 6.56
CA GLU A 458 -21.41 5.92 7.90
CA THR A 459 -18.00 5.30 6.43
CA LEU A 460 -16.84 1.83 5.54
CA LYS A 461 -13.49 0.27 4.78
CA VAL A 462 -12.74 -3.06 3.16
CA PRO A 463 -9.43 -4.76 2.84
CA CYS A 464 -8.28 -6.98 -0.03
CA HIS A 465 -5.23 -9.22 -0.30
CA PHE A 466 -3.14 -10.13 -3.34
CA PRO A 467 0.27 -11.17 -4.57
CA CYS A 468 3.43 -9.15 -5.33
CA LYS A 469 3.13 -9.17 -9.10
CA PHE A 470 -0.25 -7.77 -8.41
CA SER A 471 1.47 -5.10 -6.38
CA SER A 472 2.22 -3.28 -9.63
CA TYR A 473 -1.21 -4.02 -11.13
CA GLU A 474 -4.03 -1.50 -11.03
CA LYS A 475 -6.32 -2.08 -8.10
CA TYR A 476 -10.00 -1.50 -8.48
CA TRP A 477 -13.32 -1.46 -6.70
CA CYS A 478 -16.34 -2.08 -8.89
CA LYS A 479 -20.05 -1.93 -8.47
CA TRP A 480 -22.44 -4.63 -9.54
CA ASN A 481 -25.31 -4.02 -11.95
CA ASN A 482 -23.10 -2.04 -14.25
CA THR A 483 -21.81 -2.90 -17.65
CA GLY A 484 -19.52 -5.58 -16.49
CA CYS A 485 -18.58 -4.11 -13.18
CA GLN A 486 -18.94 -0.41 -12.76
CA ALA A 487 -15.58 1.01 -12.06
CA LEU A 488 -15.69 2.92 -8.84
CA PRO A 489 -12.38 3.97 -7.42
CA SER A 490 -9.22 2.50 -8.86
CA GLN A 491 -5.58 3.03 -8.10
CA ASP A 492 -6.71 6.59 -8.51
CA GLU A 493 -8.95 8.43 -6.00
CA GLY A 494 -12.56 9.54 -5.54
CA PRO A 495 -15.34 9.99 -3.01
CA SER A 496 -13.25 8.02 -0.66
CA LYS A 497 -9.88 6.42 -0.62
CA ALA A 498 -8.29 3.31 -1.95
CA PHE A 499 -4.91 2.68 -0.50
CA VAL A 500 -2.47 0.14 -1.72
CA ASN A 501 0.38 -1.29 0.22
CA CYS A 502 2.97 -2.45 -2.24
CA ASP A 503 5.25 -5.42 -2.14
CA GLU A 504 5.99 -4.95 1.50
CA ASN A 505 2.42 -5.51 2.51
CA SER A 506 0.14 -6.67 -0.19
CA ARG A 507 -3.19 -5.23 0.71
CA LEU A 508 -5.54 -2.64 -0.64
CA VAL A 509 -7.94 -0.79 1.55
CA SER A 510 -10.98 0.91 0.21
CA LEU A 511 -12.72 3.37 2.38
CA THR A 512 -16.02 4.86 1.46
CA LEU A 513 -17.53 7.88 3.08
CA ASN A 514 -21.09 9.03 3.47
CA LEU A 515 -22.68 5.76 2.56
CA VAL A 516 -25.85 7.57 3.43
CA THR A 517 -27.01 6.45 0.07
CA ARG A 518 -29.12 3.37 -0.43
CA ALA A 519 -27.40 3.09 -3.75
CA ASP A 520 -24.26 1.94 -2.02
CA GLU A 521 -25.82 -1.31 -0.94
CA GLY A 522 -25.18 -3.94 -3.55
CA TRP A 523 -22.61 -6.38 -4.84
CA TYR A 524 -19.10 -5.18 -5.49
CA TRP A 525 -15.80 -6.59 -6.60
CA CYS A 526 -12.25 -5.88 -5.56
CA GLY A 527 -9.53 -6.95 -7.91
CA VAL A 528 -6.39 -6.22 -9.83
CA LYS A 529 -5.79 -5.45 -13.48
CA GLN A 530 -8.73 -4.94 -15.77
CA GLY A 531 -12.22 -5.68 -14.51
CA HIS A 532 -12.81 -8.10 -17.37
CA PHE A 533 -9.98 -10.33 -16.24
CA TYR A 534 -12.12 -11.29 -13.26
CA GLY A 535 -9.11 -11.66 -11.07
CA GLU A 536 -11.08 -10.36 -8.16
CA THR A 537 -13.17 -11.14 -5.13
CA ALA A 538 -16.85 -10.52 -4.67
CA ALA A 539 -18.04 -8.51 -1.73
CA VAL A 540 -21.58 -7.85 -0.69
CA TYR A 541 -22.31 -4.62 1.02
CA VAL A 542 -25.53 -3.98 2.81
CA ALA A 543 -26.37 -0.45 3.78
CA VAL A 544 -27.62 -2.18 6.07
CA GLU A 545 -30.05 -3.17 4.44
CA GLU A 546 -32.20 -0.66 2.40
CA ARG A 547 -35.67 -1.83 3.33
CA LYS A 548 -37.50 1.30 4.37
CA ALA A 549 -41.02 1.97 2.88
CA ALA A 550 -42.64 5.60 3.68
CA GLY A 551 -45.90 5.86 1.76
CA SER A 552 -48.14 6.63 -0.25
CA ARG A 553 -51.39 8.37 1.27
CA ASP A 554 -53.69 10.53 -1.20
CA VAL A 555 -54.76 14.22 -0.12
CA SER A 556 -57.91 15.43 -1.65
CA LEU A 557 -58.88 15.09 -5.44
CA ALA A 558 -62.23 13.31 -5.95
CA LYS A 559 -65.10 14.73 -8.21
CA ALA A 560 -64.44 14.45 -12.11
CA ASP A 561 -67.77 14.75 -14.25
CA ALA A 562 -68.01 15.92 -17.88
CA ALA A 563 -71.43 16.91 -19.54
CA PRO A 564 -70.90 16.43 -23.50
CA ASP A 565 -74.16 17.72 -25.37
CA GLU A 566 -73.33 21.36 -26.58
CA LYS A 567 -73.38 21.32 -30.58
CA VAL A 568 -75.39 19.33 -33.20
CA LEU A 569 -74.52 19.51 -37.13
CA ASP A 570 -76.68 17.80 -39.95
CA SER A 571 -76.73 17.61 -43.74
CA GLY A 572 -76.25 13.79 -44.90
CA PHE A 573 -78.28 11.60 -47.53
CA ARG A 574 -78.18 7.70 -48.12
CA GLU A 575 -80.18 6.11 -51.06
CA ILE A 576 -80.81 2.47 -52.93
CA GLU A 577 -79.51 0.56 -55.91
CA ASN A 578 -81.99 -1.75 -57.98
CA LYS A 579 -82.41 -1.26 -61.80
CA ALA A 580 -83.85 -3.28 -64.62
CA ILE A 581 -82.05 -4.95 -67.68
CA GLN A 582 -84.31 -6.16 -70.58
CA ASP A 583 -82.12 -9.43 -70.89
CA PRO A 584 -81.99 -12.63 -70.99
CA ARG A 585 -83.03 -13.55 -74.62
CA LYS A 1 24.84 -6.27 -39.06
CA SER A 2 24.87 -2.69 -37.94
CA PRO A 3 27.37 -0.57 -39.69
CA ILE A 4 27.98 1.70 -36.76
CA PHE A 5 30.50 1.20 -34.00
CA GLY A 6 31.55 2.99 -30.83
CA PRO A 7 32.34 2.46 -27.19
CA GLU A 8 30.57 -0.58 -25.84
CA GLU A 9 30.81 0.80 -22.36
CA VAL A 10 31.76 4.14 -20.92
CA ASN A 11 32.53 4.84 -17.28
CA SER A 12 32.73 8.24 -15.67
CA VAL A 13 32.14 10.18 -12.45
CA GLU A 14 29.28 12.41 -11.32
CA GLY A 15 31.06 15.65 -11.91
CA ASN A 16 32.63 14.97 -15.22
CA SER A 17 31.93 14.99 -18.89
CA VAL A 18 32.20 12.17 -21.35
CA SER A 19 32.85 12.21 -25.03
CA ILE A 20 31.37 9.40 -27.01
CA THR A 21 32.55 8.84 -30.55
CA CYS A 22 30.62 6.64 -32.97
CA TYR A 23 31.79 5.58 -36.36
CA TYR A 24 29.74 5.15 -39.51
CA PRO A 25 30.79 4.35 -43.04
CA PRO A 26 32.04 7.29 -44.96
CA THR A 27 29.19 7.74 -47.36
CA SER A 28 27.54 10.76 -48.78
CA VAL A 29 24.32 9.26 -47.52
CA ASN A 30 25.66 8.97 -44.02
CA ARG A 31 27.38 12.29 -44.21
CA HIS A 32 23.97 13.89 -44.68
CA THR A 33 21.78 11.64 -42.53
CA ARG A 34 20.46 12.61 -39.13
CA LYS A 35 22.76 11.49 -36.33
CA TYR A 36 21.21 10.70 -32.99
CA TRP A 37 21.88 9.81 -29.37
CA CYS A 38 19.02 8.22 -27.47
CA ARG A 39 18.44 6.42 -24.22
CA GLN A 40 16.84 3.01 -23.96
CA GLY A 41 13.91 2.96 -21.64
CA ALA A 42 13.08 0.00 -19.47
CA ARG A 43 10.02 -0.28 -21.66
CA GLY A 44 12.13 -0.93 -24.72
CA GLY A 45 12.10 2.32 -26.69
CA CYS A 46 14.88 4.80 -27.24
CA ILE A 47 14.17 8.43 -26.67
CA THR A 48 16.25 10.93 -28.56
CA LEU A 49 18.34 13.07 -26.23
CA ILE A 50 20.22 14.97 -28.94
CA SER A 51 20.25 14.95 -32.74
CA SER A 52 22.20 16.60 -35.53
CA GLU A 53 18.78 17.85 -36.52
CA GLY A 54 19.06 20.46 -33.81
CA TYR A 55 16.69 18.82 -31.35
CA VAL A 56 18.07 18.84 -27.83
CA SER A 57 16.55 17.23 -24.77
CA SER A 58 15.59 19.59 -22.03
CA LYS A 59 17.85 17.69 -19.67
CA TYR A 60 20.69 18.01 -22.18
CA ALA A 61 20.31 21.73 -22.86
CA GLY A 62 23.53 23.64 -22.34
CA ARG A 63 25.40 20.60 -21.06
CA ALA A 64 25.86 18.65 -24.29
CA ASN A 65 26.42 19.03 -28.02
CA LEU A 66 26.62 16.72 -30.99
CA THR A 67 29.15 17.30 -33.74
CA ASN A 68 29.50 15.64 -37.14
CA PHE A 69 32.92 14.97 -38.60
CA PRO A 70 32.40 13.79 -42.11
CA GLU A 71 36.09 13.39 -42.75
CA ASN A 72 36.42 10.90 -39.92
CA GLY A 73 33.11 9.27 -40.63
CA THR A 74 32.23 9.88 -37.04
CA PHE A 75 30.27 12.17 -34.76
CA VAL A 76 30.86 13.01 -31.13
CA VAL A 77 28.43 13.49 -28.31
CA ASN A 78 29.76 15.53 -25.44
CA ILE A 79 27.97 15.27 -22.16
CA ALA A 80 28.86 17.46 -19.23
CA GLN A 81 27.60 17.66 -15.69
CA LEU A 82 27.05 13.92 -15.64
CA SER A 83 24.85 12.76 -12.79
CA GLN A 84 24.09 9.36 -11.35
CA ASP A 85 20.83 9.40 -13.25
CA ASP A 86 22.84 9.44 -16.46
CA SER A 87 23.85 5.85 -15.88
CA GLY A 88 21.97 3.67 -18.31
CA ARG A 89 21.90 2.29 -21.83
CA TYR A 90 21.98 4.51 -24.87
CA LYS A 91 22.37 4.19 -28.61
CA CYS A 92 24.07 6.28 -31.24
CA GLY A 93 22.86 5.85 -34.78
CA LEU A 94 21.95 7.33 -38.13
CA GLY A 95 18.70 7.94 -39.91
CA ILE A 96 15.36 7.14 -38.40
CA ASN A 97 15.52 5.55 -34.99
CA SER A 98 13.49 2.78 -36.61
CA ARG A 99 16.17 1.40 -39.02
CA GLY A 100 18.42 -0.23 -36.46
CA LEU A 101 21.53 1.35 -37.81
CA SER A 102 22.93 2.15 -34.42
CA PHE A 103 25.35 1.14 -31.70
CA ASP A 104 24.54 0.28 -28.09
CA VAL A 105 26.49 2.16 -25.48
CA SER A 106 26.32 1.56 -21.79
CA LEU A 107 27.19 4.46 -19.57
CA GLU A 108 27.85 4.07 -15.90
CA VAL A 109 28.25 7.24 -13.90
CA SER A 110 25.03 6.93 -11.84
CA GLN A 111 21.22 5.78 -11.87
CA GLY A 112 17.47 6.73 -12.49
CA PRO A 113 13.64 6.12 -11.79
CA GLY A 114 10.06 8.23 -11.65
CA LEU A 115 7.29 8.65 -9.06
CA LEU A 116 4.31 8.85 -11.63
CA ASN A 117 2.40 6.10 -9.95
CA ASP A 118 1.81 5.49 -6.27
CA THR A 119 -0.98 4.32 -4.02
CA LYS A 120 -3.69 6.91 -4.15
CA VAL A 121 -4.70 6.16 -0.63
CA TYR A 122 -3.06 4.20 2.11
CA THR A 123 -4.82 3.18 5.28
CA VAL A 124 -3.18 1.99 8.45
CA ASP A 125 -3.90 1.47 12.13
CA LEU A 126 -2.15 3.71 14.57
CA GLY A 127 0.63 1.54 15.95
CA ARG A 128 1.53 -0.04 12.63
CA THR A 129 4.28 0.85 10.21
CA VAL A 130 3.56 1.65 6.62
CA THR A 131 5.52 1.57 3.40
CA ILE A 132 4.81 3.72 0.40
CA ASN A 133 6.30 2.88 -2.96
CA CYS A 134 6.42 5.25 -5.90
CA PRO A 135 7.72 4.28 -9.29
CA PHE A 136 9.70 6.64 -11.55
CA LYS A 137 11.71 6.84 -14.81
CA THR A 138 15.40 6.95 -15.83
CA GLU A 139 16.07 10.69 -15.77
CA ASN A 140 14.13 10.40 -12.62
CA ALA A 141 16.57 7.80 -11.38
CA GLN A 142 19.20 10.45 -10.88
CA LYS A 143 17.01 13.21 -9.51
CA ARG A 144 16.17 13.93 -5.89
CA LYS A 145 13.29 11.97 -4.43
CA SER A 146 11.08 13.44 -1.76
CA LEU A 147 8.07 12.83 0.44
CA TYR A 148 6.21 15.88 1.63
CA LYS A 149 3.02 16.87 3.41
CA GLN A 150 0.55 19.05 1.60
CA ILE A 151 -1.06 22.14 3.12
CA GLY A 152 0.26 25.62 3.49
CA LEU A 153 2.17 27.53 0.90
CA TYR A 154 4.62 24.76 0.34
CA PRO A 155 4.34 21.08 0.82
CA VAL A 156 6.74 20.39 3.66
CA LEU A 157 9.45 17.90 2.87
CA VAL A 158 9.46 15.23 5.55
CA ILE A 159 12.27 13.16 4.06
CA ASP A 160 14.44 13.48 0.97
CA SER A 161 16.96 11.37 -0.93
CA SER A 162 19.28 14.34 -0.50
CA GLY A 163 20.11 13.32 3.03
CA TYR A 164 17.51 15.54 4.63
CA VAL A 165 15.33 14.12 7.36
CA ASN A 166 12.71 16.11 9.26
CA PRO A 167 12.91 16.03 12.99
CA ASN A 168 9.45 14.60 13.24
CA TYR A 169 10.51 11.78 10.94
CA THR A 170 14.07 11.35 12.19
CA GLY A 171 14.42 7.74 13.29
CA ARG A 172 10.74 7.15 12.55
CA ILE A 173 11.04 6.85 8.80
CA ARG A 174 13.37 5.96 5.96
CA LEU A 175 13.38 6.69 2.24
CA ASP A 176 15.20 4.27 -0.02
CA ILE A 177 15.96 4.74 -3.67
CA GLN A 178 15.92 1.89 -6.12
CA GLY A 179 17.84 2.36 -9.30
CA THR A 180 16.31 3.13 -12.63
CA GLY A 181 15.66 -0.50 -13.32
CA GLN A 182 13.67 -0.84 -10.15
CA LEU A 183 12.43 2.71 -10.77
CA LEU A 184 11.10 2.80 -7.27
CA PHE A 185 11.77 4.51 -4.01
CA SER A 186 10.23 3.47 -0.77
CA VAL A 187 9.21 5.51 2.21
CA VAL A 188 8.92 3.50 5.38
CA ILE A 189 7.08 5.15 8.24
CA ASN A 190 6.71 3.58 11.63
CA GLN A 191 4.80 4.29 14.80
CA LEU A 192 2.00 5.96 12.92
CA ARG A 193 0.08 8.43 15.03
CA LEU A 194 -3.17 10.29 14.59
CA SER A 195 -1.19 13.29 13.41
CA ASP A 196 0.01 11.23 10.46
CA ALA A 197 -3.31 11.18 8.66
CA GLY A 198 -3.28 13.71 5.88
CA GLN A 199 -2.29 14.29 2.28
CA TYR A 200 1.26 13.83 1.10
CA LEU A 201 3.06 13.60 -2.19
CA CYS A 202 6.03 11.63 -3.41
CA GLN A 203 7.97 13.15 -6.22
CA ALA A 204 11.23 13.83 -7.95
CA GLY A 205 13.19 17.03 -8.27
CA ASP A 206 11.99 20.12 -6.48
CA ASP A 207 8.65 20.18 -4.73
CA SER A 208 7.37 23.12 -6.73
CA ASN A 209 7.55 21.09 -9.85
CA SER A 210 4.47 19.01 -10.42
CA ASN A 211 6.41 15.84 -10.89
CA LYS A 212 4.81 13.90 -8.10
CA LYS A 213 1.79 11.92 -7.10
CA ASN A 214 -0.61 12.70 -4.32
CA ALA A 215 -1.11 10.10 -1.66
CA ASP A 216 -3.71 10.22 1.05
CA LEU A 217 -2.72 8.58 4.28
CA GLN A 218 -5.46 7.59 6.62
CA VAL A 219 -4.46 6.57 10.10
CA LEU A 220 -4.31 5.87 13.79
CA LYS A 221 -7.91 5.07 15.58
CA PRO A 222 -7.49 1.49 16.64
CA GLU A 223 -10.00 -0.07 18.98
CA PRO A 224 -11.66 -3.32 19.73
CA GLU A 225 -13.84 -4.12 16.79
CA LEU A 226 -16.14 -6.18 18.90
CA VAL A 227 -16.49 -6.49 22.62
CA TYR A 228 -18.64 -9.14 24.21
CA GLU A 229 -19.37 -9.53 27.87
CA ASP A 230 -21.90 -10.98 30.24
CA LEU A 231 -24.55 -9.09 32.13
CA ARG A 232 -23.53 -7.51 35.40
CA GLY A 233 -19.95 -7.65 34.27
CA SER A 234 -17.62 -4.72 33.98
CA VAL A 235 -15.97 -3.95 30.69
CA THR A 236 -13.23 -1.69 29.52
CA PHE A 237 -12.61 -0.41 26.04
CA HIS A 238 -9.21 0.76 24.96
CA CYS A 239 -8.85 3.13 22.04
CA ALA A 240 -5.57 4.35 20.51
CA LEU A 241 -4.63 7.61 18.77
CA GLY A 242 -1.87 10.03 17.49
CA PRO A 243 -0.33 13.36 18.41
CA GLU A 244 -2.94 15.98 17.67
CA VAL A 245 -5.06 13.52 19.47
CA ALA A 246 -3.16 13.65 22.73
CA ASN A 247 -4.60 17.04 23.68
CA VAL A 248 -7.88 16.69 21.80
CA ALA A 249 -11.09 15.82 23.63
CA LYS A 250 -11.84 12.12 23.85
CA PHE A 251 -15.34 10.84 23.75
CA LEU A 252 -17.38 7.69 23.85
CA CYS A 253 -20.75 7.83 22.20
CA ARG A 254 -23.60 5.52 21.38
CA GLN A 255 -24.68 5.39 17.79
CA SER A 256 -28.27 6.27 17.22
CA SER A 257 -30.59 6.49 14.29
CA GLY A 258 -29.71 9.34 12.01
CA GLU A 259 -26.26 10.76 11.87
CA ASN A 260 -25.94 11.55 15.53
CA CYS A 261 -24.05 9.82 18.26
CA ASP A 262 -24.81 10.86 21.79
CA VAL A 263 -21.81 11.29 23.96
CA VAL A 264 -22.02 9.04 26.96
CA VAL A 265 -18.87 10.46 28.51
CA ASN A 266 -16.02 12.76 27.54
CA THR A 267 -12.55 13.76 28.63
CA LEU A 268 -14.09 17.23 28.80
CA GLY A 269 -15.68 16.49 32.11
CA LYS A 270 -19.16 15.77 30.93
CA ARG A 271 -20.69 12.57 32.22
CA ALA A 272 -24.14 11.45 31.13
CA PRO A 273 -26.51 10.57 33.86
CA ALA A 274 -27.01 7.06 32.56
CA PHE A 275 -23.27 6.65 32.85
CA GLU A 276 -22.73 8.74 35.97
CA GLY A 277 -21.03 6.67 38.62
CA ARG A 278 -21.33 3.66 36.34
CA ILE A 279 -18.49 4.53 34.00
CA LEU A 280 -15.12 6.25 33.82
CA LEU A 281 -13.05 7.47 30.90
CA ASN A 282 -9.39 8.09 31.45
CA PRO A 283 -6.81 9.21 29.01
CA GLN A 284 -3.17 8.28 28.95
CA ASP A 285 -1.25 10.51 26.60
CA LYS A 286 1.99 8.62 26.83
CA ASP A 287 0.56 5.30 25.79
CA GLY A 288 -1.71 7.03 23.32
CA SER A 289 -4.79 5.41 24.66
CA PHE A 290 -7.82 6.22 26.68
CA SER A 291 -9.94 3.69 28.41
CA VAL A 292 -13.63 3.65 29.02
CA VAL A 293 -14.65 1.51 31.95
CA ILE A 294 -18.27 0.54 32.20
CA THR A 295 -19.78 -1.46 35.00
CA GLY A 296 -23.15 -3.01 35.66
CA LEU A 297 -23.44 -4.07 32.05
CA ARG A 298 -27.05 -4.57 31.07
CA LYS A 299 -28.85 -5.75 27.99
CA GLU A 300 -29.38 -2.09 27.26
CA ASP A 301 -25.64 -1.81 26.74
CA ALA A 302 -25.47 -3.98 23.64
CA GLY A 303 -25.21 -1.79 20.57
CA ARG A 304 -22.81 0.21 18.42
CA TYR A 305 -20.59 2.86 19.91
CA LEU A 306 -17.78 5.10 18.77
CA CYS A 307 -14.75 6.34 20.56
CA GLY A 308 -12.97 9.20 18.98
CA ALA A 309 -11.28 12.53 19.34
CA HIS A 310 -12.52 16.04 18.79
CA SER A 311 -16.15 16.52 17.94
CA ASP A 312 -18.32 13.56 17.05
CA GLY A 313 -19.47 13.83 13.47
CA GLN A 314 -15.89 14.67 12.65
CA LEU A 315 -15.82 10.94 12.13
CA GLN A 316 -12.36 10.83 13.53
CA GLU A 317 -13.38 7.80 15.48
CA GLY A 318 -13.56 4.03 15.52
CA SER A 319 -16.70 1.99 15.76
CA PRO A 320 -16.92 -0.51 18.51
CA ILE A 321 -19.62 -3.13 18.64
CA GLN A 322 -20.68 -4.19 22.08
CA ALA A 323 -22.71 -7.26 22.76
CA TRP A 324 -23.87 -8.48 26.11
CA GLN A 325 -25.77 -11.83 24.59
CA LEU A 326 -24.98 -14.17 27.64
CA PHE A 327 -28.01 -14.77 30.29
CA VAL A 328 -29.18 -10.99 30.25
CA ASN A 329 -30.04 -8.85 27.17
CA GLU A 330 -31.81 -11.25 24.71
CA GLU A 331 -30.87 -9.27 21.58
CA SER A 332 -30.15 -11.30 19.39
CA THR A 333 -30.11 -15.02 20.47
CA ILE A 334 -32.15 -17.94 19.04
CA PRO A 335 -29.59 -19.70 19.09
CA ARG A 336 -30.22 -22.26 16.14
CA SER A 337 -27.96 -21.58 12.90
CA PRO A 338 -27.87 -21.14 9.21
CA THR A 339 -30.90 -22.73 7.64
CA VAL A 340 -29.03 -23.34 4.43
CA VAL A 341 -25.38 -23.26 3.61
CA LYS A 342 -24.00 -23.44 0.13
CA GLY A 343 -20.46 -24.12 -0.85
CA VAL A 344 -18.65 -25.47 -3.81
CA ALA A 345 -16.38 -28.43 -4.38
CA GLY A 346 -13.06 -28.51 -2.52
CA SER A 347 -13.76 -25.37 -0.47
CA SER A 348 -14.06 -25.42 3.31
CA VAL A 349 -17.10 -24.36 5.25
CA ALA A 350 -17.87 -23.38 8.79
CA VAL A 351 -21.21 -23.58 10.50
CA LEU A 352 -21.99 -21.70 13.68
CA CYS A 353 -24.87 -22.52 16.02
CA PRO A 354 -25.94 -20.55 19.09
CA TYR A 355 -27.22 -21.91 22.47
CA ASN A 356 -28.23 -21.18 26.20
CA ARG A 357 -26.85 -21.61 29.76
CA LYS A 358 -27.53 -25.22 30.61
CA GLU A 359 -26.43 -25.73 27.10
CA SER A 360 -22.99 -24.29 27.78
CA LYS A 361 -22.10 -27.46 29.66
CA SER A 362 -23.95 -30.01 27.56
CA ILE A 363 -22.52 -32.02 24.71
CA LYS A 364 -22.57 -30.41 21.28
CA TYR A 365 -22.97 -32.44 18.19
CA TRP A 366 -23.24 -32.36 14.41
CA CYS A 367 -25.26 -35.05 12.65
CA LEU A 368 -26.50 -36.03 9.23
CA TRP A 369 -30.18 -36.77 8.91
CA GLU A 370 -31.12 -40.27 7.86
CA GLY A 371 -34.22 -41.06 5.87
CA ALA A 372 -36.56 -43.68 7.25
CA GLN A 373 -39.75 -43.92 9.19
CA ASN A 374 -37.47 -44.10 12.15
CA GLY A 375 -34.09 -42.74 11.32
CA ARG A 376 -31.35 -41.35 13.43
CA CYS A 377 -28.98 -38.62 12.55
CA PRO A 378 -25.61 -40.17 12.65
CA LEU A 379 -23.23 -38.45 15.02
CA LEU A 380 -20.68 -36.98 12.67
CA VAL A 381 -18.62 -35.11 15.28
CA ASP A 382 -19.18 -34.32 18.95
CA SER A 383 -17.81 -32.08 21.70
CA GLU A 384 -17.15 -35.26 23.60
CA GLY A 385 -14.10 -36.13 21.61
CA TRP A 386 -15.79 -38.39 19.14
CA VAL A 387 -15.16 -37.91 15.44
CA LYS A 388 -16.54 -40.08 12.67
CA ALA A 389 -14.19 -41.82 10.32
CA GLN A 390 -15.39 -39.86 7.34
CA TYR A 391 -14.81 -36.61 9.19
CA GLU A 392 -11.64 -37.52 11.07
CA GLY A 393 -9.00 -34.98 10.16
CA ARG A 394 -11.37 -33.34 7.70
CA LEU A 395 -13.52 -31.49 10.21
CA SER A 396 -13.45 -29.86 13.62
CA LEU A 397 -16.01 -28.83 16.23
CA LEU A 398 -15.18 -26.04 18.63
CA GLU A 399 -17.28 -24.70 21.44
CA GLU A 400 -16.96 -21.27 22.93
CA PRO A 401 -19.30 -20.96 25.83
CA GLY A 402 -18.95 -17.25 26.44
CA ASN A 403 -20.19 -16.51 22.96
CA GLY A 404 -22.77 -19.23 23.21
CA THR A 405 -21.66 -20.76 19.98
CA PHE A 406 -19.87 -23.77 18.64
CA THR A 407 -18.45 -24.01 15.18
CA VAL A 408 -18.11 -26.97 12.92
CA ILE A 409 -15.46 -26.56 10.31
CA LEU A 410 -15.42 -28.96 7.42
CA ASN A 411 -12.82 -29.09 4.69
CA GLN A 412 -12.56 -30.90 1.38
CA LEU A 413 -16.26 -30.64 0.73
CA THR A 414 -17.27 -33.30 -1.74
CA SER A 415 -20.42 -34.30 -3.55
CA ARG A 416 -21.16 -36.65 -0.69
CA ASP A 417 -21.45 -33.72 1.69
CA ALA A 418 -24.63 -32.24 0.27
CA GLY A 419 -27.49 -33.19 2.52
CA PHE A 420 -29.35 -32.41 5.72
CA TYR A 421 -27.56 -32.01 9.00
CA TRP A 422 -28.37 -30.97 12.53
CA CYS A 423 -26.40 -29.16 15.18
CA LEU A 424 -27.72 -29.75 18.62
CA THR A 425 -27.02 -30.04 22.34
CA ASN A 426 -27.24 -33.18 24.51
CA GLY A 427 -28.69 -36.34 23.00
CA ASP A 428 -29.58 -36.50 19.32
CA THR A 429 -33.07 -37.80 20.00
CA LEU A 430 -34.02 -34.86 22.20
CA TRP A 431 -34.32 -32.74 19.08
CA ARG A 432 -33.05 -29.63 20.76
CA THR A 433 -31.21 -28.93 17.52
CA THR A 434 -31.44 -26.82 14.44
CA VAL A 435 -31.65 -28.28 10.97
CA GLU A 436 -29.15 -27.14 8.42
CA ILE A 437 -29.20 -27.93 4.74
CA LYS A 438 -25.86 -28.04 3.07
CA ILE A 439 -25.55 -27.96 -0.68
CA ILE A 440 -22.14 -28.55 -2.11
CA GLU A 441 -21.38 -27.18 -5.67
CA GLY A 442 -17.74 -27.56 -6.96
CA GLU A 443 -16.43 -23.93 -7.39
CA PRO A 444 -17.03 -23.27 -4.55
CA ASN A 445 -16.11 -25.74 -1.96
CA LEU A 446 -15.03 -22.42 0.00
CA LYS A 447 -16.62 -20.37 2.70
CA VAL A 448 -15.71 -16.88 3.79
CA PRO A 449 -17.13 -13.65 4.98
CA GLY A 450 -17.79 -12.13 1.63
CA ASN A 451 -18.26 -8.84 3.38
CA VAL A 452 -15.92 -7.05 5.70
CA THR A 453 -15.87 -3.47 6.90
CA ALA A 454 -13.06 -1.60 8.55
CA VAL A 455 -11.73 1.88 9.03
CA LEU A 456 -8.55 3.17 7.56
CA GLY A 457 -5.52 2.53 9.71
CA GLU A 458 -7.05 -0.55 11.25
CA THR A 459 -6.06 -4.17 10.87
CA LEU A 460 -8.45 -6.71 9.47
CA LYS A 461 -8.56 -10.48 9.44
CA VAL A 462 -10.66 -12.77 7.30
CA PRO A 463 -11.07 -16.48 7.61
CA CYS A 464 -11.62 -18.96 4.78
CA HIS A 465 -12.61 -22.62 4.90
CA PHE A 466 -11.65 -25.47 2.60
CA PRO A 467 -11.12 -29.19 2.31
CA CYS A 468 -8.16 -31.42 3.24
CA LYS A 469 -6.82 -31.96 -0.26
CA PHE A 470 -6.82 -28.23 -0.36
CA SER A 471 -4.74 -28.32 2.78
CA SER A 472 -1.71 -28.98 0.63
CA TYR A 473 -2.77 -26.49 -2.07
CA GLU A 474 -1.39 -22.97 -2.18
CA LYS A 475 -3.69 -20.51 -0.47
CA TYR A 476 -4.08 -17.06 -1.85
CA TRP A 477 -5.68 -13.69 -1.32
CA CYS A 478 -6.25 -11.67 -4.46
CA LYS A 479 -7.35 -8.17 -5.26
CA TRP A 480 -9.99 -7.27 -7.78
CA ASN A 481 -9.37 -4.97 -10.72
CA ASN A 482 -6.12 -6.68 -11.51
CA THR A 483 -5.21 -8.86 -14.40
CA GLY A 484 -7.36 -11.73 -13.35
CA CYS A 485 -7.05 -11.32 -9.64
CA GLN A 486 -4.06 -9.48 -8.34
CA ALA A 487 -2.12 -11.83 -6.20
CA LEU A 488 -1.69 -10.32 -2.80
CA PRO A 489 -0.36 -12.60 -0.14
CA SER A 490 -0.19 -16.31 -0.81
CA GLN A 491 1.03 -19.23 1.22
CA ASP A 492 3.99 -16.93 1.48
CA GLU A 493 4.00 -13.69 3.53
CA GLY A 494 3.78 -9.91 3.07
CA PRO A 495 2.42 -6.72 4.57
CA SER A 496 0.39 -8.86 6.82
CA LYS A 497 -0.06 -12.50 7.51
CA ALA A 498 -1.84 -15.39 5.94
CA PHE A 499 -1.97 -18.38 8.19
CA VAL A 500 -3.04 -21.80 7.18
CA ASN A 501 -4.21 -24.51 9.45
CA CYS A 502 -3.57 -27.79 7.76
CA ASP A 503 -5.56 -30.98 7.75
CA GLU A 504 -6.31 -30.70 11.42
CA ASN A 505 -8.22 -27.49 10.99
CA SER A 506 -8.86 -26.44 7.49
CA ARG A 507 -8.89 -22.71 7.61
CA LEU A 508 -6.78 -19.88 6.35
CA VAL A 509 -6.68 -16.56 8.07
CA SER A 510 -5.55 -13.46 6.32
CA LEU A 511 -4.71 -10.49 8.41
CA THR A 512 -3.99 -7.13 6.93
CA LEU A 513 -2.37 -4.29 8.74
CA ASN A 514 -2.55 -0.57 8.25
CA LEU A 515 -5.53 -0.57 5.98
CA VAL A 516 -5.17 3.15 6.23
CA THR A 517 -5.22 3.07 2.50
CA ARG A 518 -8.34 3.69 0.50
CA ALA A 519 -6.83 1.33 -2.01
CA ASP A 520 -7.61 -1.56 0.26
CA GLU A 521 -11.33 -1.18 -0.20
CA GLY A 522 -12.46 -3.31 -3.09
CA TRP A 523 -13.36 -6.83 -4.09
CA TYR A 524 -11.06 -9.67 -3.20
CA TRP A 525 -10.92 -13.40 -3.50
CA CYS A 526 -9.69 -16.11 -1.20
CA GLY A 527 -8.95 -19.45 -2.73
CA VAL A 528 -6.67 -22.41 -3.22
CA LYS A 529 -4.45 -23.40 -6.09
CA GLN A 530 -3.97 -21.04 -8.98
CA GLY A 531 -6.09 -17.92 -9.20
CA HIS A 532 -7.32 -18.91 -12.65
CA PHE A 533 -8.89 -22.08 -11.33
CA TYR A 534 -11.49 -19.91 -9.62
CA GLY A 535 -11.78 -22.30 -6.76
CA GLU A 536 -12.29 -19.42 -4.42
CA THR A 537 -14.74 -17.20 -2.60
CA ALA A 538 -15.43 -13.56 -3.22
CA ALA A 539 -15.11 -11.11 -0.39
CA VAL A 540 -15.95 -7.45 -0.43
CA TYR A 541 -13.96 -5.20 1.79
CA VAL A 542 -15.00 -1.69 2.53
CA ALA A 543 -12.50 0.61 4.12
CA VAL A 544 -15.27 1.56 5.29
CA GLU A 545 -16.21 3.02 2.74
CA GLU A 546 -13.84 5.49 0.90
CA ARG A 547 -16.23 8.37 0.26
CA LYS A 548 -14.39 11.42 1.50
CA ALA A 549 -14.24 14.55 -0.82
CA ALA A 550 -11.81 17.56 0.39
CA GLY A 551 -11.81 20.18 -2.34
CA SER A 552 -11.00 22.09 -4.66
CA ARG A 553 -10.99 25.99 -3.87
CA ASP A 554 -8.80 28.37 -6.24
CA VAL A 555 -6.28 30.98 -4.59
CA SER A 556 -5.54 33.96 -6.65
CA LEU A 557 -4.67 33.93 -10.49
CA ALA A 558 -7.00 36.14 -12.55
CA LYS A 559 -5.72 38.80 -15.13
CA ALA A 560 -4.31 37.29 -18.50
CA ASP A 561 -4.17 39.96 -21.44
CA ALA A 562 -1.84 39.87 -24.46
CA ALA A 563 -1.32 42.99 -26.79
CA PRO A 564 -0.09 41.51 -30.32
CA ASP A 565 0.82 44.54 -32.72
CA GLU A 566 4.72 44.93 -32.51
CA LYS A 567 6.19 44.13 -36.14
CA VAL A 568 4.87 44.63 -39.73
CA LEU A 569 6.77 43.10 -42.94
CA ASP A 570 5.71 43.80 -46.67
CA SER A 571 6.97 43.00 -50.16
CA GLY A 572 4.18 40.85 -52.12
CA PHE A 573 2.68 41.29 -55.78
CA ARG A 574 -0.50 39.59 -57.38
CA GLU A 575 -1.36 40.16 -61.14
CA ILE A 576 -4.04 38.96 -64.05
CA GLU A 577 -4.21 36.42 -66.85
CA ASN A 578 -6.15 37.34 -70.18
CA LYS A 579 -4.40 37.12 -73.64
CA ALA A 580 -5.52 37.04 -77.21
CA ILE A 581 -5.31 34.16 -79.85
CA GLN A 582 -5.92 35.12 -83.55
CA ASP A 583 -8.05 31.84 -84.03
CA PRO A 584 -10.79 30.47 -84.98
CA ARG A 585 -10.52 30.29 -88.86
CA LYS A 1 24.84 -6.27 -39.06
CA SER A 2 24.87 -2.69 -37.94
CA PRO A 3 27.37 -0.57 -39.69
CA ILE A 4 27.98 1.70 -36.76
CA PHE A 5 30.50 1.20 -34.00
CA GLY A 6 31.55 2.99 -30.83
CA PRO A 7 32.34 2.46 -27.19
CA GLU A 8 30.57 -0.58 -25.84
CA GLU A 9 30.81 0.80 -22.36
CA VAL A 10 31.76 4.14 -20.92
CA ASN A 11 32.53 4.84 -17.28
CA SER A 12 32.73 8.24 -15.67
CA VAL A 13 32.14 10.18 -12.45
CA GLU A 14 29.28 12.41 -11.32
CA GLY A 15 31.06 15.65 -11.91
CA ASN A 16 32.63 14.97 -15.22
CA SER A 17 31.93 14.99 -18.89
CA VAL A 18 32.20 12.17 -21.35
CA SER A 19 32.85 12.21 -25.03
CA ILE A 20 31.37 9.40 -27.01
CA THR A 21 32.55 8.84 -30.55
CA CYS A 22 30.62 6.64 -32.97
CA TYR A 23 31.79 5.58 -36.36
CA TYR A 24 29.74 5.15 -39.51
CA PRO A 25 30.79 4.35 -43.04
CA PRO A 26 32.04 7.29 -44.96
CA THR A 27 29.19 7.74 -47.36
CA SER A 28 27.54 10.76 -48.78
CA VAL A 29 24.32 9.26 -47.52
CA ASN A 30 25.66 8.97 -44.02
CA ARG A 31 27.38 12.29 -44.21
CA HIS A 32 23.97 13.89 -44.68
CA THR A 33 21.78 11.64 -42.53
CA ARG A 34 20.46 12.61 -39.13
CA LYS A 35 22.76 11.49 -36.33
CA TYR A 36 21.21 10.70 -32.99
CA TRP A 37 21.88 9.81 -29.37
CA CYS A 38 19.02 8.22 -27.47
CA ARG A 39 18.44 6.42 -24.22
CA GLN A 40 16.84 3.01 -23.96
CA GLY A 41 13.91 2.96 -21.64
CA ALA A 42 13.08 0.00 -19.47
CA ARG A 43 10.02 -0.28 -21.66
CA GLY A 44 12.13 -0.93 -24.72
CA GLY A 45 12.10 2.32 -26.69
CA CYS A 46 14.88 4.80 -27.24
CA ILE A 47 14.17 8.43 -26.67
CA THR A 48 16.25 10.93 -28.56
CA LEU A 49 18.34 13.07 -26.23
CA ILE A 50 20.22 14.97 -28.94
CA SER A 51 20.25 14.95 -32.74
CA SER A 52 22.20 16.60 -35.53
CA GLU A 53 18.78 17.85 -36.52
CA GLY A 54 19.06 20.46 -33.81
CA TYR A 55 16.69 18.82 -31.35
CA VAL A 56 18.07 18.84 -27.83
CA SER A 57 16.55 17.23 -24.77
CA SER A 58 15.59 19.59 -22.03
CA LYS A 59 17.85 17.69 -19.67
CA TYR A 60 20.69 18.01 -22.18
CA ALA A 61 20.31 21.73 -22.86
CA GLY A 62 23.53 23.64 -22.34
CA ARG A 63 25.40 20.60 -21.06
CA ALA A 64 25.86 18.65 -24.29
CA ASN A 65 26.42 19.03 -28.02
CA LEU A 66 26.62 16.72 -30.99
CA THR A 67 29.15 17.30 -33.74
CA ASN A 68 29.50 15.64 -37.14
CA PHE A 69 32.92 14.97 -38.60
CA PRO A 70 32.40 13.79 -42.11
CA GLU A 71 36.09 13.39 -42.75
CA ASN A 72 36.42 10.90 -39.92
CA GLY A 73 33.11 9.27 -40.63
CA THR A 74 32.23 9.88 -37.04
CA PHE A 75 30.27 12.17 -34.76
CA VAL A 76 30.86 13.01 -31.13
CA VAL A 77 28.43 13.49 -28.31
CA ASN A 78 29.76 15.53 -25.44
CA ILE A 79 27.97 15.27 -22.16
CA ALA A 80 28.86 17.46 -19.23
CA GLN A 81 27.60 17.66 -15.69
CA LEU A 82 27.05 13.92 -15.64
CA SER A 83 24.85 12.76 -12.79
CA GLN A 84 24.09 9.36 -11.35
CA ASP A 85 20.83 9.40 -13.25
CA ASP A 86 22.84 9.44 -16.46
CA SER A 87 23.85 5.85 -15.88
CA GLY A 88 21.97 3.67 -18.31
CA ARG A 89 21.90 2.29 -21.83
CA TYR A 90 21.98 4.51 -24.87
CA LYS A 91 22.37 4.19 -28.61
CA CYS A 92 24.07 6.28 -31.24
CA GLY A 93 22.86 5.85 -34.78
CA LEU A 94 21.95 7.33 -38.13
CA GLY A 95 18.70 7.94 -39.91
CA ILE A 96 15.36 7.14 -38.40
CA ASN A 97 15.52 5.55 -34.99
CA SER A 98 13.49 2.78 -36.61
CA ARG A 99 16.17 1.40 -39.02
CA GLY A 100 18.42 -0.23 -36.46
CA LEU A 101 21.53 1.35 -37.81
CA SER A 102 22.93 2.15 -34.42
CA PHE A 103 25.35 1.14 -31.70
CA ASP A 104 24.54 0.28 -28.09
CA VAL A 105 26.49 2.16 -25.48
CA SER A 106 26.32 1.56 -21.79
CA LEU A 107 27.19 4.46 -19.57
CA GLU A 108 27.85 4.07 -15.90
CA VAL A 109 28.25 7.24 -13.90
CA SER A 110 25.03 6.93 -11.84
CA GLN A 111 21.22 5.78 -11.87
CA GLY A 112 17.47 6.73 -12.49
CA PRO A 113 13.64 6.12 -11.79
CA GLY A 114 10.06 8.23 -11.65
CA LEU A 115 7.29 8.65 -9.06
CA LEU A 116 4.31 8.85 -11.63
CA ASN A 117 2.40 6.10 -9.95
CA ASP A 118 1.81 5.49 -6.27
CA THR A 119 -0.98 4.32 -4.02
CA LYS A 120 -3.69 6.91 -4.15
CA VAL A 121 -4.70 6.16 -0.63
CA TYR A 122 -3.06 4.20 2.11
CA THR A 123 -4.82 3.18 5.28
CA VAL A 124 -3.18 1.99 8.45
CA ASP A 125 -3.90 1.47 12.13
CA LEU A 126 -2.15 3.71 14.57
CA GLY A 127 0.63 1.54 15.95
CA ARG A 128 1.53 -0.04 12.63
CA THR A 129 4.28 0.85 10.21
CA VAL A 130 3.56 1.65 6.62
CA THR A 131 5.52 1.57 3.40
CA ILE A 132 4.81 3.72 0.40
CA ASN A 133 6.30 2.88 -2.96
CA CYS A 134 6.42 5.25 -5.90
CA PRO A 135 7.72 4.28 -9.29
CA PHE A 136 9.70 6.64 -11.55
CA LYS A 137 11.71 6.84 -14.81
CA THR A 138 15.40 6.95 -15.83
CA GLU A 139 16.07 10.69 -15.77
CA ASN A 140 14.13 10.40 -12.62
CA ALA A 141 16.57 7.80 -11.38
CA GLN A 142 19.20 10.45 -10.88
CA LYS A 143 17.01 13.21 -9.51
CA ARG A 144 16.17 13.93 -5.89
CA LYS A 145 13.29 11.97 -4.43
CA SER A 146 11.08 13.44 -1.76
CA LEU A 147 8.07 12.83 0.44
CA TYR A 148 6.21 15.88 1.63
CA LYS A 149 3.02 16.87 3.41
CA GLN A 150 0.55 19.05 1.60
CA ILE A 151 -1.06 22.14 3.12
CA GLY A 152 0.26 25.62 3.49
CA LEU A 153 2.17 27.53 0.90
CA TYR A 154 4.62 24.76 0.34
CA PRO A 155 4.34 21.08 0.82
CA VAL A 156 6.74 20.39 3.66
CA LEU A 157 9.45 17.90 2.87
CA VAL A 158 9.46 15.23 5.55
CA ILE A 159 12.27 13.16 4.06
CA ASP A 160 14.44 13.48 0.97
CA SER A 161 16.96 11.37 -0.93
CA SER A 162 19.28 14.34 -0.50
CA GLY A 163 20.11 13.32 3.03
CA TYR A 164 17.51 15.54 4.63
CA VAL A 165 15.33 14.12 7.36
CA ASN A 166 12.71 16.11 9.26
CA PRO A 167 12.91 16.03 12.99
CA ASN A 168 9.45 14.60 13.24
CA TYR A 169 10.51 11.78 10.94
CA THR A 170 14.07 11.35 12.19
CA GLY A 171 14.42 7.74 13.29
CA ARG A 172 10.74 7.15 12.55
CA ILE A 173 11.04 6.85 8.80
CA ARG A 174 13.37 5.96 5.96
CA LEU A 175 13.38 6.69 2.24
CA ASP A 176 15.20 4.27 -0.02
CA ILE A 177 15.96 4.74 -3.67
CA GLN A 178 15.92 1.89 -6.12
CA GLY A 179 17.84 2.36 -9.30
CA THR A 180 16.31 3.13 -12.63
CA GLY A 181 15.66 -0.50 -13.32
CA GLN A 182 13.67 -0.84 -10.15
CA LEU A 183 12.43 2.71 -10.77
CA LEU A 184 11.10 2.80 -7.27
CA PHE A 185 11.77 4.51 -4.01
CA SER A 186 10.23 3.47 -0.77
CA VAL A 187 9.21 5.51 2.21
CA VAL A 188 8.92 3.50 5.38
CA ILE A 189 7.08 5.15 8.24
CA ASN A 190 6.71 3.58 11.63
CA GLN A 191 4.80 4.29 14.80
CA LEU A 192 2.00 5.96 12.92
CA ARG A 193 0.08 8.43 15.03
CA LEU A 194 -3.17 10.29 14.59
CA SER A 195 -1.19 13.29 13.41
CA ASP A 196 0.01 11.23 10.46
CA ALA A 197 -3.31 11.18 8.66
CA GLY A 198 -3.28 13.71 5.88
CA GLN A 199 -2.29 14.29 2.28
CA TYR A 200 1.26 13.83 1.10
CA LEU A 201 3.06 13.60 -2.19
CA CYS A 202 6.03 11.63 -3.41
CA GLN A 203 7.97 13.15 -6.22
CA ALA A 204 11.23 13.83 -7.95
CA GLY A 205 13.19 17.03 -8.27
CA ASP A 206 11.99 20.12 -6.48
CA ASP A 207 8.65 20.18 -4.73
CA SER A 208 7.37 23.12 -6.73
CA ASN A 209 7.55 21.09 -9.85
CA SER A 210 4.47 19.01 -10.42
CA ASN A 211 6.41 15.84 -10.89
CA LYS A 212 4.81 13.90 -8.10
CA LYS A 213 1.79 11.92 -7.10
CA ASN A 214 -0.61 12.70 -4.32
CA ALA A 215 -1.11 10.10 -1.66
CA ASP A 216 -3.71 10.22 1.05
CA LEU A 217 -2.72 8.58 4.28
CA GLN A 218 -5.46 7.59 6.62
CA VAL A 219 -4.46 6.57 10.10
CA LEU A 220 -4.31 5.87 13.79
CA LYS A 221 -7.91 5.07 15.58
CA PRO A 222 -7.49 1.49 16.64
CA GLU A 223 -10.00 -0.07 18.98
CA PRO A 224 -11.66 -3.32 19.73
CA GLU A 225 -13.84 -4.12 16.79
CA LEU A 226 -16.14 -6.18 18.90
CA VAL A 227 -16.49 -6.49 22.62
CA TYR A 228 -18.64 -9.14 24.21
CA GLU A 229 -19.37 -9.53 27.87
CA ASP A 230 -21.90 -10.98 30.24
CA LEU A 231 -24.55 -9.09 32.13
CA ARG A 232 -23.53 -7.51 35.40
CA GLY A 233 -19.95 -7.65 34.27
CA SER A 234 -17.62 -4.72 33.98
CA VAL A 235 -15.97 -3.95 30.69
CA THR A 236 -13.23 -1.69 29.52
CA PHE A 237 -12.61 -0.41 26.04
CA HIS A 238 -9.21 0.76 24.96
CA CYS A 239 -8.85 3.13 22.04
CA ALA A 240 -5.57 4.35 20.51
CA LEU A 241 -4.63 7.61 18.77
CA GLY A 242 -1.87 10.03 17.49
CA PRO A 243 -0.33 13.36 18.41
CA GLU A 244 -2.94 15.98 17.67
CA VAL A 245 -5.06 13.52 19.47
CA ALA A 246 -3.16 13.65 22.73
CA ASN A 247 -4.60 17.04 23.68
CA VAL A 248 -7.88 16.69 21.80
CA ALA A 249 -11.09 15.82 23.63
CA LYS A 250 -11.84 12.12 23.85
CA PHE A 251 -15.34 10.84 23.75
CA LEU A 252 -17.38 7.69 23.85
CA CYS A 253 -20.75 7.83 22.20
CA ARG A 254 -23.60 5.52 21.38
CA GLN A 255 -24.68 5.39 17.79
CA SER A 256 -28.27 6.27 17.22
CA SER A 257 -30.59 6.49 14.29
CA GLY A 258 -29.71 9.34 12.01
CA GLU A 259 -26.26 10.76 11.87
CA ASN A 260 -25.94 11.55 15.53
CA CYS A 261 -24.05 9.82 18.26
CA ASP A 262 -24.81 10.86 21.79
CA VAL A 263 -21.81 11.29 23.96
CA VAL A 264 -22.02 9.04 26.96
CA VAL A 265 -18.87 10.46 28.51
CA ASN A 266 -16.02 12.76 27.54
CA THR A 267 -12.55 13.76 28.63
CA LEU A 268 -14.09 17.23 28.80
CA GLY A 269 -15.68 16.49 32.11
CA LYS A 270 -19.16 15.77 30.93
CA ARG A 271 -20.69 12.57 32.22
CA ALA A 272 -24.14 11.45 31.13
CA PRO A 273 -26.51 10.57 33.86
CA ALA A 274 -27.01 7.06 32.56
CA PHE A 275 -23.27 6.65 32.85
CA GLU A 276 -22.73 8.74 35.97
CA GLY A 277 -21.03 6.67 38.62
CA ARG A 278 -21.33 3.66 36.34
CA ILE A 279 -18.49 4.53 34.00
CA LEU A 280 -15.12 6.25 33.82
CA LEU A 281 -13.05 7.47 30.90
CA ASN A 282 -9.39 8.09 31.45
CA PRO A 283 -6.81 9.21 29.01
CA GLN A 284 -3.17 8.28 28.95
CA ASP A 285 -1.25 10.51 26.60
CA LYS A 286 1.99 8.62 26.83
CA ASP A 287 0.56 5.30 25.79
CA GLY A 288 -1.71 7.03 23.32
CA SER A 289 -4.79 5.41 24.66
CA PHE A 290 -7.82 6.22 26.68
CA SER A 291 -9.94 3.69 28.41
CA VAL A 292 -13.63 3.65 29.02
CA VAL A 293 -14.65 1.51 31.95
CA ILE A 294 -18.27 0.54 32.20
CA THR A 295 -19.78 -1.46 35.00
CA GLY A 296 -23.15 -3.01 35.66
CA LEU A 297 -23.44 -4.07 32.05
CA ARG A 298 -27.05 -4.57 31.07
CA LYS A 299 -28.85 -5.75 27.99
CA GLU A 300 -29.38 -2.09 27.26
CA ASP A 301 -25.64 -1.81 26.74
CA ALA A 302 -25.47 -3.98 23.64
CA GLY A 303 -25.21 -1.79 20.57
CA ARG A 304 -22.81 0.21 18.42
CA TYR A 305 -20.59 2.86 19.91
CA LEU A 306 -17.78 5.10 18.77
CA CYS A 307 -14.75 6.34 20.56
CA GLY A 308 -12.97 9.20 18.98
CA ALA A 309 -11.28 12.53 19.34
CA HIS A 310 -12.52 16.04 18.79
CA SER A 311 -16.15 16.52 17.94
CA ASP A 312 -18.32 13.56 17.05
CA GLY A 313 -19.47 13.83 13.47
CA GLN A 314 -15.89 14.67 12.65
CA LEU A 315 -15.82 10.94 12.13
CA GLN A 316 -12.36 10.83 13.53
CA GLU A 317 -13.38 7.80 15.48
CA GLY A 318 -13.56 4.03 15.52
CA SER A 319 -16.70 1.99 15.76
CA PRO A 320 -16.92 -0.51 18.51
CA ILE A 321 -19.62 -3.13 18.64
CA GLN A 322 -20.68 -4.19 22.08
CA ALA A 323 -22.71 -7.26 22.76
CA TRP A 324 -23.87 -8.48 26.11
CA GLN A 325 -26.30 -11.25 24.38
CA LEU A 326 -27.09 -14.22 24.78
CA PHE A 327 -24.06 -14.82 27.09
CA VAL A 328 -22.98 -12.17 29.64
CA ASN A 329 -20.36 -10.22 27.42
CA GLU A 330 -19.05 -6.70 26.28
CA GLU A 331 -19.68 -4.62 23.00
CA SER A 332 -16.47 -5.27 20.64
CA THR A 333 -14.17 -8.34 21.19
CA ILE A 334 -13.00 -10.63 18.30
CA PRO A 335 -12.11 -14.42 19.04
CA ARG A 336 -8.69 -14.53 16.91
CA SER A 337 -7.37 -18.23 16.92
CA PRO A 338 -5.68 -20.96 15.05
CA THR A 339 -8.23 -23.27 13.52
CA VAL A 340 -5.85 -26.17 13.66
CA VAL A 341 -2.63 -26.67 15.52
CA LYS A 342 -0.32 -29.56 14.96
CA GLY A 343 2.51 -30.65 17.17
CA VAL A 344 4.38 -33.77 17.85
CA ALA A 345 4.93 -35.89 20.94
CA GLY A 346 6.78 -34.32 23.86
CA SER A 347 7.00 -30.86 22.29
CA SER A 348 5.29 -27.81 23.81
CA VAL A 349 2.69 -25.72 22.08
CA ALA A 350 1.22 -22.29 22.52
CA VAL A 351 -2.15 -21.12 21.34
CA LEU A 352 -3.04 -17.47 21.04
CA CYS A 353 -6.59 -16.13 20.81
CA PRO A 354 -7.64 -12.53 20.21
CA TYR A 355 -10.60 -10.60 21.79
CA ASN A 356 -12.45 -7.18 22.33
CA ARG A 357 -12.93 -4.50 25.03
CA LYS A 358 -15.56 -5.93 27.33
CA GLU A 359 -13.62 -9.03 26.80
CA SER A 360 -10.47 -7.54 28.29
CA LYS A 361 -12.04 -7.81 31.73
CA SER A 362 -13.94 -11.07 31.32
CA ILE A 363 -12.71 -14.51 32.26
CA LYS A 364 -10.66 -16.37 29.67
CA TYR A 365 -10.79 -20.08 29.39
CA TRP A 366 -9.52 -23.11 27.51
CA CYS A 367 -11.77 -26.17 27.23
CA LEU A 368 -11.90 -29.55 25.59
CA TRP A 369 -15.03 -30.37 23.66
CA GLU A 370 -17.08 -33.29 24.89
CA GLY A 371 -19.15 -35.46 22.60
CA ALA A 372 -22.79 -35.93 23.46
CA GLN A 373 -26.14 -34.60 22.48
CA ASN A 374 -25.58 -32.22 25.33
CA GLY A 375 -21.95 -32.00 26.16
CA ARG A 376 -19.92 -29.39 27.89
CA CYS A 377 -16.38 -28.45 27.20
CA PRO A 378 -14.54 -29.16 30.34
CA LEU A 379 -12.74 -26.15 31.74
CA LEU A 380 -9.12 -27.13 31.33
CA VAL A 381 -7.59 -23.85 32.54
CA ASP A 382 -9.04 -20.42 33.29
CA SER A 383 -7.91 -16.85 33.88
CA GLU A 384 -9.67 -17.12 37.21
CA GLY A 385 -6.95 -19.14 38.79
CA TRP A 386 -8.44 -22.53 38.11
CA VAL A 387 -6.31 -25.23 36.57
CA LYS A 388 -7.40 -28.79 35.91
CA ALA A 389 -5.51 -31.64 37.46
CA GLN A 390 -4.35 -32.96 34.14
CA TYR A 391 -3.01 -29.56 33.19
CA GLU A 392 -1.69 -28.45 36.57
CA GLY A 393 1.97 -27.63 36.16
CA ARG A 394 1.86 -28.75 32.54
CA LEU A 395 0.12 -25.70 31.12
CA SER A 396 -0.34 -21.99 31.60
CA LEU A 397 -2.83 -19.35 30.50
CA LEU A 398 -1.71 -15.75 30.25
CA GLU A 399 -3.78 -12.75 29.31
CA GLU A 400 -2.41 -9.54 27.93
CA PRO A 401 -5.20 -7.07 27.56
CA GLY A 402 -3.34 -4.41 25.63
CA ASN A 403 -2.63 -6.85 22.85
CA GLY A 404 -6.07 -8.31 23.14
CA THR A 405 -4.73 -11.79 23.40
CA PHE A 406 -4.29 -14.57 25.88
CA THR A 407 -1.98 -17.48 25.39
CA VAL A 408 -2.31 -21.03 26.53
CA ILE A 409 0.97 -22.82 26.75
CA LEU A 410 0.93 -26.57 27.07
CA ASN A 411 3.95 -28.78 27.56
CA GLN A 412 4.52 -32.52 27.45
CA LEU A 413 1.99 -33.01 24.70
CA THR A 414 0.84 -36.60 24.72
CA SER A 415 -1.42 -38.75 22.61
CA ARG A 416 -4.25 -37.81 24.93
CA ASP A 417 -3.95 -34.19 23.90
CA ALA A 418 -5.17 -34.58 20.34
CA GLY A 419 -8.73 -33.40 20.18
CA PHE A 420 -11.04 -30.40 19.92
CA TYR A 421 -10.68 -27.45 22.22
CA TRP A 422 -12.16 -24.00 22.59
CA CYS A 423 -10.72 -20.72 23.81
CA LEU A 424 -13.37 -18.31 24.89
CA THR A 425 -14.39 -15.45 27.14
CA ASN A 426 -16.92 -15.51 30.00
CA GLY A 427 -19.01 -18.61 30.50
CA ASP A 428 -18.40 -21.72 28.42
CA THR A 429 -22.03 -22.03 27.40
CA LEU A 430 -22.17 -18.58 25.87
CA TRP A 431 -20.18 -19.88 22.93
CA ARG A 432 -18.30 -16.66 22.44
CA THR A 433 -15.29 -18.84 21.70
CA THR A 434 -13.26 -20.13 18.83
CA VAL A 435 -12.82 -23.80 18.13
CA GLU A 436 -9.33 -25.14 17.81
CA ILE A 437 -8.35 -28.59 16.68
CA LYS A 438 -5.15 -29.90 18.09
CA ILE A 439 -3.45 -32.89 16.58
CA ILE A 440 -0.51 -34.30 18.45
CA GLU A 441 2.11 -36.37 16.46
CA GLY A 442 5.28 -37.51 18.40
CA GLU A 443 8.25 -35.73 16.66
CA PRO A 444 7.02 -33.04 17.11
CA ASN A 445 5.54 -32.35 20.42
CA LEU A 446 7.26 -28.79 19.79
CA LYS A 447 5.99 -25.46 18.66
CA VAL A 448 8.00 -22.52 17.44
CA PRO A 449 8.02 -19.72 14.98
CA GLY A 450 9.53 -21.58 12.12
CA ASN A 451 10.11 -18.25 10.45
CA VAL A 452 11.93 -15.25 11.76
CA THR A 453 13.26 -12.20 9.99
CA ALA A 454 15.76 -9.67 11.25
CA VAL A 455 18.32 -7.23 10.01
CA LEU A 456 22.01 -7.58 10.51
CA GLY A 457 23.25 -6.09 13.74
CA GLU A 458 19.96 -6.68 15.48
CA THR A 459 19.11 -9.06 18.28
CA LEU A 460 16.51 -11.75 17.82
CA LYS A 461 14.59 -13.97 20.21
CA VAL A 462 12.64 -17.11 19.43
CA PRO A 463 10.38 -19.02 21.73
CA CYS A 464 9.82 -22.79 21.76
CA HIS A 465 7.20 -24.84 23.58
CA PHE A 466 7.44 -28.35 25.01
CA PRO A 467 6.13 -30.73 27.64
CA CYS A 468 7.02 -31.17 31.33
CA LYS A 469 9.14 -34.28 30.95
CA PHE A 470 10.99 -32.20 28.49
CA SER A 471 11.38 -29.63 31.23
CA SER A 472 14.26 -31.67 32.59
CA TYR A 473 15.67 -32.45 29.14
CA GLU A 474 18.52 -30.45 27.63
CA LYS A 475 17.28 -27.70 25.38
CA TYR A 476 19.19 -26.83 22.28
CA TRP A 477 19.39 -24.50 19.33
CA CYS A 478 21.12 -25.89 16.27
CA LYS A 479 22.28 -24.54 12.98
CA TRP A 480 21.60 -26.16 9.64
CA ASN A 481 24.34 -27.19 7.24
CA ASN A 482 26.34 -28.72 10.02
CA THR A 483 27.09 -32.32 10.73
CA GLY A 484 23.61 -33.19 11.72
CA CYS A 485 22.63 -29.94 13.28
CA GLN A 486 25.38 -27.71 14.51
CA ALA A 487 24.96 -27.28 18.18
CA LEU A 488 24.73 -23.62 18.97
CA PRO A 489 23.65 -22.73 22.44
CA SER A 490 22.21 -25.42 24.67
CA GLN A 491 20.97 -25.44 28.20
CA ASP A 492 24.31 -23.79 28.66
CA GLU A 493 25.13 -20.24 27.46
CA GLY A 494 26.97 -18.43 24.67
CA PRO A 495 26.90 -15.39 22.40
CA SER A 496 23.41 -14.88 23.54
CA LYS A 497 21.01 -16.45 25.93
CA ALA A 498 18.79 -19.46 26.01
CA PHE A 499 16.38 -19.36 28.87
CA VAL A 500 14.24 -22.21 29.98
CA ASN A 501 11.13 -21.98 32.02
CA CYS A 502 10.67 -25.23 33.81
CA ASP A 503 7.55 -27.16 34.63
CA GLU A 504 5.70 -24.03 35.60
CA ASN A 505 5.95 -22.57 32.15
CA SER A 506 7.28 -24.83 29.52
CA ARG A 507 9.04 -22.57 27.14
CA LEU A 508 12.56 -21.89 26.05
CA VAL A 509 13.61 -18.56 24.70
CA SER A 510 16.69 -18.14 22.62
CA LEU A 511 18.00 -14.69 22.13
CA THR A 512 20.77 -13.93 19.75
CA LEU A 513 22.75 -10.74 19.70
CA ASN A 514 24.63 -8.99 16.95
CA LEU A 515 23.15 -10.92 14.12
CA VAL A 516 25.15 -8.55 12.02
CA THR A 517 26.49 -11.63 10.40
CA ARG A 518 25.11 -13.01 7.19
CA ALA A 519 26.10 -16.36 8.55
CA ASP A 520 23.21 -16.23 10.95
CA GLU A 521 20.66 -16.49 8.20
CA GLY A 522 19.82 -20.13 7.60
CA TRP A 523 17.77 -23.01 8.89
CA TYR A 524 17.85 -23.85 12.55
CA TRP A 525 16.24 -26.27 14.93
CA CYS A 526 15.01 -25.92 18.48
CA GLY A 527 14.53 -29.08 20.44
CA VAL A 528 15.05 -31.13 23.54
CA LYS A 529 17.40 -33.98 24.31
CA GLN A 530 20.04 -34.94 21.80
CA GLY A 531 19.98 -33.38 18.37
CA HIS A 532 19.86 -36.80 16.72
CA PHE A 533 16.56 -37.62 18.39
CA TYR A 534 14.95 -35.04 16.12
CA GLY A 535 12.44 -34.12 18.75
CA GLU A 536 12.57 -30.56 17.58
CA THR A 537 11.05 -27.87 15.45
CA ALA A 538 12.53 -26.29 12.36
CA ALA A 539 12.89 -22.55 12.22
CA VAL A 540 14.04 -20.48 9.31
CA TYR A 541 15.86 -17.30 10.06
CA VAL A 542 16.48 -14.70 7.44
CA ALA A 543 18.97 -11.97 8.19
CA VAL A 544 16.81 -10.57 6.39
CA GLU A 545 17.77 -11.82 3.72
CA GLU A 546 21.54 -11.80 2.78
CA ARG A 547 21.30 -10.73 -0.84
CA LYS A 548 23.78 -7.90 -1.16
CA ALA A 549 26.31 -7.96 -4.12
CA ALA A 550 29.22 -5.15 -4.03
CA GLY A 551 31.56 -5.84 -6.93
CA SER A 552 34.01 -6.60 -8.70
CA ARG A 553 35.63 -3.69 -10.88
CA ASP A 554 39.41 -4.16 -12.11
CA VAL A 555 42.04 -1.22 -11.51
CA SER A 556 44.86 -1.14 -13.90
CA LEU A 557 46.99 -4.26 -15.02
CA ALA A 558 47.04 -4.71 -18.82
CA LYS A 559 50.32 -5.23 -20.88
CA ALA A 560 51.98 -8.81 -20.51
CA ASP A 561 54.50 -9.64 -23.45
CA ALA A 562 57.45 -12.08 -23.28
CA ALA A 563 60.27 -12.14 -26.01
CA PRO A 564 61.85 -15.84 -25.84
CA ASP A 565 64.96 -16.00 -28.30
CA GLU A 566 68.14 -15.48 -26.04
CA LYS A 567 70.28 -18.84 -26.21
CA VAL A 568 70.86 -21.52 -28.93
CA LEU A 569 72.81 -24.95 -28.18
CA ASP A 570 73.75 -27.61 -30.93
CA SER A 571 75.66 -30.88 -31.15
CA GLY A 572 73.18 -33.81 -32.35
CA PHE A 573 73.60 -36.58 -35.18
CA ARG A 574 70.89 -38.97 -36.75
CA GLU A 575 71.93 -41.73 -39.30
CA ILE A 576 70.35 -44.88 -41.46
CA GLU A 577 70.04 -48.63 -41.16
CA ASN A 578 70.22 -50.87 -44.43
CA LYS A 579 72.82 -53.75 -44.70
CA ALA A 580 73.26 -56.74 -46.94
CA ILE A 581 73.02 -60.56 -46.09
CA GLN A 582 74.42 -63.02 -48.71
CA ASP A 583 71.33 -65.39 -48.11
CA PRO A 584 68.87 -67.05 -49.34
CA ARG A 585 70.47 -70.30 -50.76
CA LYS A 1 24.84 -6.27 -39.06
CA SER A 2 24.87 -2.69 -37.94
CA PRO A 3 27.37 -0.57 -39.69
CA ILE A 4 27.98 1.70 -36.76
CA PHE A 5 30.50 1.20 -34.00
CA GLY A 6 31.55 2.99 -30.83
CA PRO A 7 32.34 2.46 -27.19
CA GLU A 8 30.57 -0.58 -25.84
CA GLU A 9 30.81 0.80 -22.36
CA VAL A 10 31.76 4.14 -20.92
CA ASN A 11 32.53 4.84 -17.28
CA SER A 12 32.73 8.24 -15.67
CA VAL A 13 32.14 10.18 -12.45
CA GLU A 14 29.28 12.41 -11.32
CA GLY A 15 31.06 15.65 -11.91
CA ASN A 16 32.63 14.97 -15.22
CA SER A 17 31.93 14.99 -18.89
CA VAL A 18 32.20 12.17 -21.35
CA SER A 19 32.85 12.21 -25.03
CA ILE A 20 31.37 9.40 -27.01
CA THR A 21 32.55 8.84 -30.55
CA CYS A 22 30.62 6.64 -32.97
CA TYR A 23 31.79 5.58 -36.36
CA TYR A 24 29.74 5.15 -39.51
CA PRO A 25 30.79 4.35 -43.04
CA PRO A 26 32.04 7.29 -44.96
CA THR A 27 29.19 7.74 -47.36
CA SER A 28 27.54 10.76 -48.78
CA VAL A 29 24.32 9.26 -47.52
CA ASN A 30 25.66 8.97 -44.02
CA ARG A 31 27.38 12.29 -44.21
CA HIS A 32 23.97 13.89 -44.68
CA THR A 33 21.78 11.64 -42.53
CA ARG A 34 20.46 12.61 -39.13
CA LYS A 35 22.76 11.49 -36.33
CA TYR A 36 21.21 10.70 -32.99
CA TRP A 37 21.88 9.81 -29.37
CA CYS A 38 19.02 8.22 -27.47
CA ARG A 39 18.44 6.42 -24.22
CA GLN A 40 16.84 3.01 -23.96
CA GLY A 41 13.91 2.96 -21.64
CA ALA A 42 13.08 0.00 -19.47
CA ARG A 43 10.02 -0.28 -21.66
CA GLY A 44 12.13 -0.93 -24.72
CA GLY A 45 12.10 2.32 -26.69
CA CYS A 46 14.88 4.80 -27.24
CA ILE A 47 14.17 8.43 -26.67
CA THR A 48 16.25 10.93 -28.56
CA LEU A 49 18.34 13.07 -26.23
CA ILE A 50 20.22 14.97 -28.94
CA SER A 51 20.25 14.95 -32.74
CA SER A 52 22.20 16.60 -35.53
CA GLU A 53 18.78 17.85 -36.52
CA GLY A 54 19.06 20.46 -33.81
CA TYR A 55 16.69 18.82 -31.35
CA VAL A 56 18.07 18.84 -27.83
CA SER A 57 16.55 17.23 -24.77
CA SER A 58 15.59 19.59 -22.03
CA LYS A 59 17.85 17.69 -19.67
CA TYR A 60 20.69 18.01 -22.18
CA ALA A 61 20.31 21.73 -22.86
CA GLY A 62 23.53 23.64 -22.34
CA ARG A 63 25.40 20.60 -21.06
CA ALA A 64 25.86 18.65 -24.29
CA ASN A 65 26.42 19.03 -28.02
CA LEU A 66 26.62 16.72 -30.99
CA THR A 67 29.15 17.30 -33.74
CA ASN A 68 29.50 15.64 -37.14
CA PHE A 69 32.92 14.97 -38.60
CA PRO A 70 32.40 13.79 -42.11
CA GLU A 71 36.09 13.39 -42.75
CA ASN A 72 36.42 10.90 -39.92
CA GLY A 73 33.11 9.27 -40.63
CA THR A 74 32.23 9.88 -37.04
CA PHE A 75 30.27 12.17 -34.76
CA VAL A 76 30.86 13.01 -31.13
CA VAL A 77 28.43 13.49 -28.31
CA ASN A 78 29.76 15.53 -25.44
CA ILE A 79 27.97 15.27 -22.16
CA ALA A 80 28.86 17.46 -19.23
CA GLN A 81 27.60 17.66 -15.69
CA LEU A 82 27.05 13.92 -15.64
CA SER A 83 24.85 12.76 -12.79
CA GLN A 84 24.09 9.36 -11.35
CA ASP A 85 20.83 9.40 -13.25
CA ASP A 86 22.84 9.44 -16.46
CA SER A 87 23.85 5.85 -15.88
CA GLY A 88 21.97 3.67 -18.31
CA ARG A 89 21.90 2.29 -21.83
CA TYR A 90 21.98 4.51 -24.87
CA LYS A 91 22.37 4.19 -28.61
CA CYS A 92 24.07 6.28 -31.24
CA GLY A 93 22.86 5.85 -34.78
CA LEU A 94 21.95 7.33 -38.13
CA GLY A 95 18.70 7.94 -39.91
CA ILE A 96 15.36 7.14 -38.40
CA ASN A 97 15.52 5.55 -34.99
CA SER A 98 13.49 2.78 -36.61
CA ARG A 99 16.17 1.40 -39.02
CA GLY A 100 18.42 -0.23 -36.46
CA LEU A 101 21.53 1.35 -37.81
CA SER A 102 22.93 2.15 -34.42
CA PHE A 103 25.35 1.14 -31.70
CA ASP A 104 24.54 0.28 -28.09
CA VAL A 105 26.49 2.16 -25.48
CA SER A 106 26.32 1.56 -21.79
CA LEU A 107 27.19 4.46 -19.57
CA GLU A 108 27.85 4.07 -15.90
CA VAL A 109 28.25 7.24 -13.90
CA SER A 110 25.03 6.93 -11.84
CA GLN A 111 21.22 5.78 -11.87
CA GLY A 112 17.47 6.73 -12.49
CA PRO A 113 13.64 6.12 -11.79
CA GLY A 114 10.06 8.23 -11.65
CA LEU A 115 7.29 8.65 -9.06
CA LEU A 116 4.31 8.85 -11.63
CA ASN A 117 2.40 6.10 -9.95
CA ASP A 118 1.81 5.49 -6.27
CA THR A 119 -0.98 4.32 -4.02
CA LYS A 120 -3.69 6.91 -4.15
CA VAL A 121 -4.70 6.16 -0.63
CA TYR A 122 -3.06 4.20 2.11
CA THR A 123 -4.82 3.18 5.28
CA VAL A 124 -3.18 1.99 8.45
CA ASP A 125 -3.90 1.47 12.13
CA LEU A 126 -2.15 3.71 14.57
CA GLY A 127 0.63 1.54 15.95
CA ARG A 128 1.53 -0.04 12.63
CA THR A 129 4.28 0.85 10.21
CA VAL A 130 3.56 1.65 6.62
CA THR A 131 5.52 1.57 3.40
CA ILE A 132 4.81 3.72 0.40
CA ASN A 133 6.30 2.88 -2.96
CA CYS A 134 6.42 5.25 -5.90
CA PRO A 135 7.72 4.28 -9.29
CA PHE A 136 9.70 6.64 -11.55
CA LYS A 137 11.71 6.84 -14.81
CA THR A 138 15.40 6.95 -15.83
CA GLU A 139 16.07 10.69 -15.77
CA ASN A 140 14.13 10.40 -12.62
CA ALA A 141 16.57 7.80 -11.38
CA GLN A 142 19.20 10.45 -10.88
CA LYS A 143 17.01 13.21 -9.51
CA ARG A 144 16.17 13.93 -5.89
CA LYS A 145 13.29 11.97 -4.43
CA SER A 146 11.08 13.44 -1.76
CA LEU A 147 8.07 12.83 0.44
CA TYR A 148 6.21 15.88 1.63
CA LYS A 149 3.02 16.87 3.41
CA GLN A 150 0.55 19.05 1.60
CA ILE A 151 -1.06 22.14 3.12
CA GLY A 152 0.26 25.62 3.49
CA LEU A 153 2.17 27.53 0.90
CA TYR A 154 4.62 24.76 0.34
CA PRO A 155 4.34 21.08 0.82
CA VAL A 156 6.74 20.39 3.66
CA LEU A 157 9.45 17.90 2.87
CA VAL A 158 9.46 15.23 5.55
CA ILE A 159 12.27 13.16 4.06
CA ASP A 160 14.44 13.48 0.97
CA SER A 161 16.96 11.37 -0.93
CA SER A 162 19.28 14.34 -0.50
CA GLY A 163 20.11 13.32 3.03
CA TYR A 164 17.51 15.54 4.63
CA VAL A 165 15.33 14.12 7.36
CA ASN A 166 12.71 16.11 9.26
CA PRO A 167 12.91 16.03 12.99
CA ASN A 168 9.45 14.60 13.24
CA TYR A 169 10.51 11.78 10.94
CA THR A 170 14.07 11.35 12.19
CA GLY A 171 14.42 7.74 13.29
CA ARG A 172 10.74 7.15 12.55
CA ILE A 173 11.04 6.85 8.80
CA ARG A 174 13.37 5.96 5.96
CA LEU A 175 13.38 6.69 2.24
CA ASP A 176 15.20 4.27 -0.02
CA ILE A 177 15.96 4.74 -3.67
CA GLN A 178 15.92 1.89 -6.12
CA GLY A 179 17.84 2.36 -9.30
CA THR A 180 16.31 3.13 -12.63
CA GLY A 181 15.66 -0.50 -13.32
CA GLN A 182 13.67 -0.84 -10.15
CA LEU A 183 12.43 2.71 -10.77
CA LEU A 184 11.10 2.80 -7.27
CA PHE A 185 11.77 4.51 -4.01
CA SER A 186 10.23 3.47 -0.77
CA VAL A 187 9.21 5.51 2.21
CA VAL A 188 8.92 3.50 5.38
CA ILE A 189 7.08 5.15 8.24
CA ASN A 190 6.71 3.58 11.63
CA GLN A 191 4.80 4.29 14.80
CA LEU A 192 2.00 5.96 12.92
CA ARG A 193 0.08 8.43 15.03
CA LEU A 194 -3.17 10.29 14.59
CA SER A 195 -1.19 13.29 13.41
CA ASP A 196 0.01 11.23 10.46
CA ALA A 197 -3.31 11.18 8.66
CA GLY A 198 -3.28 13.71 5.88
CA GLN A 199 -2.29 14.29 2.28
CA TYR A 200 1.26 13.83 1.10
CA LEU A 201 3.06 13.60 -2.19
CA CYS A 202 6.03 11.63 -3.41
CA GLN A 203 7.97 13.15 -6.22
CA ALA A 204 11.23 13.83 -7.95
CA GLY A 205 13.19 17.03 -8.27
CA ASP A 206 11.99 20.12 -6.48
CA ASP A 207 8.65 20.18 -4.73
CA SER A 208 7.37 23.12 -6.73
CA ASN A 209 7.55 21.09 -9.85
CA SER A 210 4.47 19.01 -10.42
CA ASN A 211 6.41 15.84 -10.89
CA LYS A 212 4.81 13.90 -8.10
CA LYS A 213 1.79 11.92 -7.10
CA ASN A 214 -0.61 12.70 -4.32
CA ALA A 215 -1.11 10.10 -1.66
CA ASP A 216 -3.71 10.22 1.05
CA LEU A 217 -2.72 8.58 4.28
CA GLN A 218 -5.46 7.59 6.62
CA VAL A 219 -4.46 6.57 10.10
CA LEU A 220 -4.31 5.87 13.79
CA LYS A 221 -7.91 5.07 15.58
CA PRO A 222 -7.49 1.49 16.64
CA GLU A 223 -10.00 -0.07 18.98
CA PRO A 224 -11.66 -3.32 19.73
CA GLU A 225 -13.84 -4.12 16.79
CA LEU A 226 -16.14 -6.18 18.90
CA VAL A 227 -16.49 -6.49 22.62
CA TYR A 228 -18.64 -9.14 24.21
CA GLU A 229 -19.37 -9.53 27.87
CA ASP A 230 -21.90 -10.98 30.24
CA LEU A 231 -24.55 -9.09 32.13
CA ARG A 232 -23.53 -7.51 35.40
CA GLY A 233 -19.95 -7.65 34.27
CA SER A 234 -17.62 -4.72 33.98
CA VAL A 235 -15.97 -3.95 30.69
CA THR A 236 -13.23 -1.69 29.52
CA PHE A 237 -12.61 -0.41 26.04
CA HIS A 238 -9.21 0.76 24.96
CA CYS A 239 -8.85 3.13 22.04
CA ALA A 240 -5.57 4.35 20.51
CA LEU A 241 -4.63 7.61 18.77
CA GLY A 242 -1.87 10.03 17.49
CA PRO A 243 -0.33 13.36 18.41
CA GLU A 244 -2.94 15.98 17.67
CA VAL A 245 -5.06 13.52 19.47
CA ALA A 246 -3.16 13.65 22.73
CA ASN A 247 -4.60 17.04 23.68
CA VAL A 248 -7.88 16.69 21.80
CA ALA A 249 -11.09 15.82 23.63
CA LYS A 250 -11.84 12.12 23.85
CA PHE A 251 -15.34 10.84 23.75
CA LEU A 252 -17.38 7.69 23.85
CA CYS A 253 -20.75 7.83 22.20
CA ARG A 254 -23.60 5.52 21.38
CA GLN A 255 -24.68 5.39 17.79
CA SER A 256 -28.27 6.27 17.22
CA SER A 257 -30.59 6.49 14.29
CA GLY A 258 -29.71 9.34 12.01
CA GLU A 259 -26.26 10.76 11.87
CA ASN A 260 -25.94 11.55 15.53
CA CYS A 261 -24.05 9.82 18.26
CA ASP A 262 -24.81 10.86 21.79
CA VAL A 263 -21.81 11.29 23.96
CA VAL A 264 -22.02 9.04 26.96
CA VAL A 265 -18.87 10.46 28.51
CA ASN A 266 -16.02 12.76 27.54
CA THR A 267 -12.55 13.76 28.63
CA LEU A 268 -14.09 17.23 28.80
CA GLY A 269 -15.68 16.49 32.11
CA LYS A 270 -19.16 15.77 30.93
CA ARG A 271 -20.69 12.57 32.22
CA ALA A 272 -24.14 11.45 31.13
CA PRO A 273 -26.51 10.57 33.86
CA ALA A 274 -27.01 7.06 32.56
CA PHE A 275 -23.27 6.65 32.85
CA GLU A 276 -22.73 8.74 35.97
CA GLY A 277 -21.03 6.67 38.62
CA ARG A 278 -21.33 3.66 36.34
CA ILE A 279 -18.49 4.53 34.00
CA LEU A 280 -15.12 6.25 33.82
CA LEU A 281 -13.05 7.47 30.90
CA ASN A 282 -9.39 8.09 31.45
CA PRO A 283 -6.81 9.21 29.01
CA GLN A 284 -3.17 8.28 28.95
CA ASP A 285 -1.25 10.51 26.60
CA LYS A 286 1.99 8.62 26.83
CA ASP A 287 0.56 5.30 25.79
CA GLY A 288 -1.71 7.03 23.32
CA SER A 289 -4.79 5.41 24.66
CA PHE A 290 -7.82 6.22 26.68
CA SER A 291 -9.94 3.69 28.41
CA VAL A 292 -13.63 3.65 29.02
CA VAL A 293 -14.65 1.51 31.95
CA ILE A 294 -18.27 0.54 32.20
CA THR A 295 -19.78 -1.46 35.00
CA GLY A 296 -23.15 -3.01 35.66
CA LEU A 297 -23.44 -4.07 32.05
CA ARG A 298 -27.05 -4.57 31.07
CA LYS A 299 -28.85 -5.75 27.99
CA GLU A 300 -29.38 -2.09 27.26
CA ASP A 301 -25.64 -1.81 26.74
CA ALA A 302 -25.47 -3.98 23.64
CA GLY A 303 -25.21 -1.79 20.57
CA ARG A 304 -22.81 0.21 18.42
CA TYR A 305 -20.59 2.86 19.91
CA LEU A 306 -17.78 5.10 18.77
CA CYS A 307 -14.75 6.34 20.56
CA GLY A 308 -12.97 9.20 18.98
CA ALA A 309 -11.28 12.53 19.34
CA HIS A 310 -12.52 16.04 18.79
CA SER A 311 -16.15 16.52 17.94
CA ASP A 312 -18.32 13.56 17.05
CA GLY A 313 -19.47 13.83 13.47
CA GLN A 314 -15.89 14.67 12.65
CA LEU A 315 -15.82 10.94 12.13
CA GLN A 316 -12.36 10.83 13.53
CA GLU A 317 -13.38 7.80 15.48
CA GLY A 318 -13.56 4.03 15.52
CA SER A 319 -16.70 1.99 15.76
CA PRO A 320 -16.92 -0.51 18.51
CA ILE A 321 -19.62 -3.13 18.64
CA GLN A 322 -20.68 -4.19 22.08
CA ALA A 323 -22.71 -7.26 22.76
CA TRP A 324 -23.87 -8.48 26.11
CA GLN A 325 -27.72 -7.99 26.53
CA LEU A 326 -28.61 -4.35 25.47
CA PHE A 327 -26.74 -4.94 21.96
CA VAL A 328 -28.62 -2.58 19.71
CA ASN A 329 -27.65 0.68 17.83
CA GLU A 330 -29.33 2.13 14.64
CA GLU A 331 -27.29 4.03 11.71
CA SER A 332 -27.40 5.52 8.88
CA THR A 333 -31.11 4.44 9.30
CA ILE A 334 -32.31 6.19 12.56
CA PRO A 335 -35.08 6.46 10.87
CA ARG A 336 -34.36 10.22 11.03
CA SER A 337 -30.90 11.13 9.27
CA PRO A 338 -27.94 9.70 7.55
CA THR A 339 -26.07 7.39 9.87
CA VAL A 340 -22.82 8.06 8.08
CA VAL A 341 -21.82 10.72 5.65
CA LYS A 342 -18.60 10.69 3.73
CA GLY A 343 -17.08 13.56 1.84
CA VAL A 344 -13.70 14.60 0.73
CA ALA A 345 -11.51 17.61 1.41
CA GLY A 346 -12.77 21.00 0.25
CA SER A 347 -16.16 19.73 -0.92
CA SER A 348 -19.43 20.85 0.67
CA VAL A 349 -21.91 18.56 2.33
CA ALA A 350 -25.52 18.73 3.34
CA VAL A 351 -27.21 16.71 6.01
CA LEU A 352 -30.95 16.32 6.22
CA CYS A 353 -32.84 15.18 9.33
CA PRO A 354 -36.56 14.48 9.60
CA TYR A 355 -38.92 15.26 12.56
CA ASN A 356 -42.59 15.40 13.96
CA ARG A 357 -45.31 18.00 14.79
CA LYS A 358 -44.31 19.39 18.15
CA GLU A 359 -40.93 19.28 16.61
CA SER A 360 -41.91 21.67 13.84
CA LYS A 361 -41.88 24.51 16.35
CA SER A 362 -38.96 23.43 18.52
CA ILE A 363 -35.36 24.51 18.13
CA LYS A 364 -33.22 22.52 15.74
CA TYR A 365 -29.58 22.04 16.34
CA TRP A 366 -26.39 20.45 15.05
CA CYS A 367 -23.72 19.40 17.55
CA LEU A 368 -20.41 17.63 17.73
CA TRP A 369 -20.10 14.86 20.26
CA GLU A 370 -17.53 15.32 22.99
CA GLY A 371 -15.72 12.45 24.61
CA ALA A 372 -15.82 12.23 28.37
CA GLN A 373 -17.67 10.42 31.08
CA ASN A 374 -19.91 13.41 30.99
CA GLY A 375 -19.57 15.25 27.77
CA ARG A 376 -21.82 17.59 25.95
CA CYS A 377 -22.19 17.97 22.25
CA PRO A 378 -21.21 21.47 21.52
CA LEU A 379 -23.89 23.45 19.76
CA LEU A 380 -22.34 24.03 16.37
CA VAL A 381 -25.35 25.77 14.76
CA ASP A 382 -28.95 26.25 15.84
CA SER A 383 -32.31 27.31 14.40
CA GLU A 384 -32.30 29.98 17.07
CA GLY A 385 -29.87 32.17 15.23
CA TRP A 386 -26.76 30.94 16.96
CA VAL A 387 -23.76 29.94 14.92
CA LYS A 388 -20.42 28.82 16.29
CA ALA A 389 -17.30 30.71 15.37
CA GLN A 390 -15.82 27.79 13.53
CA TYR A 391 -18.98 27.41 11.47
CA GLU A 392 -19.86 31.09 11.02
CA GLY A 393 -20.09 31.75 7.31
CA ARG A 394 -19.01 28.20 6.56
CA LEU A 395 -22.30 26.49 7.34
CA SER A 396 -26.04 27.00 7.35
CA LEU A 397 -29.04 25.37 9.00
CA LEU A 398 -32.42 25.62 7.34
CA GLU A 399 -35.71 24.27 8.58
CA GLU A 400 -38.68 23.50 6.41
CA PRO A 401 -41.55 22.47 8.56
CA GLY A 402 -43.89 21.28 5.86
CA ASN A 403 -41.37 18.69 4.77
CA GLY A 404 -40.47 17.93 8.32
CA THR A 405 -36.82 18.39 7.65
CA PHE A 406 -34.00 20.76 8.35
CA THR A 407 -30.77 20.80 6.46
CA VAL A 408 -27.31 21.63 7.63
CA ILE A 409 -25.01 22.68 4.86
CA LEU A 410 -21.33 22.80 5.54
CA ASN A 411 -18.66 24.01 3.17
CA GLN A 412 -14.89 23.88 3.14
CA LEU A 413 -14.80 20.52 4.83
CA THR A 414 -11.45 20.04 6.47
CA SER A 415 -9.68 17.29 8.33
CA ARG A 416 -11.05 18.76 11.53
CA ASP A 417 -14.59 18.03 10.41
CA ALA A 418 -14.40 14.26 10.61
CA GLY A 419 -16.12 13.16 13.76
CA PHE A 420 -19.44 12.41 15.41
CA TYR A 421 -22.30 14.85 15.29
CA TRP A 422 -25.94 14.95 16.28
CA CYS A 423 -28.95 16.68 14.77
CA LEU A 424 -31.74 17.08 17.22
CA THR A 425 -34.72 19.09 18.40
CA ASN A 426 -35.05 21.11 21.62
CA GLY A 427 -32.32 20.85 24.22
CA ASP A 428 -29.16 18.90 23.50
CA THR A 429 -29.42 16.88 26.70
CA LEU A 430 -32.85 15.53 25.89
CA TRP A 431 -31.26 13.22 23.35
CA ARG A 432 -34.14 13.43 20.94
CA THR A 433 -31.53 13.47 18.21
CA THR A 434 -29.94 11.22 15.67
CA VAL A 435 -26.25 10.50 15.60
CA GLU A 436 -24.38 11.11 12.41
CA ILE A 437 -20.82 10.13 11.67
CA LYS A 438 -19.02 12.33 9.24
CA ILE A 439 -15.80 11.22 7.64
CA ILE A 440 -13.95 13.76 5.60
CA GLU A 441 -11.49 12.50 2.87
CA GLY A 442 -9.86 15.20 0.61
CA GLU A 443 -11.16 14.45 -2.98
CA PRO A 444 -14.00 14.66 -2.09
CA ASN A 445 -14.91 17.46 0.16
CA LEU A 446 -18.15 17.51 -2.19
CA LYS A 447 -21.65 16.21 -1.81
CA VAL A 448 -24.24 15.76 -4.50
CA PRO A 449 -27.01 13.53 -5.63
CA GLY A 450 -24.94 11.12 -7.60
CA ASN A 451 -28.14 9.85 -9.12
CA VAL A 452 -30.82 11.75 -10.92
CA THR A 453 -33.63 10.58 -13.15
CA ALA A 454 -35.72 12.60 -15.54
CA VAL A 455 -37.75 12.26 -18.68
CA LEU A 456 -36.82 13.76 -21.98
CA GLY A 457 -38.08 17.27 -22.46
CA GLU A 458 -38.02 17.98 -18.75
CA THR A 459 -35.80 20.32 -16.79
CA LEU A 460 -33.54 19.03 -14.06
CA LYS A 461 -31.65 20.66 -11.22
CA VAL A 462 -28.85 19.23 -9.13
CA PRO A 463 -27.31 20.69 -6.05
CA CYS A 464 -23.68 20.39 -4.94
CA HIS A 465 -22.06 21.30 -1.65
CA PHE A 466 -18.56 22.57 -0.92
CA PRO A 467 -16.41 24.61 1.41
CA CYS A 468 -15.82 28.38 1.70
CA LYS A 469 -12.41 28.47 0.05
CA PHE A 470 -14.19 26.73 -2.73
CA SER A 471 -16.65 29.58 -2.70
CA SER A 472 -14.18 31.60 -4.73
CA TYR A 473 -13.20 28.65 -6.94
CA GLU A 474 -14.73 28.12 -10.36
CA LYS A 475 -17.65 25.73 -10.24
CA TYR A 476 -18.21 23.34 -13.06
CA TRP A 477 -20.49 20.68 -14.44
CA CYS A 478 -18.85 18.17 -16.74
CA LYS A 479 -20.01 15.40 -18.99
CA TRP A 480 -18.53 11.94 -19.05
CA ASN A 481 -17.09 10.36 -22.17
CA ASN A 482 -15.26 13.51 -23.05
CA THR A 483 -11.59 14.23 -23.01
CA GLY A 484 -11.27 14.16 -19.30
CA CYS A 485 -14.64 15.53 -18.43
CA GLN A 486 -16.39 17.59 -21.02
CA ALA A 487 -16.88 21.00 -19.63
CA LEU A 488 -20.53 21.87 -19.73
CA PRO A 489 -21.56 24.94 -17.85
CA SER A 490 -19.12 26.54 -15.46
CA GLN A 491 -19.29 29.58 -13.26
CA ASP A 492 -20.40 31.04 -16.54
CA GLU A 493 -23.78 30.29 -18.19
CA GLY A 494 -25.28 28.21 -21.01
CA PRO A 495 -28.30 26.16 -22.04
CA SER A 496 -29.35 26.29 -18.49
CA LYS A 497 -28.18 27.83 -15.31
CA ALA A 498 -25.55 27.15 -12.73
CA PHE A 499 -26.01 29.21 -9.64
CA VAL A 500 -23.53 29.54 -6.88
CA ASN A 501 -24.25 30.63 -3.38
CA CYS A 502 -21.10 32.06 -1.95
CA ASP A 503 -19.69 31.89 1.53
CA GLU A 504 -23.06 32.44 3.09
CA ASN A 505 -24.47 29.26 1.66
CA SER A 506 -22.05 27.02 -0.02
CA ARG A 507 -24.00 25.33 -2.70
CA LEU A 508 -24.12 25.32 -6.46
CA VAL A 509 -27.25 24.48 -8.34
CA SER A 510 -27.20 23.37 -11.90
CA LEU A 511 -30.39 23.44 -13.79
CA THR A 512 -30.72 21.96 -17.23
CA LEU A 513 -33.56 22.62 -19.58
CA ASN A 514 -35.00 20.61 -22.40
CA LEU A 515 -33.33 17.37 -21.52
CA VAL A 516 -35.36 16.05 -24.37
CA THR A 517 -32.11 14.73 -25.64
CA ARG A 518 -30.98 11.19 -25.05
CA ALA A 519 -27.51 12.61 -25.10
CA ASP A 520 -28.08 14.11 -21.69
CA GLU A 521 -28.23 10.74 -20.01
CA GLY A 522 -24.78 9.76 -18.86
CA TRP A 523 -22.25 10.29 -16.11
CA TYR A 524 -21.39 13.78 -15.01
CA TRP A 525 -19.25 15.49 -12.44
CA CYS A 526 -19.78 18.56 -10.33
CA GLY A 527 -16.72 20.15 -8.84
CA VAL A 528 -14.61 23.18 -8.14
CA LYS A 529 -11.43 24.44 -9.72
CA GLN A 530 -10.07 22.73 -12.79
CA GLY A 531 -11.63 19.49 -13.96
CA HIS A 532 -8.28 17.72 -13.79
CA PHE A 533 -7.98 18.36 -10.06
CA TYR A 534 -10.79 15.84 -9.57
CA GLY A 535 -12.09 17.72 -6.59
CA GLU A 536 -15.59 16.80 -7.58
CA THR A 537 -18.49 14.44 -7.15
CA ALA A 538 -19.83 11.99 -9.66
CA ALA A 539 -23.46 12.12 -10.61
CA VAL A 540 -25.33 9.76 -12.84
CA TYR A 541 -28.18 11.13 -14.83
CA VAL A 542 -30.66 8.93 -16.55
CA ALA A 543 -32.95 10.48 -19.09
CA VAL A 544 -34.69 8.21 -17.78
CA GLU A 545 -33.31 5.87 -19.26
CA GLU A 546 -32.74 6.02 -23.09
CA ARG A 547 -33.85 2.53 -24.08
CA LYS A 548 -36.26 3.07 -26.93
CA ALA A 549 -35.80 0.93 -30.16
CA ALA A 550 -38.12 1.97 -33.32
CA GLY A 551 -37.08 -0.19 -36.25
CA SER A 552 -35.94 -1.23 -38.95
CA ARG A 553 -38.58 -2.72 -41.56
CA ASP A 554 -37.52 -2.86 -45.42
CA VAL A 555 -40.00 -1.40 -48.17
CA SER A 556 -39.65 -2.90 -51.54
CA LEU A 557 -36.24 -3.52 -53.41
CA ALA A 558 -35.79 -7.17 -54.46
CA LYS A 559 -34.77 -8.26 -58.09
CA ALA A 560 -30.97 -7.60 -59.01
CA ASP A 561 -29.76 -9.75 -62.12
CA ALA A 562 -26.90 -8.86 -64.48
CA ALA A 563 -26.39 -10.70 -67.93
CA PRO A 564 -22.49 -10.26 -68.82
CA ASP A 565 -21.86 -11.75 -72.44
CA GLU A 566 -21.87 -8.67 -74.88
CA LYS A 567 -18.20 -8.39 -76.46
CA VAL A 568 -15.49 -10.97 -77.37
CA LEU A 569 -11.79 -9.85 -78.50
CA ASP A 570 -9.01 -12.35 -79.77
CA SER A 571 -5.49 -12.19 -81.16
CA GLY A 572 -2.98 -14.17 -78.72
CA PHE A 573 -0.19 -16.89 -79.50
CA ARG A 574 1.74 -19.27 -77.01
CA GLU A 575 4.61 -21.56 -78.33
CA ILE A 576 7.47 -24.22 -76.97
CA GLU A 577 11.13 -24.20 -76.03
CA ASN A 578 13.36 -27.38 -76.80
CA LYS A 579 16.61 -27.06 -78.90
CA ALA A 580 19.63 -29.20 -79.51
CA ILE A 581 23.37 -28.64 -78.47
CA GLN A 582 26.02 -30.88 -80.17
CA ASP A 583 27.87 -31.29 -76.73
CA PRO A 584 29.11 -33.24 -74.50
CA ARG A 585 32.58 -34.30 -75.93
#